data_7SOJ
#
_entry.id   7SOJ
#
_cell.length_a   91.537
_cell.length_b   92.693
_cell.length_c   100.270
_cell.angle_alpha   90.000
_cell.angle_beta   93.754
_cell.angle_gamma   90.000
#
_symmetry.space_group_name_H-M   'P 1 21 1'
#
loop_
_entity.id
_entity.type
_entity.pdbx_description
1 polymer Lipoxygenase
2 non-polymer 'FE (III) ION'
3 water water
#
_entity_poly.entity_id   1
_entity_poly.type   'polypeptide(L)'
_entity_poly.pdbx_seq_one_letter_code
;MFSAGHKIKGTVVLMPKNELEVNPDGSAVDNLNAFLGRSVSLQLISATKADAHGKGKVGKDTFLEGINTSLPTLGAGESA
FNIHFEWDGSMGIPGAFYIKNYMQVEFFLKSLTLEAISNQGTIRFVCNSWVYNTKLYKSVRIFFANHTYVPSETPAPLVE
YREEELKSLRGNGTGERKEYDRIYDYDVYNDLGNPDKSEKLARPVLGGSSTFPYPRRGRTGRGPTVTDPNTEKQGEVFYV
PRDENLGHLKSKDALEIGTKSLSQIVQPAFESAFDLKSTPIEFHSFQDVHDLYEGGIKLPRDVISTIIPLPVIKELYRTD
GQHILKFPQPHVVQVSQSAWMTDEEFAREMIAGVNPCVIRGLEEFPPKSNLDPAIYGDQSSKITADSLDLDGYTMDEALG
SRRLFMLDYHDIFMPYVRQINQLNSAKTYATRTILFLREDGTLKPVAIELSLPHSAGDLSAAVSQVVLPAKEGVESTIWL
LAKAYVIVNDSCYHQLMSHWLNTHAAMEPFVIATHRHLSVLHPIYKLLTPHYRNNMNINALARQSLINANGIIETTFLPS
KYSVEMSSAVYKNWVFTDQALPADLIKRGVAIKDPSTPHGVRLLIEDYPYAADGLEIWAAIKTWVQEYVPLYYARDDDVK
NDSELQHWWKEAVEKGHGDLKDKPWWPKLQTLEDLVEVCLIIIWIASALHAAVNFGQYPYGGLIMNRPTASRRLLPEKGT
PEYEEMINNHEKAYLRTITSKLPTLISLSAIEILSTHASDEVYLGQRDNPHWTSDSKALQAFQKFGNKLKEIEEKLVRRN
NDPSLQGNRLGPVQLPYTLLYPSSEEGLTFRGIPNSISI
;
_entity_poly.pdbx_strand_id   A,B
#
loop_
_chem_comp.id
_chem_comp.type
_chem_comp.name
_chem_comp.formula
FE non-polymer 'FE (III) ION' 'Fe 3'
#
# COMPACT_ATOMS: atom_id res chain seq x y z
N HIS A 6 20.53 -34.88 -41.39
CA HIS A 6 19.65 -35.55 -42.34
C HIS A 6 18.33 -35.94 -41.66
N LYS A 7 18.37 -36.95 -40.80
CA LYS A 7 17.25 -37.29 -39.93
C LYS A 7 17.74 -37.38 -38.50
N ILE A 8 16.99 -36.79 -37.57
CA ILE A 8 17.34 -36.78 -36.15
C ILE A 8 16.41 -37.73 -35.42
N LYS A 9 16.99 -38.68 -34.70
N LYS A 9 16.97 -38.67 -34.68
CA LYS A 9 16.22 -39.58 -33.86
CA LYS A 9 16.18 -39.60 -33.88
C LYS A 9 15.89 -38.89 -32.55
C LYS A 9 15.91 -38.99 -32.51
N GLY A 10 14.62 -38.96 -32.13
CA GLY A 10 14.23 -38.44 -30.85
C GLY A 10 13.40 -39.46 -30.09
N THR A 11 13.37 -39.28 -28.77
CA THR A 11 12.54 -40.08 -27.88
C THR A 11 11.72 -39.14 -27.03
N VAL A 12 10.40 -39.32 -27.04
CA VAL A 12 9.46 -38.56 -26.22
C VAL A 12 9.01 -39.45 -25.08
N VAL A 13 9.15 -38.97 -23.85
CA VAL A 13 8.64 -39.66 -22.68
C VAL A 13 7.45 -38.85 -22.15
N LEU A 14 6.33 -39.53 -21.92
CA LEU A 14 5.14 -38.87 -21.39
C LEU A 14 4.40 -39.82 -20.47
N MET A 15 3.39 -39.28 -19.79
CA MET A 15 2.55 -40.03 -18.87
C MET A 15 1.10 -39.78 -19.26
N PRO A 16 0.33 -40.83 -19.58
CA PRO A 16 -1.10 -40.62 -19.83
C PRO A 16 -1.81 -40.14 -18.58
N LYS A 17 -2.96 -39.49 -18.79
CA LYS A 17 -3.66 -38.84 -17.69
C LYS A 17 -3.99 -39.82 -16.57
N ASN A 18 -4.47 -41.02 -16.92
CA ASN A 18 -4.97 -41.95 -15.92
C ASN A 18 -3.94 -42.30 -14.87
N GLU A 19 -2.65 -42.13 -15.16
CA GLU A 19 -1.61 -42.54 -14.23
C GLU A 19 -1.45 -41.60 -13.04
N LEU A 20 -1.84 -40.33 -13.18
CA LEU A 20 -1.58 -39.32 -12.17
C LEU A 20 -2.83 -38.83 -11.48
N GLU A 21 -3.96 -39.50 -11.68
CA GLU A 21 -5.20 -39.11 -11.04
C GLU A 21 -5.34 -39.79 -9.68
N VAL A 22 -6.34 -39.34 -8.92
CA VAL A 22 -6.58 -39.85 -7.57
C VAL A 22 -7.83 -40.73 -7.59
N ASN A 31 -5.44 -45.46 -23.49
CA ASN A 31 -4.95 -46.41 -24.47
C ASN A 31 -3.75 -45.87 -25.25
N LEU A 32 -2.67 -46.66 -25.28
CA LEU A 32 -1.38 -46.13 -25.72
C LEU A 32 -1.25 -46.03 -27.23
N ASN A 33 -1.96 -46.87 -27.99
CA ASN A 33 -1.88 -46.78 -29.44
C ASN A 33 -2.56 -45.53 -29.98
N ALA A 34 -3.44 -44.92 -29.19
N ALA A 34 -3.44 -44.92 -29.19
CA ALA A 34 -4.11 -43.69 -29.64
CA ALA A 34 -4.11 -43.69 -29.64
C ALA A 34 -3.15 -42.52 -29.77
C ALA A 34 -3.15 -42.52 -29.77
N PHE A 35 -1.95 -42.60 -29.20
CA PHE A 35 -0.97 -41.54 -29.33
C PHE A 35 -0.25 -41.56 -30.68
N LEU A 36 -0.37 -42.65 -31.43
CA LEU A 36 0.30 -42.79 -32.71
C LEU A 36 -0.56 -42.15 -33.79
N GLY A 37 -0.19 -42.35 -35.05
CA GLY A 37 -0.94 -41.72 -36.13
C GLY A 37 -0.65 -40.23 -36.18
N ARG A 38 -1.69 -39.44 -36.43
CA ARG A 38 -1.59 -37.98 -36.49
C ARG A 38 -2.13 -37.34 -35.22
N SER A 39 -1.87 -37.97 -34.07
CA SER A 39 -2.43 -37.52 -32.80
C SER A 39 -1.59 -36.44 -32.12
N VAL A 40 -0.26 -36.50 -32.25
CA VAL A 40 0.63 -35.59 -31.54
C VAL A 40 1.73 -35.13 -32.49
N SER A 41 1.79 -33.82 -32.73
CA SER A 41 2.78 -33.21 -33.60
C SER A 41 3.83 -32.45 -32.80
N LEU A 42 5.09 -32.63 -33.17
CA LEU A 42 6.21 -31.83 -32.68
C LEU A 42 6.85 -31.11 -33.86
N GLN A 43 7.26 -29.86 -33.63
CA GLN A 43 8.02 -29.10 -34.61
C GLN A 43 9.26 -28.55 -33.95
N LEU A 44 10.42 -28.85 -34.51
CA LEU A 44 11.66 -28.35 -33.94
C LEU A 44 11.89 -26.90 -34.35
N ILE A 45 12.55 -26.15 -33.47
CA ILE A 45 12.81 -24.73 -33.68
C ILE A 45 14.31 -24.49 -33.60
N SER A 46 14.86 -23.80 -34.59
N SER A 46 14.86 -23.79 -34.59
CA SER A 46 16.29 -23.60 -34.68
CA SER A 46 16.29 -23.59 -34.68
C SER A 46 16.78 -22.55 -33.70
C SER A 46 16.78 -22.54 -33.69
N ALA A 47 17.91 -22.81 -33.05
CA ALA A 47 18.57 -21.82 -32.22
C ALA A 47 19.58 -20.99 -32.99
N THR A 48 19.95 -21.39 -34.21
CA THR A 48 21.06 -20.77 -34.91
C THR A 48 20.72 -20.21 -36.29
N LYS A 49 19.61 -20.62 -36.90
CA LYS A 49 19.18 -20.06 -38.17
C LYS A 49 17.84 -19.37 -37.99
N ALA A 50 17.74 -18.13 -38.45
CA ALA A 50 16.55 -17.31 -38.28
C ALA A 50 15.89 -17.04 -39.62
N ASP A 51 14.58 -16.80 -39.57
CA ASP A 51 13.84 -16.35 -40.73
C ASP A 51 14.14 -14.86 -40.95
N ALA A 52 13.34 -14.21 -41.81
CA ALA A 52 13.60 -12.81 -42.13
C ALA A 52 13.35 -11.89 -40.95
N HIS A 53 12.43 -12.26 -40.05
CA HIS A 53 12.10 -11.45 -38.90
C HIS A 53 12.97 -11.77 -37.67
N GLY A 54 14.04 -12.54 -37.84
CA GLY A 54 14.95 -12.83 -36.76
C GLY A 54 14.56 -14.00 -35.86
N LYS A 55 13.42 -14.63 -36.11
CA LYS A 55 12.97 -15.76 -35.29
C LYS A 55 13.52 -17.09 -35.82
N GLY A 56 13.92 -17.95 -34.91
CA GLY A 56 14.32 -19.30 -35.24
C GLY A 56 13.39 -19.98 -36.24
N LYS A 57 13.98 -20.54 -37.30
CA LYS A 57 13.21 -21.29 -38.28
C LYS A 57 12.51 -22.46 -37.61
N VAL A 58 11.27 -22.72 -38.05
CA VAL A 58 10.42 -23.78 -37.52
C VAL A 58 10.37 -24.91 -38.55
N GLY A 59 10.52 -26.14 -38.08
CA GLY A 59 10.44 -27.30 -38.94
C GLY A 59 9.01 -27.75 -39.16
N LYS A 60 8.88 -28.90 -39.82
CA LYS A 60 7.58 -29.43 -40.21
C LYS A 60 6.94 -30.24 -39.10
N ASP A 61 5.60 -30.31 -39.12
CA ASP A 61 4.86 -31.14 -38.19
C ASP A 61 5.36 -32.58 -38.30
N THR A 62 5.76 -33.16 -37.17
CA THR A 62 6.32 -34.50 -37.11
C THR A 62 5.57 -35.27 -36.05
N PHE A 63 5.14 -36.48 -36.38
CA PHE A 63 4.23 -37.23 -35.53
C PHE A 63 4.95 -38.40 -34.86
N LEU A 64 4.42 -38.79 -33.71
CA LEU A 64 4.96 -39.95 -33.01
C LEU A 64 4.84 -41.19 -33.89
N GLU A 65 5.96 -41.91 -34.04
CA GLU A 65 6.00 -43.04 -34.96
C GLU A 65 5.62 -44.37 -34.32
N GLY A 66 6.13 -44.65 -33.13
CA GLY A 66 5.87 -45.94 -32.53
C GLY A 66 6.24 -45.94 -31.06
N ILE A 67 5.76 -46.99 -30.37
CA ILE A 67 6.09 -47.16 -28.97
C ILE A 67 7.53 -47.63 -28.86
N ASN A 68 8.16 -47.33 -27.73
CA ASN A 68 9.53 -47.74 -27.44
C ASN A 68 9.51 -48.42 -26.08
N THR A 69 9.31 -49.73 -26.07
CA THR A 69 9.36 -50.51 -24.84
C THR A 69 10.78 -50.90 -24.46
N SER A 70 11.71 -50.85 -25.41
CA SER A 70 13.10 -51.18 -25.18
C SER A 70 13.89 -50.05 -24.53
N LEU A 71 13.32 -49.37 -23.54
CA LEU A 71 14.02 -48.30 -22.83
C LEU A 71 14.04 -48.64 -21.35
N PRO A 72 15.21 -48.75 -20.72
CA PRO A 72 15.25 -49.22 -19.32
C PRO A 72 15.12 -48.11 -18.30
N THR A 73 15.44 -46.88 -18.71
CA THR A 73 15.42 -45.74 -17.79
C THR A 73 14.02 -45.32 -17.37
N LEU A 74 12.98 -45.88 -17.98
CA LEU A 74 11.62 -45.40 -17.72
C LEU A 74 11.23 -45.62 -16.27
N GLY A 75 10.42 -44.68 -15.76
CA GLY A 75 9.86 -44.78 -14.44
C GLY A 75 8.40 -45.22 -14.47
N ALA A 76 7.83 -45.33 -13.27
CA ALA A 76 6.45 -45.79 -13.14
C ALA A 76 5.51 -44.85 -13.88
N GLY A 77 4.59 -45.44 -14.64
CA GLY A 77 3.62 -44.67 -15.38
C GLY A 77 4.14 -44.00 -16.63
N GLU A 78 5.44 -44.12 -16.93
CA GLU A 78 6.01 -43.44 -18.09
C GLU A 78 6.00 -44.35 -19.31
N SER A 79 5.76 -43.74 -20.47
CA SER A 79 5.83 -44.41 -21.75
C SER A 79 6.72 -43.60 -22.69
N ALA A 80 7.43 -44.30 -23.56
CA ALA A 80 8.39 -43.68 -24.46
C ALA A 80 7.98 -43.94 -25.91
N PHE A 81 8.09 -42.91 -26.74
CA PHE A 81 7.72 -42.99 -28.14
C PHE A 81 8.91 -42.59 -29.01
N ASN A 82 9.06 -43.27 -30.14
CA ASN A 82 10.06 -42.91 -31.13
C ASN A 82 9.52 -41.81 -32.04
N ILE A 83 10.44 -40.97 -32.54
CA ILE A 83 10.10 -39.93 -33.50
C ILE A 83 11.37 -39.62 -34.29
N HIS A 84 11.19 -39.28 -35.57
CA HIS A 84 12.31 -38.92 -36.44
C HIS A 84 11.99 -37.62 -37.16
N PHE A 85 12.88 -36.64 -37.04
CA PHE A 85 12.71 -35.32 -37.63
C PHE A 85 13.55 -35.19 -38.89
N GLU A 86 12.92 -34.72 -39.98
CA GLU A 86 13.66 -34.26 -41.15
C GLU A 86 14.24 -32.88 -40.85
N TRP A 87 15.57 -32.75 -40.93
CA TRP A 87 16.23 -31.52 -40.52
C TRP A 87 17.47 -31.34 -41.40
N ASP A 88 17.35 -30.56 -42.47
CA ASP A 88 18.40 -30.49 -43.48
C ASP A 88 19.41 -29.40 -43.10
N GLY A 89 20.35 -29.12 -44.01
CA GLY A 89 21.47 -28.25 -43.71
C GLY A 89 21.09 -26.79 -43.53
N SER A 90 19.93 -26.38 -44.04
CA SER A 90 19.51 -25.00 -43.87
C SER A 90 18.95 -24.71 -42.49
N MET A 91 18.75 -25.71 -41.63
CA MET A 91 17.97 -25.51 -40.42
C MET A 91 18.79 -25.23 -39.17
N GLY A 92 20.08 -25.57 -39.16
CA GLY A 92 20.90 -25.25 -38.00
C GLY A 92 20.79 -26.27 -36.87
N ILE A 93 20.89 -25.77 -35.65
CA ILE A 93 20.86 -26.59 -34.44
C ILE A 93 19.55 -26.34 -33.72
N PRO A 94 18.80 -27.37 -33.35
CA PRO A 94 17.55 -27.14 -32.60
C PRO A 94 17.81 -26.70 -31.16
N GLY A 95 17.01 -25.72 -30.71
CA GLY A 95 17.04 -25.32 -29.31
C GLY A 95 15.70 -25.25 -28.59
N ALA A 96 14.63 -25.67 -29.25
CA ALA A 96 13.28 -25.51 -28.73
C ALA A 96 12.37 -26.37 -29.61
N PHE A 97 11.12 -26.53 -29.17
CA PHE A 97 10.14 -27.19 -30.04
C PHE A 97 8.73 -26.80 -29.65
N TYR A 98 7.83 -26.81 -30.64
CA TYR A 98 6.40 -26.72 -30.46
C TYR A 98 5.81 -28.11 -30.34
N ILE A 99 4.71 -28.23 -29.61
CA ILE A 99 3.96 -29.47 -29.56
C ILE A 99 2.48 -29.16 -29.60
N LYS A 100 1.74 -29.97 -30.36
CA LYS A 100 0.31 -29.83 -30.57
C LYS A 100 -0.31 -31.18 -30.28
N ASN A 101 -1.26 -31.21 -29.35
CA ASN A 101 -1.99 -32.42 -28.99
C ASN A 101 -3.35 -32.35 -29.65
N TYR A 102 -3.60 -33.24 -30.60
CA TYR A 102 -4.86 -33.32 -31.30
C TYR A 102 -5.85 -34.27 -30.64
N MET A 103 -5.43 -34.99 -29.61
CA MET A 103 -6.34 -35.83 -28.83
C MET A 103 -7.30 -34.96 -28.04
N GLN A 104 -8.36 -35.59 -27.54
CA GLN A 104 -9.30 -34.87 -26.69
C GLN A 104 -8.83 -34.81 -25.25
N VAL A 105 -7.94 -35.71 -24.84
N VAL A 105 -7.98 -35.74 -24.84
CA VAL A 105 -7.51 -35.84 -23.46
CA VAL A 105 -7.49 -35.83 -23.47
C VAL A 105 -6.08 -35.35 -23.32
C VAL A 105 -6.11 -35.21 -23.39
N GLU A 106 -5.82 -34.60 -22.25
CA GLU A 106 -4.50 -34.07 -21.96
C GLU A 106 -3.55 -35.20 -21.56
N PHE A 107 -2.26 -34.92 -21.69
CA PHE A 107 -1.22 -35.81 -21.18
C PHE A 107 -0.11 -34.98 -20.55
N PHE A 108 0.70 -35.65 -19.74
CA PHE A 108 1.81 -35.03 -19.02
C PHE A 108 3.10 -35.34 -19.78
N LEU A 109 3.70 -34.32 -20.38
CA LEU A 109 4.91 -34.49 -21.18
C LEU A 109 6.11 -34.39 -20.26
N LYS A 110 6.93 -35.44 -20.22
CA LYS A 110 8.12 -35.41 -19.38
C LYS A 110 9.30 -34.78 -20.11
N SER A 111 9.71 -35.38 -21.24
CA SER A 111 10.97 -34.99 -21.86
C SER A 111 10.96 -35.31 -23.34
N LEU A 112 11.87 -34.64 -24.05
CA LEU A 112 12.27 -34.98 -25.40
C LEU A 112 13.79 -35.04 -25.39
N THR A 113 14.33 -36.07 -26.04
CA THR A 113 15.77 -36.27 -26.16
C THR A 113 16.11 -36.49 -27.62
N LEU A 114 17.01 -35.65 -28.16
CA LEU A 114 17.49 -35.81 -29.53
C LEU A 114 18.87 -36.44 -29.51
N GLU A 115 19.03 -37.53 -30.25
CA GLU A 115 20.29 -38.25 -30.29
C GLU A 115 21.17 -37.70 -31.41
N ALA A 116 22.49 -37.82 -31.22
CA ALA A 116 23.47 -37.40 -32.20
C ALA A 116 24.60 -38.42 -32.22
N ILE A 117 25.58 -38.20 -33.09
CA ILE A 117 26.65 -39.18 -33.28
C ILE A 117 27.42 -39.40 -31.98
N SER A 118 27.61 -38.34 -31.20
CA SER A 118 28.32 -38.42 -29.92
C SER A 118 27.35 -38.17 -28.77
N ASN A 119 27.79 -38.56 -27.56
CA ASN A 119 27.00 -38.29 -26.37
C ASN A 119 27.00 -36.81 -26.00
N GLN A 120 28.01 -36.06 -26.43
CA GLN A 120 28.01 -34.61 -26.22
C GLN A 120 26.97 -33.92 -27.10
N GLY A 121 26.72 -34.46 -28.29
CA GLY A 121 25.76 -33.92 -29.22
C GLY A 121 24.32 -34.27 -28.93
N THR A 122 24.05 -34.89 -27.78
CA THR A 122 22.68 -35.15 -27.37
C THR A 122 22.06 -33.87 -26.82
N ILE A 123 20.81 -33.61 -27.21
CA ILE A 123 20.10 -32.42 -26.78
C ILE A 123 18.90 -32.86 -25.96
N ARG A 124 18.81 -32.35 -24.74
CA ARG A 124 17.77 -32.76 -23.80
C ARG A 124 16.80 -31.61 -23.57
N PHE A 125 15.52 -31.94 -23.53
CA PHE A 125 14.45 -31.01 -23.23
C PHE A 125 13.74 -31.58 -22.01
N VAL A 126 13.76 -30.84 -20.90
CA VAL A 126 13.06 -31.23 -19.68
C VAL A 126 11.79 -30.39 -19.62
N CYS A 127 10.63 -31.06 -19.68
CA CYS A 127 9.35 -30.38 -19.89
C CYS A 127 8.47 -30.39 -18.65
N ASN A 128 8.14 -31.57 -18.11
CA ASN A 128 7.22 -31.75 -17.00
C ASN A 128 6.03 -30.80 -17.03
N SER A 129 5.19 -30.95 -18.03
CA SER A 129 4.08 -30.04 -18.22
C SER A 129 2.91 -30.77 -18.84
N TRP A 130 1.71 -30.41 -18.39
CA TRP A 130 0.49 -30.94 -18.99
C TRP A 130 0.24 -30.26 -20.32
N VAL A 131 -0.12 -31.06 -21.32
CA VAL A 131 -0.40 -30.58 -22.65
C VAL A 131 -1.85 -30.95 -22.98
N TYR A 132 -2.72 -29.95 -23.02
CA TYR A 132 -4.12 -30.12 -23.36
C TYR A 132 -4.33 -30.04 -24.86
N ASN A 133 -5.55 -30.36 -25.29
CA ASN A 133 -5.88 -30.29 -26.71
C ASN A 133 -5.53 -28.93 -27.28
N THR A 134 -4.99 -28.95 -28.51
CA THR A 134 -4.45 -27.74 -29.13
C THR A 134 -5.48 -26.61 -29.21
N LYS A 135 -6.77 -26.94 -29.31
CA LYS A 135 -7.80 -25.91 -29.48
C LYS A 135 -8.04 -25.11 -28.21
N LEU A 136 -7.53 -25.56 -27.06
CA LEU A 136 -7.72 -24.81 -25.83
C LEU A 136 -6.66 -23.73 -25.61
N TYR A 137 -5.62 -23.68 -26.43
CA TYR A 137 -4.51 -22.76 -26.22
C TYR A 137 -4.54 -21.61 -27.23
N LYS A 138 -4.34 -20.40 -26.73
CA LYS A 138 -4.23 -19.24 -27.62
C LYS A 138 -2.90 -19.26 -28.39
N SER A 139 -1.85 -19.81 -27.77
CA SER A 139 -0.54 -19.94 -28.40
C SER A 139 -0.09 -21.39 -28.30
N VAL A 140 0.63 -21.85 -29.32
CA VAL A 140 1.13 -23.21 -29.30
C VAL A 140 2.14 -23.39 -28.17
N ARG A 141 2.05 -24.52 -27.47
CA ARG A 141 2.98 -24.80 -26.38
C ARG A 141 4.41 -24.89 -26.92
N ILE A 142 5.33 -24.19 -26.25
CA ILE A 142 6.75 -24.19 -26.64
C ILE A 142 7.58 -24.67 -25.46
N PHE A 143 8.65 -25.40 -25.77
CA PHE A 143 9.55 -25.97 -24.78
C PHE A 143 10.98 -25.74 -25.24
N PHE A 144 11.86 -25.44 -24.28
CA PHE A 144 13.24 -25.13 -24.58
C PHE A 144 14.18 -26.25 -24.13
N ALA A 145 15.32 -26.34 -24.81
CA ALA A 145 16.37 -27.24 -24.38
C ALA A 145 16.93 -26.78 -23.04
N ASN A 146 17.70 -27.65 -22.39
CA ASN A 146 18.07 -27.44 -20.99
C ASN A 146 19.31 -26.56 -20.82
N HIS A 147 19.72 -25.84 -21.87
CA HIS A 147 20.79 -24.86 -21.73
C HIS A 147 20.31 -23.65 -20.93
N THR A 148 21.20 -23.10 -20.10
CA THR A 148 20.88 -21.97 -19.23
C THR A 148 21.41 -20.69 -19.87
N TYR A 149 20.59 -19.65 -19.86
CA TYR A 149 20.99 -18.37 -20.42
C TYR A 149 20.43 -17.21 -19.61
N VAL A 150 21.29 -16.31 -19.15
CA VAL A 150 20.83 -14.99 -18.71
C VAL A 150 20.32 -14.32 -19.98
N PRO A 151 19.47 -13.29 -19.88
CA PRO A 151 18.86 -12.75 -21.11
C PRO A 151 19.85 -12.32 -22.18
N SER A 152 20.94 -11.65 -21.80
CA SER A 152 21.84 -11.12 -22.80
C SER A 152 22.64 -12.20 -23.51
N GLU A 153 22.63 -13.44 -23.01
CA GLU A 153 23.32 -14.55 -23.65
C GLU A 153 22.39 -15.45 -24.48
N THR A 154 21.11 -15.09 -24.57
CA THR A 154 20.15 -15.89 -25.32
C THR A 154 20.52 -15.88 -26.80
N PRO A 155 20.63 -17.04 -27.45
CA PRO A 155 20.85 -17.02 -28.90
C PRO A 155 19.82 -16.13 -29.57
N ALA A 156 20.30 -15.31 -30.49
CA ALA A 156 19.44 -14.31 -31.12
C ALA A 156 18.15 -14.88 -31.70
N PRO A 157 18.14 -16.05 -32.35
CA PRO A 157 16.89 -16.57 -32.91
C PRO A 157 15.87 -17.02 -31.88
N LEU A 158 16.26 -17.13 -30.61
CA LEU A 158 15.32 -17.56 -29.57
C LEU A 158 14.82 -16.40 -28.72
N VAL A 159 15.32 -15.18 -28.95
CA VAL A 159 15.04 -14.07 -28.05
C VAL A 159 13.53 -13.80 -27.99
N GLU A 160 12.90 -13.73 -29.16
CA GLU A 160 11.49 -13.35 -29.19
C GLU A 160 10.61 -14.46 -28.63
N TYR A 161 10.96 -15.72 -28.88
CA TYR A 161 10.23 -16.83 -28.29
C TYR A 161 10.27 -16.73 -26.76
N ARG A 162 11.45 -16.47 -26.22
CA ARG A 162 11.63 -16.33 -24.77
C ARG A 162 10.72 -15.28 -24.21
N GLU A 163 10.67 -14.10 -24.83
N GLU A 163 10.68 -14.09 -24.81
CA GLU A 163 9.88 -12.99 -24.31
CA GLU A 163 9.85 -13.03 -24.24
C GLU A 163 8.39 -13.25 -24.49
C GLU A 163 8.37 -13.29 -24.46
N GLU A 164 8.00 -13.89 -25.60
CA GLU A 164 6.58 -14.15 -25.85
C GLU A 164 6.00 -15.18 -24.89
N GLU A 165 6.79 -16.20 -24.53
CA GLU A 165 6.33 -17.17 -23.55
C GLU A 165 6.12 -16.51 -22.19
N LEU A 166 7.01 -15.61 -21.79
CA LEU A 166 6.81 -14.88 -20.55
C LEU A 166 5.53 -14.06 -20.59
N LYS A 167 5.27 -13.37 -21.72
CA LYS A 167 4.04 -12.59 -21.83
C LYS A 167 2.82 -13.50 -21.71
N SER A 168 2.90 -14.71 -22.26
CA SER A 168 1.78 -15.65 -22.18
C SER A 168 1.50 -16.04 -20.75
N LEU A 169 2.56 -16.18 -19.94
CA LEU A 169 2.40 -16.58 -18.55
C LEU A 169 1.81 -15.47 -17.69
N ARG A 170 1.98 -14.21 -18.10
CA ARG A 170 1.47 -13.09 -17.31
C ARG A 170 -0.02 -12.85 -17.54
N GLY A 171 -0.53 -13.15 -18.73
CA GLY A 171 -1.92 -12.82 -19.05
C GLY A 171 -2.12 -11.31 -19.07
N ASN A 172 -3.38 -10.89 -18.98
CA ASN A 172 -3.69 -9.46 -19.03
C ASN A 172 -4.40 -8.96 -17.78
N GLY A 173 -4.45 -9.76 -16.71
CA GLY A 173 -5.04 -9.31 -15.47
C GLY A 173 -6.54 -9.39 -15.40
N THR A 174 -7.18 -9.98 -16.40
CA THR A 174 -8.63 -10.13 -16.42
C THR A 174 -8.97 -11.57 -16.72
N GLY A 175 -10.24 -11.89 -16.52
CA GLY A 175 -10.77 -13.18 -16.94
C GLY A 175 -10.88 -14.17 -15.78
N GLU A 176 -11.85 -15.07 -15.91
CA GLU A 176 -11.93 -16.22 -15.03
C GLU A 176 -10.92 -17.25 -15.51
N ARG A 177 -10.09 -17.73 -14.57
CA ARG A 177 -9.06 -18.71 -14.89
C ARG A 177 -9.68 -20.09 -14.96
N LYS A 178 -9.29 -20.84 -15.98
CA LYS A 178 -9.77 -22.20 -16.21
C LYS A 178 -8.65 -23.19 -15.93
N GLU A 179 -9.04 -24.46 -15.80
CA GLU A 179 -8.13 -25.52 -15.35
C GLU A 179 -6.82 -25.59 -16.15
N TYR A 180 -6.88 -25.39 -17.46
CA TYR A 180 -5.70 -25.58 -18.30
C TYR A 180 -4.91 -24.31 -18.51
N ASP A 181 -5.36 -23.19 -17.95
CA ASP A 181 -4.60 -21.95 -18.04
C ASP A 181 -3.27 -22.08 -17.29
N ARG A 182 -2.25 -21.43 -17.84
N ARG A 182 -2.26 -21.35 -17.80
CA ARG A 182 -0.94 -21.31 -17.22
CA ARG A 182 -0.93 -21.30 -17.19
C ARG A 182 -0.69 -19.83 -16.99
C ARG A 182 -0.58 -19.88 -16.75
N ILE A 183 -1.55 -19.16 -16.22
CA ILE A 183 -1.49 -17.70 -16.12
C ILE A 183 -1.27 -17.36 -14.64
N TYR A 184 -0.18 -16.66 -14.37
CA TYR A 184 0.21 -16.29 -13.01
C TYR A 184 -0.02 -14.79 -12.81
N ASP A 185 -0.74 -14.44 -11.74
CA ASP A 185 -1.02 -13.05 -11.40
C ASP A 185 -1.41 -12.98 -9.93
N TYR A 186 -1.58 -11.74 -9.44
CA TYR A 186 -1.78 -11.50 -8.02
C TYR A 186 -3.20 -11.04 -7.72
N ASP A 187 -3.69 -11.41 -6.53
CA ASP A 187 -4.92 -10.84 -6.02
C ASP A 187 -4.84 -10.80 -4.51
N VAL A 188 -5.76 -10.06 -3.89
CA VAL A 188 -5.79 -9.94 -2.43
C VAL A 188 -6.57 -11.11 -1.85
N TYR A 189 -6.50 -11.27 -0.52
CA TYR A 189 -7.23 -12.32 0.16
C TYR A 189 -8.64 -11.81 0.44
N ASN A 190 -9.45 -11.82 -0.62
CA ASN A 190 -10.85 -11.45 -0.57
C ASN A 190 -11.76 -12.64 -0.84
N ASP A 191 -11.22 -13.87 -0.73
CA ASP A 191 -11.94 -15.05 -1.15
C ASP A 191 -12.17 -16.01 0.01
N LEU A 192 -11.97 -15.56 1.25
CA LEU A 192 -12.14 -16.40 2.42
C LEU A 192 -13.54 -16.30 3.02
N GLY A 193 -14.19 -15.13 2.94
CA GLY A 193 -15.55 -15.02 3.43
C GLY A 193 -16.56 -15.64 2.48
N ASN A 194 -17.75 -15.92 3.01
CA ASN A 194 -18.86 -16.49 2.24
C ASN A 194 -20.15 -15.73 2.52
N PRO A 195 -20.17 -14.42 2.26
CA PRO A 195 -21.32 -13.61 2.67
C PRO A 195 -22.61 -13.93 1.93
N ASP A 196 -22.53 -14.42 0.69
CA ASP A 196 -23.74 -14.81 -0.02
C ASP A 196 -24.45 -15.95 0.70
N LYS A 197 -23.72 -16.78 1.43
CA LYS A 197 -24.38 -17.84 2.18
C LYS A 197 -24.96 -17.31 3.50
N SER A 198 -24.20 -16.47 4.21
CA SER A 198 -24.66 -15.91 5.47
C SER A 198 -23.83 -14.70 5.83
N GLU A 199 -24.51 -13.66 6.31
CA GLU A 199 -23.81 -12.45 6.74
C GLU A 199 -22.78 -12.73 7.83
N LYS A 200 -22.95 -13.80 8.61
CA LYS A 200 -21.98 -14.05 9.66
C LYS A 200 -20.67 -14.61 9.12
N LEU A 201 -20.63 -15.00 7.85
CA LEU A 201 -19.43 -15.53 7.20
C LEU A 201 -18.67 -14.45 6.43
N ALA A 202 -19.09 -13.19 6.55
N ALA A 202 -19.09 -13.19 6.55
CA ALA A 202 -18.32 -12.10 5.96
CA ALA A 202 -18.32 -12.10 5.96
C ALA A 202 -17.00 -11.94 6.69
C ALA A 202 -17.00 -11.95 6.70
N ARG A 203 -15.93 -11.73 5.94
CA ARG A 203 -14.61 -11.54 6.50
C ARG A 203 -13.97 -10.31 5.87
N PRO A 204 -13.09 -9.64 6.60
CA PRO A 204 -12.39 -8.49 6.01
C PRO A 204 -11.48 -8.93 4.86
N VAL A 205 -11.41 -8.08 3.84
CA VAL A 205 -10.41 -8.27 2.78
C VAL A 205 -9.04 -8.00 3.36
N LEU A 206 -8.13 -8.97 3.25
CA LEU A 206 -6.77 -8.82 3.74
C LEU A 206 -5.84 -8.51 2.58
N GLY A 207 -5.16 -7.37 2.66
CA GLY A 207 -4.27 -6.91 1.62
C GLY A 207 -4.83 -5.68 0.93
N GLY A 208 -3.92 -4.80 0.50
CA GLY A 208 -4.31 -3.66 -0.30
C GLY A 208 -4.78 -2.47 0.50
N SER A 209 -4.53 -2.47 1.81
CA SER A 209 -4.89 -1.37 2.69
C SER A 209 -3.84 -1.30 3.79
N SER A 210 -3.76 -0.14 4.44
CA SER A 210 -2.87 0.01 5.58
C SER A 210 -3.47 -0.58 6.85
N THR A 211 -4.80 -0.68 6.91
CA THR A 211 -5.45 -1.38 8.02
C THR A 211 -5.05 -2.85 8.04
N PHE A 212 -5.18 -3.52 6.90
CA PHE A 212 -4.98 -4.96 6.78
C PHE A 212 -3.99 -5.24 5.66
N PRO A 213 -2.71 -4.97 5.88
CA PRO A 213 -1.69 -5.36 4.90
C PRO A 213 -1.53 -6.87 4.90
N TYR A 214 -1.17 -7.40 3.74
CA TYR A 214 -1.06 -8.86 3.63
C TYR A 214 -0.35 -9.20 2.32
N PRO A 215 0.39 -10.30 2.26
CA PRO A 215 0.95 -10.72 0.97
C PRO A 215 -0.17 -11.09 0.02
N ARG A 216 0.11 -10.94 -1.26
CA ARG A 216 -0.85 -11.32 -2.28
C ARG A 216 -0.83 -12.83 -2.50
N ARG A 217 -1.89 -13.32 -3.13
CA ARG A 217 -2.01 -14.72 -3.50
C ARG A 217 -2.32 -14.81 -4.98
N GLY A 218 -2.40 -16.03 -5.50
CA GLY A 218 -2.57 -16.23 -6.92
C GLY A 218 -3.98 -15.89 -7.37
N ARG A 219 -4.08 -15.10 -8.43
CA ARG A 219 -5.37 -14.63 -8.91
C ARG A 219 -6.18 -15.77 -9.53
N THR A 220 -7.48 -15.80 -9.21
CA THR A 220 -8.40 -16.81 -9.71
C THR A 220 -9.50 -16.26 -10.61
N GLY A 221 -9.95 -15.02 -10.38
CA GLY A 221 -10.85 -14.34 -11.29
C GLY A 221 -12.27 -14.83 -11.37
N ARG A 222 -12.81 -15.43 -10.30
CA ARG A 222 -14.18 -15.92 -10.36
C ARG A 222 -15.22 -14.79 -10.28
N GLY A 223 -14.82 -13.61 -9.84
CA GLY A 223 -15.73 -12.49 -9.84
C GLY A 223 -16.46 -12.31 -8.53
N PRO A 224 -17.25 -11.26 -8.44
CA PRO A 224 -17.80 -10.84 -7.14
C PRO A 224 -19.01 -11.64 -6.69
N THR A 225 -19.15 -11.69 -5.35
CA THR A 225 -20.39 -12.17 -4.75
C THR A 225 -21.53 -11.19 -5.03
N VAL A 226 -22.74 -11.64 -4.78
N VAL A 226 -22.76 -11.64 -4.77
CA VAL A 226 -23.91 -10.79 -4.98
CA VAL A 226 -23.90 -10.76 -5.00
C VAL A 226 -23.99 -9.72 -3.90
C VAL A 226 -24.00 -9.72 -3.90
N THR A 227 -23.70 -10.09 -2.65
CA THR A 227 -23.90 -9.20 -1.53
C THR A 227 -22.72 -8.27 -1.27
N ASP A 228 -21.53 -8.62 -1.71
CA ASP A 228 -20.36 -7.79 -1.45
C ASP A 228 -19.47 -7.77 -2.69
N PRO A 229 -19.38 -6.62 -3.39
CA PRO A 229 -18.57 -6.59 -4.62
C PRO A 229 -17.08 -6.76 -4.39
N ASN A 230 -16.62 -6.56 -3.16
CA ASN A 230 -15.22 -6.69 -2.77
C ASN A 230 -14.81 -8.12 -2.47
N THR A 231 -15.75 -9.05 -2.35
CA THR A 231 -15.46 -10.43 -1.97
C THR A 231 -15.66 -11.32 -3.19
N GLU A 232 -14.77 -12.30 -3.36
CA GLU A 232 -14.81 -13.18 -4.52
C GLU A 232 -15.77 -14.34 -4.24
N LYS A 233 -16.60 -14.65 -5.23
CA LYS A 233 -17.59 -15.70 -5.05
C LYS A 233 -16.90 -17.05 -4.91
N GLN A 234 -17.63 -18.00 -4.32
CA GLN A 234 -17.12 -19.34 -4.10
C GLN A 234 -17.04 -20.12 -5.40
N GLY A 235 -16.19 -21.15 -5.40
CA GLY A 235 -16.13 -22.10 -6.50
C GLY A 235 -15.78 -23.47 -5.95
N GLU A 236 -16.14 -24.49 -6.73
N GLU A 236 -16.13 -24.49 -6.72
CA GLU A 236 -15.85 -25.86 -6.32
CA GLU A 236 -15.83 -25.85 -6.26
C GLU A 236 -14.36 -26.16 -6.40
C GLU A 236 -14.34 -26.15 -6.38
N VAL A 237 -13.64 -25.52 -7.32
CA VAL A 237 -12.21 -25.70 -7.49
C VAL A 237 -11.56 -24.32 -7.50
N PHE A 238 -10.58 -24.13 -6.63
CA PHE A 238 -9.77 -22.92 -6.62
C PHE A 238 -8.63 -23.12 -7.62
N TYR A 239 -8.64 -22.35 -8.70
CA TYR A 239 -7.63 -22.48 -9.74
C TYR A 239 -6.23 -22.26 -9.20
N VAL A 240 -5.29 -23.09 -9.65
CA VAL A 240 -3.88 -22.72 -9.67
C VAL A 240 -3.40 -22.94 -11.11
N PRO A 241 -2.38 -22.21 -11.58
CA PRO A 241 -1.82 -22.51 -12.91
C PRO A 241 -1.55 -24.01 -13.06
N ARG A 242 -1.87 -24.55 -14.24
CA ARG A 242 -2.03 -25.99 -14.37
C ARG A 242 -0.81 -26.77 -13.87
N ASP A 243 0.40 -26.33 -14.19
CA ASP A 243 1.53 -27.18 -13.80
C ASP A 243 1.85 -27.08 -12.32
N GLU A 244 1.22 -26.18 -11.59
CA GLU A 244 1.34 -26.12 -10.13
C GLU A 244 0.50 -27.20 -9.45
N ASN A 245 -0.48 -27.74 -10.17
N ASN A 245 -0.18 -28.05 -10.21
CA ASN A 245 -1.50 -28.63 -9.60
CA ASN A 245 -0.82 -29.24 -9.67
C ASN A 245 -0.98 -30.04 -9.78
C ASN A 245 -0.33 -30.43 -10.51
N LEU A 246 -0.25 -30.49 -8.77
N LEU A 246 0.81 -31.03 -10.12
CA LEU A 246 0.59 -31.66 -8.91
CA LEU A 246 1.44 -32.03 -10.97
C LEU A 246 -0.25 -32.93 -8.92
C LEU A 246 0.76 -33.40 -10.89
N GLY A 247 -0.03 -33.76 -9.91
N GLY A 247 0.00 -33.66 -9.84
CA GLY A 247 -0.54 -35.10 -9.86
CA GLY A 247 -0.61 -34.98 -9.65
C GLY A 247 0.34 -36.00 -9.02
C GLY A 247 0.28 -35.92 -8.86
N HIS A 248 -0.26 -37.10 -8.60
CA HIS A 248 0.46 -38.12 -7.85
C HIS A 248 0.21 -39.51 -8.43
N LEU A 249 1.26 -40.32 -8.48
CA LEU A 249 1.10 -41.69 -8.94
C LEU A 249 0.18 -42.47 -8.02
N LYS A 250 0.31 -42.24 -6.71
CA LYS A 250 -0.45 -42.94 -5.68
C LYS A 250 -1.39 -41.97 -4.98
N SER A 251 -2.67 -42.35 -4.90
CA SER A 251 -3.66 -41.45 -4.33
C SER A 251 -3.38 -41.11 -2.87
N LYS A 252 -2.68 -41.99 -2.15
CA LYS A 252 -2.38 -41.69 -0.75
C LYS A 252 -1.39 -40.53 -0.62
N ASP A 253 -0.70 -40.18 -1.71
CA ASP A 253 0.25 -39.09 -1.69
C ASP A 253 -0.40 -37.73 -1.98
N ALA A 254 -1.70 -37.71 -2.30
CA ALA A 254 -2.42 -36.45 -2.51
C ALA A 254 -2.89 -35.86 -1.17
N LEU A 255 -1.92 -35.68 -0.27
CA LEU A 255 -2.24 -35.19 1.07
C LEU A 255 -2.98 -33.87 1.04
N GLU A 256 -2.66 -33.01 0.07
CA GLU A 256 -3.26 -31.68 0.03
C GLU A 256 -4.78 -31.73 -0.10
N ILE A 257 -5.33 -32.79 -0.70
CA ILE A 257 -6.79 -32.85 -0.81
C ILE A 257 -7.44 -33.37 0.47
N GLY A 258 -6.66 -33.94 1.39
CA GLY A 258 -7.22 -34.43 2.63
C GLY A 258 -7.87 -33.34 3.48
N THR A 259 -7.33 -32.13 3.43
CA THR A 259 -7.94 -31.05 4.20
C THR A 259 -9.32 -30.70 3.67
N LYS A 260 -9.52 -30.82 2.36
CA LYS A 260 -10.82 -30.55 1.76
C LYS A 260 -11.85 -31.57 2.21
N SER A 261 -11.47 -32.85 2.19
CA SER A 261 -12.36 -33.91 2.65
C SER A 261 -12.65 -33.81 4.13
N LEU A 262 -11.63 -33.47 4.92
CA LEU A 262 -11.82 -33.32 6.35
C LEU A 262 -12.90 -32.27 6.62
N SER A 263 -12.85 -31.14 5.92
CA SER A 263 -13.81 -30.08 6.21
C SER A 263 -15.19 -30.37 5.62
N GLN A 264 -15.26 -30.89 4.41
N GLN A 264 -15.21 -30.86 4.38
CA GLN A 264 -16.55 -31.01 3.76
CA GLN A 264 -16.46 -31.08 3.65
C GLN A 264 -17.26 -32.31 4.04
C GLN A 264 -17.24 -32.27 4.21
N ILE A 265 -16.55 -33.38 4.44
CA ILE A 265 -17.17 -34.68 4.65
C ILE A 265 -16.99 -35.16 6.08
N VAL A 266 -15.75 -35.16 6.57
CA VAL A 266 -15.47 -35.80 7.85
C VAL A 266 -16.01 -34.97 9.01
N GLN A 267 -15.79 -33.67 8.99
CA GLN A 267 -16.22 -32.83 10.11
C GLN A 267 -17.72 -32.89 10.31
N PRO A 268 -18.56 -32.75 9.28
CA PRO A 268 -20.02 -32.92 9.50
C PRO A 268 -20.38 -34.29 10.06
N ALA A 269 -19.64 -35.33 9.71
CA ALA A 269 -19.92 -36.67 10.25
C ALA A 269 -19.60 -36.73 11.74
N PHE A 270 -18.41 -36.28 12.14
CA PHE A 270 -18.10 -36.17 13.56
C PHE A 270 -19.18 -35.35 14.27
N GLU A 271 -19.53 -34.20 13.69
CA GLU A 271 -20.50 -33.32 14.34
C GLU A 271 -21.82 -34.03 14.55
N SER A 272 -22.23 -34.87 13.60
CA SER A 272 -23.49 -35.60 13.76
C SER A 272 -23.43 -36.52 14.98
N ALA A 273 -22.29 -37.18 15.19
CA ALA A 273 -22.17 -38.11 16.31
C ALA A 273 -22.35 -37.41 17.65
N PHE A 274 -21.88 -36.15 17.75
CA PHE A 274 -22.06 -35.41 19.00
C PHE A 274 -23.47 -34.86 19.12
N ASP A 275 -24.08 -34.44 18.00
CA ASP A 275 -25.46 -33.98 18.04
C ASP A 275 -26.39 -35.08 18.55
N LEU A 276 -26.18 -36.31 18.09
CA LEU A 276 -27.01 -37.45 18.47
C LEU A 276 -26.63 -38.04 19.83
N LYS A 277 -25.64 -37.44 20.52
CA LYS A 277 -25.20 -37.93 21.83
C LYS A 277 -24.79 -39.39 21.77
N SER A 278 -24.18 -39.79 20.66
CA SER A 278 -23.65 -41.14 20.50
C SER A 278 -22.34 -41.34 21.26
N THR A 279 -21.63 -40.26 21.59
CA THR A 279 -20.37 -40.30 22.31
C THR A 279 -20.40 -39.17 23.34
N PRO A 280 -19.68 -39.33 24.46
CA PRO A 280 -19.61 -38.23 25.44
C PRO A 280 -19.14 -36.93 24.79
N ILE A 281 -19.78 -35.82 25.17
CA ILE A 281 -19.50 -34.53 24.55
C ILE A 281 -18.14 -33.99 24.99
N GLU A 282 -17.68 -34.36 26.18
CA GLU A 282 -16.45 -33.85 26.75
C GLU A 282 -15.54 -34.98 27.22
N PHE A 283 -14.23 -34.74 27.13
CA PHE A 283 -13.29 -35.56 27.88
C PHE A 283 -13.50 -35.33 29.38
N HIS A 284 -13.44 -36.41 30.16
CA HIS A 284 -13.60 -36.31 31.61
C HIS A 284 -12.32 -36.53 32.39
N SER A 285 -11.35 -37.23 31.80
CA SER A 285 -10.07 -37.52 32.44
C SER A 285 -9.00 -37.51 31.36
N PHE A 286 -7.74 -37.44 31.80
CA PHE A 286 -6.64 -37.56 30.85
C PHE A 286 -6.67 -38.91 30.14
N GLN A 287 -7.18 -39.95 30.81
CA GLN A 287 -7.21 -41.27 30.18
C GLN A 287 -8.12 -41.27 28.96
N ASP A 288 -9.23 -40.52 29.02
CA ASP A 288 -10.11 -40.42 27.85
C ASP A 288 -9.38 -39.88 26.64
N VAL A 289 -8.35 -39.06 26.86
CA VAL A 289 -7.56 -38.56 25.74
C VAL A 289 -6.54 -39.60 25.29
N HIS A 290 -5.86 -40.24 26.24
CA HIS A 290 -4.90 -41.27 25.84
C HIS A 290 -5.59 -42.41 25.10
N ASP A 291 -6.86 -42.67 25.43
CA ASP A 291 -7.62 -43.73 24.76
C ASP A 291 -7.62 -43.56 23.25
N LEU A 292 -7.55 -42.33 22.75
CA LEU A 292 -7.69 -42.09 21.32
C LEU A 292 -6.65 -42.87 20.51
N TYR A 293 -5.47 -43.11 21.07
CA TYR A 293 -4.43 -43.87 20.38
C TYR A 293 -4.15 -45.22 21.04
N GLU A 294 -5.02 -45.67 21.95
CA GLU A 294 -4.87 -46.99 22.55
C GLU A 294 -6.03 -47.84 22.07
N GLY A 295 -7.18 -47.85 22.74
CA GLY A 295 -8.30 -48.61 22.23
C GLY A 295 -9.15 -47.89 21.20
N GLY A 296 -8.89 -46.61 20.98
CA GLY A 296 -9.63 -45.84 20.01
C GLY A 296 -10.88 -45.21 20.59
N ILE A 297 -11.55 -44.44 19.73
CA ILE A 297 -12.83 -43.85 20.05
C ILE A 297 -13.90 -44.63 19.28
N LYS A 298 -15.01 -44.93 19.95
CA LYS A 298 -16.12 -45.66 19.36
C LYS A 298 -17.16 -44.67 18.82
N LEU A 299 -17.53 -44.87 17.56
CA LEU A 299 -18.45 -43.99 16.85
C LEU A 299 -19.49 -44.83 16.13
N PRO A 300 -20.65 -44.25 15.80
CA PRO A 300 -21.67 -45.00 15.07
C PRO A 300 -21.13 -45.56 13.75
N ARG A 301 -21.78 -46.63 13.28
CA ARG A 301 -21.32 -47.32 12.09
C ARG A 301 -21.45 -46.45 10.84
N ASP A 302 -22.52 -45.66 10.75
CA ASP A 302 -22.72 -44.84 9.56
C ASP A 302 -21.72 -43.69 9.51
N VAL A 303 -21.20 -43.25 10.65
CA VAL A 303 -20.09 -42.29 10.65
C VAL A 303 -18.81 -42.95 10.15
N ILE A 304 -18.49 -44.14 10.67
CA ILE A 304 -17.30 -44.85 10.22
C ILE A 304 -17.39 -45.12 8.72
N SER A 305 -18.54 -45.57 8.25
CA SER A 305 -18.72 -45.94 6.85
C SER A 305 -18.71 -44.73 5.92
N THR A 306 -18.84 -43.52 6.47
CA THR A 306 -18.68 -42.31 5.69
C THR A 306 -17.20 -41.92 5.57
N ILE A 307 -16.38 -42.29 6.55
CA ILE A 307 -15.00 -41.83 6.65
C ILE A 307 -14.03 -42.75 5.92
N ILE A 308 -14.11 -44.05 6.19
CA ILE A 308 -13.04 -44.97 5.81
C ILE A 308 -12.96 -45.31 4.33
N PRO A 309 -13.93 -44.97 3.48
CA PRO A 309 -13.71 -45.13 2.03
C PRO A 309 -13.01 -43.96 1.35
N LEU A 310 -12.71 -42.90 2.08
CA LEU A 310 -12.16 -41.69 1.48
C LEU A 310 -10.65 -41.82 1.30
N PRO A 311 -10.10 -41.52 0.12
CA PRO A 311 -8.64 -41.53 -0.04
C PRO A 311 -8.00 -40.54 0.91
N VAL A 312 -6.78 -40.87 1.34
CA VAL A 312 -5.98 -40.02 2.24
C VAL A 312 -6.56 -40.10 3.65
N ILE A 313 -7.83 -39.68 3.81
CA ILE A 313 -8.47 -39.74 5.13
C ILE A 313 -8.35 -41.13 5.73
N LYS A 314 -8.54 -42.17 4.92
CA LYS A 314 -8.55 -43.53 5.44
C LYS A 314 -7.18 -43.94 5.97
N GLU A 315 -6.12 -43.23 5.60
CA GLU A 315 -4.79 -43.58 6.10
C GLU A 315 -4.49 -43.00 7.48
N LEU A 316 -5.35 -42.11 7.97
CA LEU A 316 -5.06 -41.40 9.22
C LEU A 316 -5.36 -42.23 10.45
N TYR A 317 -6.18 -43.27 10.31
CA TYR A 317 -6.68 -44.02 11.45
C TYR A 317 -6.60 -45.51 11.17
N ARG A 318 -6.45 -46.29 12.24
CA ARG A 318 -6.75 -47.72 12.22
C ARG A 318 -8.19 -47.91 12.65
N THR A 319 -8.88 -48.83 11.98
CA THR A 319 -10.30 -49.06 12.22
C THR A 319 -10.57 -50.56 12.19
N ASP A 320 -11.61 -50.97 12.94
CA ASP A 320 -12.17 -52.30 12.81
C ASP A 320 -13.26 -52.37 11.75
N GLY A 321 -13.55 -51.26 11.07
CA GLY A 321 -14.59 -51.22 10.06
C GLY A 321 -16.01 -51.05 10.56
N GLN A 322 -16.22 -51.11 11.88
CA GLN A 322 -17.56 -51.06 12.46
C GLN A 322 -17.76 -49.89 13.41
N HIS A 323 -16.89 -49.75 14.42
CA HIS A 323 -17.07 -48.76 15.49
C HIS A 323 -15.81 -48.00 15.88
N ILE A 324 -14.62 -48.49 15.56
CA ILE A 324 -13.36 -47.98 16.12
C ILE A 324 -12.70 -47.03 15.14
N LEU A 325 -12.24 -45.88 15.64
CA LEU A 325 -11.19 -45.10 15.00
C LEU A 325 -10.05 -44.95 16.00
N LYS A 326 -8.83 -45.29 15.58
CA LYS A 326 -7.66 -45.27 16.45
C LYS A 326 -6.63 -44.32 15.84
N PHE A 327 -6.20 -43.31 16.62
CA PHE A 327 -5.17 -42.39 16.14
C PHE A 327 -3.78 -42.96 16.42
N PRO A 328 -2.76 -42.57 15.65
CA PRO A 328 -1.39 -43.03 15.94
C PRO A 328 -0.84 -42.39 17.21
N GLN A 329 0.05 -43.12 17.86
CA GLN A 329 0.60 -42.65 19.13
C GLN A 329 1.58 -41.50 18.92
N PRO A 330 1.33 -40.31 19.47
CA PRO A 330 2.26 -39.20 19.25
C PRO A 330 3.64 -39.48 19.83
N HIS A 331 4.67 -38.99 19.12
CA HIS A 331 6.04 -39.20 19.59
C HIS A 331 6.24 -38.72 21.02
N VAL A 332 5.57 -37.63 21.41
CA VAL A 332 5.86 -36.99 22.69
C VAL A 332 5.45 -37.86 23.87
N VAL A 333 4.58 -38.85 23.68
CA VAL A 333 4.20 -39.77 24.74
C VAL A 333 4.76 -41.17 24.52
N GLN A 334 5.69 -41.33 23.57
CA GLN A 334 6.12 -42.67 23.21
C GLN A 334 6.96 -43.33 24.30
N VAL A 335 7.61 -42.54 25.14
CA VAL A 335 8.46 -43.06 26.20
C VAL A 335 7.88 -42.77 27.57
N SER A 336 7.29 -41.60 27.75
CA SER A 336 6.72 -41.21 29.03
C SER A 336 5.39 -40.53 28.76
N GLN A 337 4.33 -41.06 29.37
CA GLN A 337 2.99 -40.52 29.17
C GLN A 337 2.79 -39.20 29.89
N SER A 338 3.64 -38.87 30.87
CA SER A 338 3.41 -37.71 31.70
C SER A 338 4.51 -36.65 31.63
N ALA A 339 5.62 -36.93 30.95
CA ALA A 339 6.72 -35.97 30.92
C ALA A 339 6.32 -34.62 30.35
N TRP A 340 5.26 -34.56 29.55
CA TRP A 340 4.81 -33.27 29.01
C TRP A 340 4.42 -32.30 30.11
N MET A 341 3.97 -32.81 31.26
CA MET A 341 3.52 -31.93 32.35
C MET A 341 4.66 -31.24 33.08
N THR A 342 5.90 -31.64 32.85
CA THR A 342 7.00 -31.10 33.62
C THR A 342 7.36 -29.70 33.15
N ASP A 343 7.84 -28.89 34.10
CA ASP A 343 8.34 -27.57 33.75
C ASP A 343 9.50 -27.67 32.75
N GLU A 344 10.34 -28.70 32.90
CA GLU A 344 11.49 -28.85 32.02
C GLU A 344 11.06 -29.02 30.56
N GLU A 345 10.04 -29.83 30.30
CA GLU A 345 9.62 -30.04 28.92
C GLU A 345 8.91 -28.81 28.37
N PHE A 346 8.08 -28.16 29.19
CA PHE A 346 7.44 -26.90 28.81
C PHE A 346 8.47 -25.90 28.31
N ALA A 347 9.54 -25.70 29.09
CA ALA A 347 10.60 -24.79 28.67
C ALA A 347 11.35 -25.33 27.46
N ARG A 348 11.65 -26.63 27.44
CA ARG A 348 12.50 -27.18 26.40
C ARG A 348 11.87 -27.05 25.03
N GLU A 349 10.55 -27.18 24.94
CA GLU A 349 9.87 -27.12 23.65
C GLU A 349 9.89 -25.72 23.05
N MET A 350 10.26 -24.70 23.83
CA MET A 350 10.43 -23.38 23.26
C MET A 350 11.72 -23.26 22.45
N ILE A 351 12.66 -24.19 22.61
CA ILE A 351 13.88 -24.20 21.80
C ILE A 351 14.00 -25.45 20.95
N ALA A 352 13.15 -26.46 21.17
CA ALA A 352 13.27 -27.71 20.43
C ALA A 352 11.90 -28.29 20.11
N GLY A 353 10.84 -27.48 20.20
CA GLY A 353 9.50 -27.93 19.95
C GLY A 353 9.00 -27.57 18.57
N VAL A 354 7.68 -27.57 18.43
CA VAL A 354 7.03 -27.27 17.15
C VAL A 354 7.25 -25.82 16.76
N ASN A 355 7.47 -24.95 17.74
CA ASN A 355 7.51 -23.49 17.53
C ASN A 355 8.72 -22.92 18.25
N PRO A 356 9.92 -23.18 17.72
CA PRO A 356 11.12 -22.94 18.52
C PRO A 356 11.78 -21.61 18.25
N CYS A 357 11.02 -20.66 17.72
CA CYS A 357 11.65 -19.46 17.17
C CYS A 357 11.00 -18.18 17.66
N VAL A 358 10.41 -18.19 18.86
CA VAL A 358 9.72 -17.01 19.36
C VAL A 358 10.39 -16.46 20.61
N ILE A 359 11.11 -17.32 21.35
CA ILE A 359 11.74 -16.91 22.60
C ILE A 359 12.75 -15.80 22.36
N ARG A 360 12.83 -14.90 23.33
CA ARG A 360 13.64 -13.70 23.25
C ARG A 360 14.53 -13.57 24.48
N GLY A 361 15.69 -12.97 24.28
CA GLY A 361 16.51 -12.57 25.40
C GLY A 361 15.96 -11.33 26.08
N LEU A 362 16.15 -11.27 27.39
CA LEU A 362 15.67 -10.18 28.23
C LEU A 362 16.90 -9.43 28.73
N GLU A 363 16.98 -8.13 28.43
CA GLU A 363 18.13 -7.33 28.82
C GLU A 363 17.78 -6.26 29.84
N GLU A 364 16.49 -5.97 30.02
CA GLU A 364 15.99 -5.07 31.06
C GLU A 364 14.97 -5.85 31.86
N PHE A 365 14.74 -5.42 33.09
CA PHE A 365 13.65 -5.98 33.89
C PHE A 365 13.04 -4.85 34.71
N PRO A 366 11.70 -4.79 34.82
CA PRO A 366 10.71 -5.70 34.20
C PRO A 366 10.58 -5.49 32.70
N PRO A 367 9.98 -6.45 32.00
CA PRO A 367 9.65 -6.23 30.58
C PRO A 367 8.55 -5.21 30.45
N LYS A 368 8.60 -4.46 29.35
CA LYS A 368 7.67 -3.37 29.11
C LYS A 368 6.84 -3.65 27.86
N SER A 369 5.69 -3.00 27.79
CA SER A 369 4.79 -3.07 26.65
C SER A 369 4.96 -1.84 25.77
N ASN A 370 4.76 -2.02 24.46
CA ASN A 370 4.71 -0.91 23.52
C ASN A 370 3.29 -0.48 23.20
N LEU A 371 2.29 -0.99 23.91
CA LEU A 371 0.91 -0.66 23.62
C LEU A 371 0.56 0.73 24.17
N ASP A 372 -0.39 1.38 23.49
CA ASP A 372 -0.91 2.69 23.86
C ASP A 372 -1.57 2.67 25.23
N PRO A 373 -0.98 3.31 26.24
CA PRO A 373 -1.60 3.28 27.58
C PRO A 373 -2.99 3.89 27.61
N ALA A 374 -3.31 4.78 26.67
CA ALA A 374 -4.64 5.37 26.65
C ALA A 374 -5.72 4.33 26.37
N ILE A 375 -5.39 3.29 25.62
CA ILE A 375 -6.39 2.29 25.26
C ILE A 375 -6.40 1.13 26.24
N TYR A 376 -5.24 0.70 26.72
CA TYR A 376 -5.10 -0.56 27.43
C TYR A 376 -4.84 -0.40 28.92
N GLY A 377 -4.20 0.69 29.34
CA GLY A 377 -3.83 0.90 30.72
C GLY A 377 -2.32 0.92 30.86
N ASP A 378 -1.85 1.11 32.10
CA ASP A 378 -0.47 0.82 32.40
C ASP A 378 -0.24 -0.63 32.00
N GLN A 379 0.82 -0.87 31.22
CA GLN A 379 1.14 -2.21 30.76
C GLN A 379 2.55 -2.63 31.20
N SER A 380 3.17 -1.87 32.11
CA SER A 380 4.35 -2.37 32.80
C SER A 380 4.02 -3.72 33.42
N SER A 381 4.97 -4.65 33.32
CA SER A 381 4.78 -5.97 33.90
C SER A 381 4.61 -5.86 35.41
N LYS A 382 3.77 -6.72 35.97
CA LYS A 382 3.56 -6.77 37.41
C LYS A 382 4.44 -7.83 38.10
N ILE A 383 5.27 -8.54 37.35
CA ILE A 383 6.22 -9.49 37.93
C ILE A 383 7.31 -8.73 38.67
N THR A 384 7.57 -9.12 39.92
CA THR A 384 8.61 -8.48 40.72
C THR A 384 9.87 -9.35 40.76
N ALA A 385 11.03 -8.71 40.73
CA ALA A 385 12.28 -9.44 40.68
C ALA A 385 12.44 -10.37 41.87
N ASP A 386 11.96 -9.94 43.06
CA ASP A 386 12.18 -10.67 44.30
C ASP A 386 11.31 -11.92 44.42
N SER A 387 10.30 -12.09 43.58
CA SER A 387 9.45 -13.26 43.66
C SER A 387 10.02 -14.47 42.91
N LEU A 388 11.15 -14.31 42.23
CA LEU A 388 11.66 -15.33 41.34
C LEU A 388 12.79 -16.10 42.02
N ASP A 389 12.79 -17.42 41.81
CA ASP A 389 13.87 -18.30 42.26
C ASP A 389 14.80 -18.51 41.06
N LEU A 390 15.90 -17.75 41.03
CA LEU A 390 16.89 -17.88 39.97
C LEU A 390 18.08 -18.72 40.40
N ASP A 391 17.83 -19.80 41.16
CA ASP A 391 18.88 -20.75 41.52
C ASP A 391 20.02 -20.07 42.27
N GLY A 392 19.70 -19.06 43.08
CA GLY A 392 20.70 -18.34 43.85
C GLY A 392 21.28 -17.12 43.17
N TYR A 393 20.98 -16.89 41.89
CA TYR A 393 21.40 -15.66 41.22
C TYR A 393 20.52 -14.49 41.66
N THR A 394 21.12 -13.31 41.71
CA THR A 394 20.33 -12.09 41.77
C THR A 394 19.87 -11.71 40.36
N MET A 395 18.87 -10.82 40.29
CA MET A 395 18.41 -10.32 39.00
C MET A 395 19.53 -9.61 38.26
N ASP A 396 20.29 -8.76 38.97
CA ASP A 396 21.45 -8.11 38.37
C ASP A 396 22.38 -9.12 37.73
N GLU A 397 22.76 -10.17 38.48
CA GLU A 397 23.65 -11.18 37.93
C GLU A 397 23.06 -11.84 36.70
N ALA A 398 21.79 -12.25 36.81
CA ALA A 398 21.14 -12.99 35.73
C ALA A 398 21.12 -12.18 34.44
N LEU A 399 20.68 -10.92 34.54
CA LEU A 399 20.68 -10.05 33.37
C LEU A 399 22.08 -9.91 32.77
N GLY A 400 23.06 -9.62 33.62
CA GLY A 400 24.40 -9.34 33.13
C GLY A 400 25.08 -10.54 32.49
N SER A 401 24.80 -11.74 32.98
CA SER A 401 25.32 -12.94 32.35
C SER A 401 24.41 -13.45 31.22
N ARG A 402 23.37 -12.70 30.87
CA ARG A 402 22.46 -13.05 29.79
C ARG A 402 21.84 -14.44 30.01
N ARG A 403 21.28 -14.64 31.19
CA ARG A 403 20.61 -15.88 31.56
C ARG A 403 19.10 -15.74 31.64
N LEU A 404 18.55 -14.58 31.30
CA LEU A 404 17.11 -14.34 31.37
C LEU A 404 16.54 -14.24 29.97
N PHE A 405 15.40 -14.91 29.76
CA PHE A 405 14.73 -15.03 28.47
C PHE A 405 13.22 -14.96 28.72
N MET A 406 12.47 -14.68 27.67
N MET A 406 12.47 -14.68 27.66
CA MET A 406 11.02 -14.72 27.85
CA MET A 406 11.03 -14.59 27.79
C MET A 406 10.31 -15.07 26.55
C MET A 406 10.32 -15.06 26.53
N LEU A 407 9.09 -15.55 26.73
CA LEU A 407 8.15 -15.86 25.66
C LEU A 407 7.03 -14.84 25.86
N ASP A 408 7.03 -13.80 25.03
CA ASP A 408 6.20 -12.61 25.25
C ASP A 408 5.10 -12.55 24.21
N TYR A 409 3.88 -12.87 24.62
CA TYR A 409 2.72 -12.70 23.75
C TYR A 409 1.81 -11.58 24.19
N HIS A 410 2.30 -10.68 25.05
CA HIS A 410 1.44 -9.67 25.64
C HIS A 410 0.96 -8.67 24.59
N ASP A 411 1.89 -8.06 23.86
CA ASP A 411 1.51 -7.03 22.90
C ASP A 411 0.81 -7.62 21.68
N ILE A 412 1.11 -8.88 21.36
CA ILE A 412 0.50 -9.51 20.19
C ILE A 412 -0.97 -9.79 20.45
N PHE A 413 -1.31 -10.31 21.62
CA PHE A 413 -2.67 -10.75 21.89
C PHE A 413 -3.55 -9.67 22.53
N MET A 414 -2.97 -8.76 23.29
CA MET A 414 -3.81 -7.79 24.00
C MET A 414 -4.78 -7.06 23.08
N PRO A 415 -4.41 -6.64 21.87
CA PRO A 415 -5.39 -5.93 21.02
C PRO A 415 -6.59 -6.77 20.62
N TYR A 416 -6.56 -8.09 20.84
CA TYR A 416 -7.63 -8.97 20.41
C TYR A 416 -8.33 -9.69 21.54
N VAL A 417 -7.84 -9.56 22.78
CA VAL A 417 -8.41 -10.34 23.88
C VAL A 417 -9.88 -9.96 24.11
N ARG A 418 -10.20 -8.67 24.03
CA ARG A 418 -11.58 -8.26 24.28
C ARG A 418 -12.54 -8.91 23.28
N GLN A 419 -12.18 -8.87 21.99
CA GLN A 419 -13.05 -9.45 20.97
C GLN A 419 -13.15 -10.96 21.10
N ILE A 420 -12.02 -11.64 21.36
CA ILE A 420 -12.05 -13.08 21.52
C ILE A 420 -12.92 -13.47 22.71
N ASN A 421 -12.76 -12.78 23.84
CA ASN A 421 -13.46 -13.17 25.06
C ASN A 421 -14.97 -12.91 24.98
N GLN A 422 -15.42 -12.12 24.00
CA GLN A 422 -16.86 -11.96 23.78
C GLN A 422 -17.49 -13.18 23.12
N LEU A 423 -16.71 -13.97 22.38
CA LEU A 423 -17.24 -15.17 21.77
C LEU A 423 -17.77 -16.12 22.84
N ASN A 424 -18.60 -17.07 22.41
CA ASN A 424 -19.37 -17.89 23.33
C ASN A 424 -18.49 -18.87 24.09
N SER A 425 -17.61 -19.59 23.40
CA SER A 425 -16.82 -20.62 24.04
C SER A 425 -15.32 -20.37 23.91
N ALA A 426 -14.91 -19.10 23.99
CA ALA A 426 -13.50 -18.76 24.01
C ALA A 426 -13.24 -17.75 25.13
N LYS A 427 -12.18 -18.02 25.91
CA LYS A 427 -11.69 -17.06 26.88
C LYS A 427 -10.17 -17.24 26.94
N THR A 428 -9.43 -16.15 26.86
CA THR A 428 -7.98 -16.21 26.83
C THR A 428 -7.39 -15.06 27.62
N TYR A 429 -6.11 -15.21 27.95
CA TYR A 429 -5.26 -14.14 28.45
C TYR A 429 -4.20 -13.82 27.41
N ALA A 430 -3.59 -12.64 27.55
CA ALA A 430 -2.33 -12.30 26.90
C ALA A 430 -1.22 -12.63 27.90
N THR A 431 -0.32 -13.53 27.53
CA THR A 431 0.63 -14.09 28.49
C THR A 431 2.04 -13.61 28.24
N ARG A 432 2.81 -13.56 29.33
CA ARG A 432 4.26 -13.53 29.27
C ARG A 432 4.81 -14.67 30.12
N THR A 433 5.89 -15.28 29.67
CA THR A 433 6.59 -16.29 30.46
C THR A 433 8.05 -15.86 30.62
N ILE A 434 8.54 -15.88 31.86
CA ILE A 434 9.93 -15.59 32.16
C ILE A 434 10.68 -16.91 32.31
N LEU A 435 11.83 -17.01 31.66
CA LEU A 435 12.66 -18.20 31.71
C LEU A 435 14.07 -17.85 32.15
N PHE A 436 14.67 -18.77 32.90
CA PHE A 436 16.02 -18.65 33.43
C PHE A 436 16.86 -19.78 32.88
N LEU A 437 18.05 -19.44 32.37
CA LEU A 437 19.00 -20.42 31.86
C LEU A 437 19.85 -20.91 33.03
N ARG A 438 19.63 -22.16 33.44
CA ARG A 438 20.34 -22.70 34.58
C ARG A 438 21.80 -22.99 34.23
N GLU A 439 22.61 -23.17 35.27
CA GLU A 439 24.01 -23.47 35.04
C GLU A 439 24.19 -24.80 34.30
N ASP A 440 23.21 -25.70 34.37
CA ASP A 440 23.35 -26.94 33.61
C ASP A 440 22.94 -26.78 32.14
N GLY A 441 22.58 -25.59 31.70
CA GLY A 441 22.32 -25.35 30.30
C GLY A 441 20.89 -25.51 29.86
N THR A 442 19.98 -25.88 30.77
CA THR A 442 18.56 -26.03 30.49
C THR A 442 17.78 -24.81 30.97
N LEU A 443 16.63 -24.57 30.34
CA LEU A 443 15.77 -23.45 30.71
C LEU A 443 14.79 -23.86 31.80
N LYS A 444 14.50 -22.91 32.68
CA LYS A 444 13.62 -23.08 33.83
C LYS A 444 12.56 -22.00 33.77
N PRO A 445 11.26 -22.34 33.73
CA PRO A 445 10.24 -21.28 33.80
C PRO A 445 10.09 -20.83 35.24
N VAL A 446 10.12 -19.52 35.46
CA VAL A 446 10.10 -18.97 36.81
C VAL A 446 8.90 -18.07 37.08
N ALA A 447 8.15 -17.67 36.05
CA ALA A 447 6.93 -16.90 36.25
C ALA A 447 6.12 -16.83 34.97
N ILE A 448 4.81 -16.73 35.14
CA ILE A 448 3.85 -16.51 34.06
C ILE A 448 2.94 -15.37 34.47
N GLU A 449 2.81 -14.38 33.60
CA GLU A 449 1.91 -13.26 33.81
C GLU A 449 0.73 -13.41 32.85
N LEU A 450 -0.47 -13.36 33.41
CA LEU A 450 -1.71 -13.50 32.66
C LEU A 450 -2.44 -12.17 32.70
N SER A 451 -2.54 -11.50 31.55
CA SER A 451 -3.09 -10.15 31.51
C SER A 451 -4.39 -10.11 30.72
N LEU A 452 -5.31 -9.26 31.18
CA LEU A 452 -6.52 -8.86 30.50
C LEU A 452 -6.51 -7.34 30.32
N PRO A 453 -7.12 -6.82 29.26
CA PRO A 453 -7.25 -5.37 29.14
C PRO A 453 -8.38 -4.87 30.03
N HIS A 454 -8.51 -3.55 30.11
CA HIS A 454 -9.63 -2.92 30.81
C HIS A 454 -9.41 -2.93 32.32
N VAL A 463 -9.17 -10.30 36.63
CA VAL A 463 -7.97 -9.53 36.95
C VAL A 463 -6.72 -10.11 36.28
N SER A 464 -5.64 -9.32 36.30
CA SER A 464 -4.36 -9.71 35.71
C SER A 464 -3.43 -10.22 36.82
N GLN A 465 -2.96 -11.45 36.65
CA GLN A 465 -2.29 -12.17 37.72
C GLN A 465 -0.87 -12.59 37.33
N VAL A 466 0.00 -12.67 38.32
CA VAL A 466 1.28 -13.37 38.20
C VAL A 466 1.14 -14.71 38.90
N VAL A 467 1.60 -15.77 38.25
CA VAL A 467 1.54 -17.13 38.77
C VAL A 467 2.96 -17.67 38.84
N LEU A 468 3.34 -18.19 40.00
CA LEU A 468 4.68 -18.72 40.22
C LEU A 468 4.65 -20.25 40.28
N PRO A 469 5.74 -20.91 39.94
CA PRO A 469 5.72 -22.38 39.95
C PRO A 469 5.40 -22.92 41.34
N ALA A 470 4.68 -24.05 41.35
CA ALA A 470 4.40 -24.79 42.57
C ALA A 470 4.16 -26.24 42.18
N LYS A 471 4.60 -27.16 43.05
CA LYS A 471 4.41 -28.58 42.80
C LYS A 471 3.34 -29.20 43.67
N GLU A 472 2.90 -28.54 44.73
CA GLU A 472 1.90 -29.10 45.65
C GLU A 472 0.70 -28.16 45.77
N GLY A 473 -0.46 -28.77 45.99
CA GLY A 473 -1.64 -28.01 46.36
C GLY A 473 -2.34 -27.38 45.18
N VAL A 474 -3.46 -26.71 45.49
CA VAL A 474 -4.23 -26.03 44.46
C VAL A 474 -3.34 -25.11 43.63
N GLU A 475 -2.27 -24.57 44.23
CA GLU A 475 -1.38 -23.69 43.49
C GLU A 475 -0.68 -24.43 42.35
N SER A 476 -0.37 -25.71 42.54
CA SER A 476 0.27 -26.42 41.45
C SER A 476 -0.69 -26.62 40.28
N THR A 477 -2.00 -26.71 40.57
CA THR A 477 -2.98 -26.79 39.48
C THR A 477 -3.14 -25.44 38.79
N ILE A 478 -3.14 -24.35 39.55
CA ILE A 478 -3.20 -23.03 38.94
C ILE A 478 -2.01 -22.83 38.02
N TRP A 479 -0.83 -23.30 38.43
CA TRP A 479 0.36 -23.20 37.59
C TRP A 479 0.23 -24.04 36.33
N LEU A 480 -0.32 -25.26 36.46
CA LEU A 480 -0.54 -26.09 35.28
C LEU A 480 -1.48 -25.41 34.30
N LEU A 481 -2.55 -24.82 34.81
CA LEU A 481 -3.47 -24.08 33.95
C LEU A 481 -2.80 -22.85 33.36
N ALA A 482 -1.93 -22.19 34.12
CA ALA A 482 -1.21 -21.04 33.59
C ALA A 482 -0.36 -21.44 32.40
N LYS A 483 0.32 -22.59 32.49
CA LYS A 483 1.10 -23.03 31.34
C LYS A 483 0.19 -23.29 30.14
N ALA A 484 -1.03 -23.79 30.37
CA ALA A 484 -1.94 -24.07 29.26
C ALA A 484 -2.35 -22.78 28.55
N TYR A 485 -2.65 -21.72 29.30
CA TYR A 485 -2.96 -20.45 28.65
C TYR A 485 -1.78 -19.98 27.79
N VAL A 486 -0.56 -20.15 28.29
CA VAL A 486 0.63 -19.80 27.51
C VAL A 486 0.67 -20.58 26.21
N ILE A 487 0.44 -21.90 26.29
CA ILE A 487 0.55 -22.70 25.08
C ILE A 487 -0.60 -22.46 24.13
N VAL A 488 -1.76 -22.02 24.63
CA VAL A 488 -2.83 -21.60 23.72
C VAL A 488 -2.37 -20.39 22.91
N ASN A 489 -1.75 -19.41 23.58
CA ASN A 489 -1.12 -18.30 22.87
C ASN A 489 -0.13 -18.82 21.85
N ASP A 490 0.75 -19.74 22.27
CA ASP A 490 1.82 -20.20 21.41
C ASP A 490 1.29 -20.98 20.21
N SER A 491 0.28 -21.81 20.44
CA SER A 491 -0.31 -22.61 19.36
C SER A 491 -0.91 -21.71 18.28
N CYS A 492 -1.71 -20.73 18.71
CA CYS A 492 -2.31 -19.80 17.77
C CYS A 492 -1.24 -19.06 16.98
N TYR A 493 -0.23 -18.55 17.69
CA TYR A 493 0.84 -17.84 17.02
C TYR A 493 1.61 -18.77 16.10
N HIS A 494 1.82 -20.00 16.53
CA HIS A 494 2.57 -20.94 15.69
C HIS A 494 1.82 -21.21 14.39
N GLN A 495 0.54 -21.57 14.49
CA GLN A 495 -0.20 -21.99 13.31
C GLN A 495 -0.40 -20.82 12.35
N LEU A 496 -0.78 -19.66 12.87
CA LEU A 496 -1.13 -18.53 12.02
C LEU A 496 0.07 -17.70 11.58
N MET A 497 1.09 -17.58 12.43
CA MET A 497 2.23 -16.71 12.15
C MET A 497 3.47 -17.49 11.77
N SER A 498 4.03 -18.28 12.69
CA SER A 498 5.27 -19.00 12.40
C SER A 498 5.10 -19.89 11.18
N HIS A 499 3.94 -20.49 11.04
CA HIS A 499 3.68 -21.44 9.97
C HIS A 499 2.96 -20.77 8.81
N TRP A 500 1.70 -20.37 8.99
CA TRP A 500 0.93 -19.92 7.83
C TRP A 500 1.50 -18.63 7.23
N LEU A 501 1.67 -17.59 8.04
CA LEU A 501 2.12 -16.31 7.50
C LEU A 501 3.56 -16.40 7.00
N ASN A 502 4.48 -16.87 7.84
CA ASN A 502 5.90 -16.73 7.53
C ASN A 502 6.39 -17.69 6.45
N THR A 503 5.67 -18.79 6.20
CA THR A 503 6.12 -19.71 5.16
C THR A 503 5.12 -19.75 4.01
N HIS A 504 3.95 -20.38 4.17
CA HIS A 504 2.98 -20.47 3.08
C HIS A 504 2.68 -19.11 2.42
N ALA A 505 2.21 -18.14 3.21
CA ALA A 505 1.69 -16.92 2.62
C ALA A 505 2.82 -16.02 2.12
N ALA A 506 3.92 -15.93 2.87
CA ALA A 506 5.00 -15.04 2.48
C ALA A 506 5.70 -15.50 1.20
N MET A 507 5.67 -16.80 0.90
CA MET A 507 6.41 -17.35 -0.23
C MET A 507 5.64 -17.26 -1.55
N GLU A 508 4.31 -17.29 -1.49
CA GLU A 508 3.54 -17.38 -2.73
C GLU A 508 3.82 -16.21 -3.68
N PRO A 509 3.94 -14.97 -3.21
CA PRO A 509 4.26 -13.87 -4.15
C PRO A 509 5.57 -14.09 -4.89
N PHE A 510 6.59 -14.67 -4.26
CA PHE A 510 7.82 -14.93 -5.00
C PHE A 510 7.60 -16.01 -6.05
N VAL A 511 6.75 -17.00 -5.76
CA VAL A 511 6.45 -18.02 -6.76
C VAL A 511 5.85 -17.36 -8.00
N ILE A 512 4.85 -16.50 -7.77
CA ILE A 512 4.15 -15.85 -8.87
C ILE A 512 5.12 -15.01 -9.70
N ALA A 513 5.95 -14.22 -9.02
CA ALA A 513 6.84 -13.33 -9.74
C ALA A 513 7.86 -14.11 -10.56
N THR A 514 8.33 -15.24 -10.04
CA THR A 514 9.35 -16.01 -10.74
C THR A 514 8.83 -16.46 -12.10
N HIS A 515 7.62 -17.01 -12.13
CA HIS A 515 7.07 -17.51 -13.38
C HIS A 515 6.71 -16.39 -14.33
N ARG A 516 6.36 -15.22 -13.79
CA ARG A 516 5.96 -14.12 -14.66
C ARG A 516 7.15 -13.44 -15.33
N HIS A 517 8.35 -13.50 -14.72
CA HIS A 517 9.45 -12.65 -15.16
C HIS A 517 10.78 -13.34 -15.38
N LEU A 518 10.98 -14.55 -14.89
CA LEU A 518 12.20 -15.31 -15.17
C LEU A 518 11.85 -16.43 -16.14
N SER A 519 12.46 -16.40 -17.31
CA SER A 519 12.28 -17.47 -18.27
C SER A 519 12.70 -18.80 -17.64
N VAL A 520 12.10 -19.88 -18.13
CA VAL A 520 12.55 -21.22 -17.80
C VAL A 520 14.04 -21.36 -18.14
N LEU A 521 14.55 -20.51 -19.04
CA LEU A 521 15.97 -20.57 -19.42
C LEU A 521 16.88 -19.94 -18.37
N HIS A 522 16.33 -19.17 -17.46
CA HIS A 522 17.10 -18.28 -16.62
C HIS A 522 17.80 -19.05 -15.50
N PRO A 523 19.04 -18.70 -15.16
CA PRO A 523 19.74 -19.47 -14.12
C PRO A 523 19.08 -19.36 -12.76
N ILE A 524 18.45 -18.23 -12.45
CA ILE A 524 17.83 -18.07 -11.13
C ILE A 524 16.50 -18.79 -11.09
N TYR A 525 15.78 -18.87 -12.21
CA TYR A 525 14.60 -19.73 -12.28
C TYR A 525 14.96 -21.16 -11.93
N LYS A 526 16.05 -21.67 -12.51
CA LYS A 526 16.44 -23.05 -12.24
C LYS A 526 16.88 -23.23 -10.80
N LEU A 527 17.45 -22.17 -10.18
CA LEU A 527 17.90 -22.29 -8.81
C LEU A 527 16.72 -22.36 -7.84
N LEU A 528 15.70 -21.54 -8.06
CA LEU A 528 14.66 -21.36 -7.06
C LEU A 528 13.45 -22.27 -7.26
N THR A 529 13.12 -22.65 -8.50
CA THR A 529 11.78 -23.22 -8.71
C THR A 529 11.62 -24.58 -8.02
N PRO A 530 12.68 -25.36 -7.80
CA PRO A 530 12.50 -26.61 -7.03
C PRO A 530 11.98 -26.35 -5.63
N HIS A 531 12.21 -25.15 -5.08
CA HIS A 531 11.80 -24.77 -3.73
C HIS A 531 10.41 -24.19 -3.69
N TYR A 532 9.67 -24.28 -4.81
CA TYR A 532 8.28 -23.87 -4.90
C TYR A 532 7.31 -25.03 -5.05
N ARG A 533 7.79 -26.27 -5.20
CA ARG A 533 6.92 -27.38 -5.57
C ARG A 533 5.72 -27.51 -4.63
N ASN A 534 4.52 -27.53 -5.21
CA ASN A 534 3.24 -27.73 -4.53
C ASN A 534 2.82 -26.57 -3.63
N ASN A 535 3.56 -25.46 -3.61
CA ASN A 535 3.27 -24.35 -2.70
C ASN A 535 1.96 -23.65 -3.06
N MET A 536 1.79 -23.23 -4.32
CA MET A 536 0.56 -22.55 -4.70
C MET A 536 -0.63 -23.49 -4.57
N ASN A 537 -0.42 -24.78 -4.83
CA ASN A 537 -1.50 -25.77 -4.77
C ASN A 537 -1.99 -25.96 -3.33
N ILE A 538 -1.08 -26.16 -2.38
CA ILE A 538 -1.55 -26.32 -1.01
C ILE A 538 -2.17 -25.04 -0.51
N ASN A 539 -1.66 -23.89 -0.94
CA ASN A 539 -2.24 -22.63 -0.45
C ASN A 539 -3.66 -22.43 -0.96
N ALA A 540 -3.90 -22.73 -2.24
CA ALA A 540 -5.24 -22.58 -2.80
C ALA A 540 -6.22 -23.49 -2.08
N LEU A 541 -5.82 -24.73 -1.81
CA LEU A 541 -6.65 -25.65 -1.04
C LEU A 541 -6.83 -25.16 0.39
N ALA A 542 -5.83 -24.45 0.93
N ALA A 542 -5.83 -24.46 0.93
CA ALA A 542 -5.98 -23.88 2.26
CA ALA A 542 -5.97 -23.88 2.27
C ALA A 542 -6.96 -22.71 2.26
C ALA A 542 -6.97 -22.72 2.25
N ARG A 543 -6.96 -21.89 1.21
CA ARG A 543 -7.92 -20.80 1.15
C ARG A 543 -9.34 -21.34 1.08
N GLN A 544 -9.50 -22.56 0.56
CA GLN A 544 -10.81 -23.15 0.37
C GLN A 544 -11.33 -23.88 1.59
N SER A 545 -10.45 -24.48 2.40
CA SER A 545 -10.89 -25.35 3.49
C SER A 545 -10.17 -25.17 4.81
N LEU A 546 -9.01 -24.53 4.85
CA LEU A 546 -8.23 -24.40 6.08
C LEU A 546 -8.44 -23.05 6.77
N ILE A 547 -8.26 -21.95 6.03
CA ILE A 547 -8.28 -20.62 6.62
C ILE A 547 -9.53 -19.84 6.20
N ASN A 548 -10.51 -20.50 5.61
CA ASN A 548 -11.73 -19.84 5.16
C ASN A 548 -12.71 -19.67 6.33
N ALA A 549 -13.79 -18.93 6.08
CA ALA A 549 -14.80 -18.75 7.12
C ALA A 549 -15.48 -20.08 7.43
N ASN A 550 -15.53 -20.41 8.73
CA ASN A 550 -16.00 -21.70 9.25
C ASN A 550 -15.15 -22.86 8.78
N GLY A 551 -13.91 -22.58 8.36
CA GLY A 551 -12.98 -23.62 7.96
C GLY A 551 -12.32 -24.29 9.15
N ILE A 552 -11.29 -25.09 8.86
CA ILE A 552 -10.71 -25.92 9.90
C ILE A 552 -10.10 -25.06 11.00
N ILE A 553 -9.30 -24.06 10.63
CA ILE A 553 -8.62 -23.27 11.66
C ILE A 553 -9.64 -22.51 12.51
N GLU A 554 -10.61 -21.83 11.87
CA GLU A 554 -11.60 -21.05 12.63
C GLU A 554 -12.38 -21.95 13.58
N THR A 555 -12.61 -23.20 13.18
CA THR A 555 -13.40 -24.14 13.95
C THR A 555 -12.64 -24.74 15.11
N THR A 556 -11.31 -24.74 15.08
CA THR A 556 -10.54 -25.47 16.07
C THR A 556 -9.59 -24.62 16.90
N PHE A 557 -9.28 -23.39 16.51
CA PHE A 557 -8.33 -22.56 17.22
C PHE A 557 -9.03 -21.38 17.89
N LEU A 558 -8.48 -20.96 19.02
CA LEU A 558 -9.03 -19.93 19.89
C LEU A 558 -9.70 -18.77 19.17
N PRO A 559 -9.04 -18.09 18.23
CA PRO A 559 -9.56 -16.80 17.78
C PRO A 559 -10.73 -16.90 16.82
N SER A 560 -11.16 -18.11 16.45
CA SER A 560 -12.32 -18.24 15.58
C SER A 560 -12.19 -17.31 14.39
N LYS A 561 -13.19 -16.46 14.16
CA LYS A 561 -13.21 -15.63 12.95
C LYS A 561 -12.17 -14.53 12.94
N TYR A 562 -11.47 -14.28 14.04
CA TYR A 562 -10.41 -13.28 14.03
C TYR A 562 -9.05 -13.88 13.68
N SER A 563 -8.97 -15.19 13.45
CA SER A 563 -7.70 -15.87 13.24
C SER A 563 -6.87 -15.22 12.14
N VAL A 564 -7.41 -15.17 10.92
CA VAL A 564 -6.56 -14.76 9.80
C VAL A 564 -6.23 -13.28 9.90
N GLU A 565 -7.18 -12.45 10.36
CA GLU A 565 -6.86 -11.03 10.44
C GLU A 565 -5.80 -10.77 11.50
N MET A 566 -5.71 -11.59 12.54
CA MET A 566 -4.61 -11.43 13.50
C MET A 566 -3.26 -11.59 12.80
N SER A 567 -3.17 -12.50 11.82
CA SER A 567 -1.91 -12.65 11.11
C SER A 567 -1.62 -11.42 10.26
N SER A 568 -2.65 -10.68 9.86
CA SER A 568 -2.42 -9.43 9.16
C SER A 568 -1.76 -8.40 10.08
N ALA A 569 -2.20 -8.33 11.34
CA ALA A 569 -1.58 -7.40 12.27
C ALA A 569 -0.09 -7.71 12.45
N VAL A 570 0.25 -9.00 12.49
CA VAL A 570 1.66 -9.37 12.65
C VAL A 570 2.44 -9.10 11.37
N TYR A 571 1.81 -9.21 10.20
CA TYR A 571 2.50 -8.94 8.95
C TYR A 571 3.00 -7.50 8.89
N LYS A 572 2.33 -6.58 9.59
CA LYS A 572 2.79 -5.20 9.64
C LYS A 572 4.26 -5.10 10.04
N ASN A 573 4.74 -6.04 10.86
CA ASN A 573 6.10 -6.02 11.38
C ASN A 573 6.99 -7.05 10.72
N TRP A 574 6.52 -7.73 9.69
CA TRP A 574 7.32 -8.72 8.99
C TRP A 574 8.43 -8.03 8.21
N VAL A 575 9.65 -8.56 8.32
CA VAL A 575 10.82 -7.97 7.69
C VAL A 575 11.55 -9.07 6.94
N PHE A 576 11.66 -8.93 5.62
CA PHE A 576 12.23 -9.99 4.80
C PHE A 576 13.64 -10.35 5.25
N THR A 577 14.48 -9.35 5.49
CA THR A 577 15.89 -9.64 5.78
C THR A 577 16.06 -10.20 7.19
N ASP A 578 15.06 -10.06 8.05
CA ASP A 578 15.09 -10.68 9.37
C ASP A 578 14.69 -12.15 9.35
N GLN A 579 14.31 -12.69 8.18
CA GLN A 579 14.01 -14.12 8.08
C GLN A 579 15.26 -14.97 7.93
N ALA A 580 16.38 -14.37 7.51
CA ALA A 580 17.67 -15.03 7.58
C ALA A 580 17.92 -15.51 9.01
N LEU A 581 18.41 -16.74 9.13
CA LEU A 581 18.57 -17.32 10.46
C LEU A 581 19.51 -16.52 11.36
N PRO A 582 20.73 -16.17 10.94
CA PRO A 582 21.58 -15.37 11.86
C PRO A 582 20.91 -14.08 12.27
N ALA A 583 20.30 -13.36 11.32
CA ALA A 583 19.61 -12.12 11.65
C ALA A 583 18.50 -12.36 12.68
N ASP A 584 17.74 -13.43 12.52
CA ASP A 584 16.65 -13.73 13.46
C ASP A 584 17.19 -13.96 14.87
N LEU A 585 18.26 -14.75 14.98
CA LEU A 585 18.82 -15.06 16.30
C LEU A 585 19.30 -13.80 17.01
N ILE A 586 19.94 -12.90 16.26
CA ILE A 586 20.42 -11.64 16.84
C ILE A 586 19.25 -10.74 17.22
N LYS A 587 18.29 -10.59 16.31
CA LYS A 587 17.12 -9.75 16.58
C LYS A 587 16.42 -10.18 17.86
N ARG A 588 16.31 -11.49 18.09
CA ARG A 588 15.60 -11.98 19.26
C ARG A 588 16.47 -12.01 20.51
N GLY A 589 17.75 -11.66 20.40
CA GLY A 589 18.62 -11.62 21.56
C GLY A 589 19.00 -12.98 22.08
N VAL A 590 19.00 -14.01 21.24
CA VAL A 590 19.47 -15.33 21.64
C VAL A 590 20.82 -15.66 21.05
N ALA A 591 21.43 -14.71 20.34
CA ALA A 591 22.79 -14.85 19.86
C ALA A 591 23.39 -13.46 19.79
N ILE A 592 24.71 -13.41 19.71
CA ILE A 592 25.41 -12.15 19.49
C ILE A 592 26.35 -12.33 18.30
N LYS A 593 26.56 -11.24 17.56
CA LYS A 593 27.55 -11.23 16.49
C LYS A 593 28.93 -11.53 17.04
N ASP A 594 29.66 -12.43 16.36
CA ASP A 594 30.99 -12.85 16.81
C ASP A 594 31.79 -13.44 15.67
N PRO A 595 32.73 -12.70 15.10
CA PRO A 595 33.50 -13.23 13.96
C PRO A 595 34.45 -14.39 14.32
N SER A 596 34.71 -14.65 15.59
CA SER A 596 35.59 -15.76 15.94
C SER A 596 34.93 -17.12 15.75
N THR A 597 33.62 -17.18 15.48
CA THR A 597 32.90 -18.44 15.36
C THR A 597 32.71 -18.81 13.89
N PRO A 598 32.49 -20.09 13.60
CA PRO A 598 32.35 -20.50 12.20
C PRO A 598 31.17 -19.84 11.48
N HIS A 599 30.06 -19.63 12.18
CA HIS A 599 28.83 -19.10 11.59
C HIS A 599 28.64 -17.62 11.84
N GLY A 600 29.59 -16.95 12.48
CA GLY A 600 29.49 -15.54 12.70
C GLY A 600 28.59 -15.12 13.84
N VAL A 601 28.00 -16.07 14.56
CA VAL A 601 27.16 -15.76 15.71
C VAL A 601 27.51 -16.73 16.84
N ARG A 602 27.44 -16.22 18.05
CA ARG A 602 27.56 -17.03 19.26
C ARG A 602 26.18 -17.12 19.90
N LEU A 603 25.74 -18.36 20.14
CA LEU A 603 24.44 -18.59 20.76
C LEU A 603 24.52 -18.34 22.26
N LEU A 604 23.55 -17.59 22.79
CA LEU A 604 23.46 -17.36 24.23
C LEU A 604 22.88 -18.55 24.96
N ILE A 605 22.13 -19.41 24.26
CA ILE A 605 21.72 -20.71 24.74
C ILE A 605 22.50 -21.71 23.89
N GLU A 606 23.65 -22.17 24.40
CA GLU A 606 24.58 -22.94 23.59
C GLU A 606 23.92 -24.15 22.96
N ASP A 607 23.11 -24.87 23.72
N ASP A 607 23.16 -24.89 23.77
CA ASP A 607 22.58 -26.16 23.28
CA ASP A 607 22.48 -26.12 23.37
C ASP A 607 21.31 -26.01 22.44
C ASP A 607 21.06 -25.82 22.89
N TYR A 608 20.86 -24.75 22.19
CA TYR A 608 19.66 -24.50 21.38
C TYR A 608 19.46 -25.33 20.13
N PRO A 609 18.66 -26.40 20.20
CA PRO A 609 18.71 -27.39 19.09
C PRO A 609 18.26 -26.84 17.74
N TYR A 610 17.16 -26.10 17.68
CA TYR A 610 16.71 -25.57 16.40
C TYR A 610 17.77 -24.65 15.80
N ALA A 611 18.35 -23.79 16.61
CA ALA A 611 19.31 -22.82 16.12
C ALA A 611 20.64 -23.48 15.75
N ALA A 612 21.12 -24.40 16.59
CA ALA A 612 22.42 -25.03 16.33
C ALA A 612 22.37 -25.94 15.11
N ASP A 613 21.31 -26.73 14.97
CA ASP A 613 21.15 -27.51 13.74
C ASP A 613 20.85 -26.60 12.55
N GLY A 614 19.96 -25.62 12.76
CA GLY A 614 19.63 -24.69 11.68
C GLY A 614 20.85 -24.03 11.06
N LEU A 615 21.77 -23.58 11.92
CA LEU A 615 22.95 -22.89 11.41
C LEU A 615 23.79 -23.80 10.51
N GLU A 616 23.79 -25.10 10.76
CA GLU A 616 24.51 -26.00 9.85
C GLU A 616 23.83 -26.06 8.50
N ILE A 617 22.49 -26.12 8.48
CA ILE A 617 21.76 -26.21 7.23
C ILE A 617 21.87 -24.89 6.47
N TRP A 618 21.68 -23.77 7.17
CA TRP A 618 21.87 -22.46 6.59
C TRP A 618 23.21 -22.36 5.87
N ALA A 619 24.29 -22.78 6.53
CA ALA A 619 25.62 -22.60 5.95
C ALA A 619 25.80 -23.42 4.68
N ALA A 620 25.24 -24.63 4.65
CA ALA A 620 25.34 -25.46 3.45
C ALA A 620 24.58 -24.84 2.28
N ILE A 621 23.39 -24.28 2.55
CA ILE A 621 22.64 -23.61 1.50
C ILE A 621 23.39 -22.38 1.03
N LYS A 622 23.97 -21.63 1.98
CA LYS A 622 24.74 -20.45 1.61
C LYS A 622 25.88 -20.81 0.67
N THR A 623 26.56 -21.93 0.93
CA THR A 623 27.68 -22.33 0.08
C THR A 623 27.21 -22.73 -1.31
N TRP A 624 26.10 -23.47 -1.40
CA TRP A 624 25.52 -23.80 -2.68
C TRP A 624 25.23 -22.54 -3.48
N VAL A 625 24.54 -21.56 -2.87
CA VAL A 625 24.17 -20.36 -3.61
C VAL A 625 25.40 -19.57 -4.01
N GLN A 626 26.40 -19.49 -3.13
CA GLN A 626 27.61 -18.73 -3.43
C GLN A 626 28.42 -19.37 -4.56
N GLU A 627 28.33 -20.69 -4.74
N GLU A 627 28.35 -20.69 -4.72
CA GLU A 627 29.05 -21.37 -5.80
CA GLU A 627 29.06 -21.34 -5.83
C GLU A 627 28.27 -21.44 -7.10
C GLU A 627 28.29 -21.24 -7.13
N TYR A 628 26.97 -21.15 -7.07
CA TYR A 628 26.14 -21.23 -8.26
C TYR A 628 26.04 -19.87 -8.93
N VAL A 629 25.76 -18.82 -8.14
CA VAL A 629 25.57 -17.49 -8.75
C VAL A 629 26.77 -17.06 -9.56
N PRO A 630 28.02 -17.23 -9.11
CA PRO A 630 29.17 -16.79 -9.92
C PRO A 630 29.31 -17.53 -11.23
N LEU A 631 28.71 -18.71 -11.37
CA LEU A 631 28.70 -19.36 -12.66
C LEU A 631 28.03 -18.51 -13.74
N TYR A 632 27.15 -17.58 -13.35
CA TYR A 632 26.39 -16.80 -14.34
C TYR A 632 26.53 -15.29 -14.21
N TYR A 633 27.02 -14.78 -13.08
CA TYR A 633 27.19 -13.35 -12.87
C TYR A 633 28.61 -13.13 -12.35
N ALA A 634 29.46 -12.50 -13.18
CA ALA A 634 30.84 -12.27 -12.79
C ALA A 634 31.01 -11.01 -11.95
N ARG A 635 30.15 -10.02 -12.15
CA ARG A 635 30.29 -8.73 -11.48
C ARG A 635 28.93 -8.14 -11.15
N ASP A 636 28.92 -7.21 -10.18
CA ASP A 636 27.70 -6.51 -9.82
C ASP A 636 27.00 -5.94 -11.05
N ASP A 637 27.76 -5.51 -12.06
CA ASP A 637 27.17 -4.98 -13.27
C ASP A 637 26.21 -5.96 -13.91
N ASP A 638 26.60 -7.24 -13.94
CA ASP A 638 25.79 -8.26 -14.59
C ASP A 638 24.46 -8.46 -13.87
N VAL A 639 24.44 -8.29 -12.55
CA VAL A 639 23.18 -8.34 -11.81
C VAL A 639 22.29 -7.16 -12.19
N LYS A 640 22.87 -5.95 -12.16
CA LYS A 640 22.09 -4.76 -12.49
C LYS A 640 21.54 -4.82 -13.91
N ASN A 641 22.28 -5.42 -14.84
CA ASN A 641 21.91 -5.39 -16.25
C ASN A 641 21.07 -6.58 -16.69
N ASP A 642 20.64 -7.43 -15.75
CA ASP A 642 19.76 -8.56 -16.07
C ASP A 642 18.32 -8.05 -15.96
N SER A 643 17.68 -7.82 -17.09
CA SER A 643 16.37 -7.17 -17.09
C SER A 643 15.26 -8.08 -16.57
N GLU A 644 15.39 -9.39 -16.74
CA GLU A 644 14.41 -10.31 -16.15
C GLU A 644 14.53 -10.31 -14.63
N LEU A 645 15.76 -10.44 -14.12
CA LEU A 645 15.98 -10.37 -12.68
C LEU A 645 15.48 -9.05 -12.11
N GLN A 646 15.72 -7.94 -12.81
CA GLN A 646 15.30 -6.65 -12.27
C GLN A 646 13.78 -6.52 -12.28
N HIS A 647 13.12 -6.96 -13.36
CA HIS A 647 11.66 -6.95 -13.38
C HIS A 647 11.10 -7.88 -12.31
N TRP A 648 11.75 -9.03 -12.12
CA TRP A 648 11.29 -10.01 -11.15
C TRP A 648 11.26 -9.44 -9.75
N TRP A 649 12.39 -8.90 -9.30
CA TRP A 649 12.49 -8.39 -7.94
C TRP A 649 11.62 -7.16 -7.75
N LYS A 650 11.54 -6.30 -8.76
CA LYS A 650 10.69 -5.12 -8.66
C LYS A 650 9.24 -5.53 -8.43
N GLU A 651 8.76 -6.51 -9.19
CA GLU A 651 7.36 -6.90 -9.08
C GLU A 651 7.10 -7.65 -7.78
N ALA A 652 8.04 -8.50 -7.37
CA ALA A 652 7.84 -9.28 -6.14
C ALA A 652 7.62 -8.37 -4.94
N VAL A 653 8.38 -7.27 -4.88
CA VAL A 653 8.26 -6.31 -3.79
C VAL A 653 7.07 -5.39 -4.00
N GLU A 654 6.96 -4.79 -5.18
CA GLU A 654 6.01 -3.70 -5.38
C GLU A 654 4.58 -4.20 -5.57
N LYS A 655 4.40 -5.42 -6.06
CA LYS A 655 3.08 -6.03 -6.18
C LYS A 655 2.90 -7.21 -5.22
N GLY A 656 3.86 -8.15 -5.22
CA GLY A 656 3.68 -9.37 -4.44
C GLY A 656 3.59 -9.12 -2.95
N HIS A 657 4.49 -8.28 -2.43
CA HIS A 657 4.44 -7.82 -1.03
C HIS A 657 4.15 -6.33 -0.97
N GLY A 658 3.24 -5.86 -1.83
CA GLY A 658 3.13 -4.45 -2.15
C GLY A 658 2.68 -3.55 -1.02
N ASP A 659 2.01 -4.10 0.00
CA ASP A 659 1.64 -3.27 1.14
C ASP A 659 2.86 -2.86 1.97
N LEU A 660 4.01 -3.51 1.76
CA LEU A 660 5.23 -3.18 2.48
C LEU A 660 6.29 -2.58 1.55
N LYS A 661 5.89 -2.16 0.35
CA LYS A 661 6.88 -1.80 -0.66
C LYS A 661 7.71 -0.57 -0.27
N ASP A 662 7.18 0.30 0.59
CA ASP A 662 7.86 1.51 0.99
C ASP A 662 8.91 1.29 2.08
N LYS A 663 9.04 0.08 2.61
CA LYS A 663 9.94 -0.13 3.72
C LYS A 663 11.41 -0.04 3.27
N PRO A 664 12.29 0.48 4.11
CA PRO A 664 13.68 0.70 3.68
C PRO A 664 14.55 -0.55 3.66
N TRP A 665 14.12 -1.66 4.27
CA TRP A 665 14.98 -2.83 4.42
C TRP A 665 14.98 -3.77 3.21
N TRP A 666 14.16 -3.50 2.20
CA TRP A 666 14.20 -4.34 1.01
C TRP A 666 15.56 -4.25 0.35
N PRO A 667 16.23 -5.37 0.09
CA PRO A 667 17.44 -5.32 -0.74
C PRO A 667 17.12 -4.72 -2.10
N LYS A 668 18.09 -4.00 -2.66
CA LYS A 668 17.91 -3.35 -3.94
C LYS A 668 18.32 -4.22 -5.13
N LEU A 669 19.09 -5.28 -4.90
CA LEU A 669 19.47 -6.22 -5.95
C LEU A 669 20.32 -5.54 -7.02
N GLN A 670 21.36 -4.84 -6.57
CA GLN A 670 22.30 -4.18 -7.46
C GLN A 670 23.69 -4.80 -7.40
N THR A 671 23.86 -5.87 -6.62
CA THR A 671 25.16 -6.47 -6.40
C THR A 671 25.01 -7.98 -6.32
N LEU A 672 26.12 -8.67 -6.60
CA LEU A 672 26.18 -10.10 -6.36
C LEU A 672 25.77 -10.45 -4.94
N GLU A 673 26.26 -9.68 -3.96
CA GLU A 673 25.98 -10.00 -2.57
C GLU A 673 24.48 -9.96 -2.29
N ASP A 674 23.80 -8.94 -2.83
CA ASP A 674 22.35 -8.85 -2.71
C ASP A 674 21.67 -10.07 -3.31
N LEU A 675 22.12 -10.51 -4.49
CA LEU A 675 21.47 -11.62 -5.16
C LEU A 675 21.63 -12.91 -4.38
N VAL A 676 22.83 -13.12 -3.81
CA VAL A 676 23.06 -14.30 -2.99
C VAL A 676 22.15 -14.27 -1.77
N GLU A 677 22.08 -13.11 -1.10
CA GLU A 677 21.27 -13.00 0.12
C GLU A 677 19.80 -13.28 -0.15
N VAL A 678 19.25 -12.74 -1.24
CA VAL A 678 17.83 -12.91 -1.52
C VAL A 678 17.51 -14.37 -1.84
N CYS A 679 18.34 -15.00 -2.65
CA CYS A 679 18.12 -16.41 -2.99
C CYS A 679 18.28 -17.30 -1.78
N LEU A 680 19.24 -16.98 -0.92
CA LEU A 680 19.47 -17.79 0.27
C LEU A 680 18.28 -17.72 1.22
N ILE A 681 17.73 -16.53 1.41
CA ILE A 681 16.58 -16.38 2.30
C ILE A 681 15.39 -17.12 1.76
N ILE A 682 15.13 -17.00 0.46
CA ILE A 682 13.97 -17.69 -0.13
C ILE A 682 14.11 -19.19 0.05
N ILE A 683 15.29 -19.73 -0.26
CA ILE A 683 15.47 -21.18 -0.12
C ILE A 683 15.32 -21.58 1.34
N TRP A 684 15.83 -20.76 2.25
CA TRP A 684 15.76 -21.09 3.68
C TRP A 684 14.31 -21.18 4.14
N ILE A 685 13.51 -20.16 3.87
CA ILE A 685 12.10 -20.16 4.25
C ILE A 685 11.40 -21.41 3.72
N ALA A 686 11.62 -21.73 2.43
CA ALA A 686 10.80 -22.76 1.79
C ALA A 686 11.20 -24.17 2.20
N SER A 687 12.43 -24.38 2.63
CA SER A 687 12.90 -25.71 2.99
C SER A 687 13.00 -25.86 4.50
N ALA A 688 14.10 -25.40 5.11
CA ALA A 688 14.41 -25.74 6.50
C ALA A 688 13.49 -25.04 7.50
N LEU A 689 13.17 -23.76 7.27
CA LEU A 689 12.29 -23.08 8.20
C LEU A 689 10.91 -23.74 8.21
N HIS A 690 10.31 -23.91 7.03
CA HIS A 690 8.99 -24.54 7.00
C HIS A 690 9.05 -25.94 7.59
N ALA A 691 10.13 -26.67 7.32
CA ALA A 691 10.23 -28.03 7.86
C ALA A 691 10.28 -28.01 9.38
N ALA A 692 11.07 -27.08 9.94
CA ALA A 692 11.26 -27.04 11.38
C ALA A 692 9.97 -26.69 12.12
N VAL A 693 9.10 -25.89 11.52
CA VAL A 693 7.84 -25.54 12.19
C VAL A 693 6.67 -26.40 11.75
N ASN A 694 6.83 -27.23 10.72
CA ASN A 694 5.70 -27.99 10.23
C ASN A 694 5.69 -29.44 10.69
N PHE A 695 6.81 -30.15 10.58
CA PHE A 695 6.73 -31.60 10.71
C PHE A 695 6.74 -32.08 12.14
N GLY A 696 6.85 -31.19 13.12
CA GLY A 696 6.62 -31.56 14.49
C GLY A 696 5.19 -31.40 15.01
N GLN A 697 4.22 -31.11 14.14
CA GLN A 697 2.90 -30.74 14.64
C GLN A 697 2.21 -31.92 15.32
N TYR A 698 2.11 -33.06 14.64
CA TYR A 698 1.46 -34.19 15.30
C TYR A 698 2.39 -34.80 16.35
N PRO A 699 3.70 -34.91 16.09
CA PRO A 699 4.59 -35.51 17.11
C PRO A 699 4.51 -34.84 18.48
N TYR A 700 4.41 -33.52 18.55
CA TYR A 700 4.27 -32.82 19.81
C TYR A 700 2.83 -32.51 20.18
N GLY A 701 2.01 -32.16 19.18
CA GLY A 701 0.67 -31.69 19.38
C GLY A 701 -0.42 -32.73 19.25
N GLY A 702 -0.06 -33.98 18.92
CA GLY A 702 -1.04 -35.04 18.86
C GLY A 702 -1.62 -35.41 20.20
N LEU A 703 -0.98 -34.99 21.30
CA LEU A 703 -1.57 -35.04 22.63
C LEU A 703 -2.10 -33.64 22.91
N ILE A 704 -3.42 -33.50 22.98
CA ILE A 704 -4.02 -32.16 23.01
C ILE A 704 -3.64 -31.41 24.29
N MET A 705 -3.38 -32.13 25.39
CA MET A 705 -2.98 -31.45 26.63
C MET A 705 -1.62 -30.78 26.48
N ASN A 706 -0.76 -31.29 25.60
CA ASN A 706 0.57 -30.71 25.44
C ASN A 706 0.52 -29.43 24.59
N ARG A 707 -0.33 -29.39 23.57
CA ARG A 707 -0.46 -28.24 22.67
C ARG A 707 -1.94 -27.92 22.48
N PRO A 708 -2.60 -27.43 23.52
CA PRO A 708 -4.01 -27.02 23.37
C PRO A 708 -4.13 -25.88 22.37
N THR A 709 -5.17 -25.96 21.55
CA THR A 709 -5.40 -24.99 20.48
C THR A 709 -6.37 -23.88 20.90
N ALA A 710 -7.02 -24.04 22.04
CA ALA A 710 -8.03 -23.08 22.47
C ALA A 710 -8.16 -23.16 23.98
N SER A 711 -8.64 -22.08 24.57
CA SER A 711 -9.04 -22.06 25.96
C SER A 711 -10.45 -21.46 26.03
N ARG A 712 -11.23 -21.97 26.97
CA ARG A 712 -12.66 -21.73 27.00
C ARG A 712 -13.15 -21.00 28.25
N ARG A 713 -12.29 -20.79 29.23
CA ARG A 713 -12.69 -20.07 30.42
C ARG A 713 -11.46 -19.48 31.08
N LEU A 714 -11.68 -18.47 31.89
CA LEU A 714 -10.62 -17.88 32.69
C LEU A 714 -10.41 -18.71 33.95
N LEU A 715 -9.45 -18.30 34.76
CA LEU A 715 -9.18 -19.01 36.00
C LEU A 715 -10.37 -18.90 36.95
N PRO A 716 -10.77 -20.00 37.59
CA PRO A 716 -11.87 -19.94 38.56
C PRO A 716 -11.55 -18.99 39.72
N GLU A 717 -12.60 -18.36 40.23
CA GLU A 717 -12.48 -17.48 41.38
C GLU A 717 -12.68 -18.28 42.66
N LYS A 718 -11.99 -17.85 43.72
CA LYS A 718 -12.12 -18.52 45.01
C LYS A 718 -13.57 -18.55 45.46
N GLY A 719 -13.98 -19.68 46.03
CA GLY A 719 -15.33 -19.81 46.55
C GLY A 719 -16.39 -20.13 45.52
N THR A 720 -16.01 -20.50 44.31
CA THR A 720 -16.95 -21.00 43.32
C THR A 720 -16.87 -22.51 43.24
N PRO A 721 -17.91 -23.18 42.71
CA PRO A 721 -17.78 -24.62 42.48
C PRO A 721 -16.69 -24.96 41.47
N GLU A 722 -16.44 -24.07 40.50
CA GLU A 722 -15.33 -24.29 39.57
C GLU A 722 -14.00 -24.38 40.32
N TYR A 723 -13.83 -23.55 41.36
CA TYR A 723 -12.62 -23.60 42.15
C TYR A 723 -12.54 -24.88 42.97
N GLU A 724 -13.64 -25.28 43.60
CA GLU A 724 -13.66 -26.53 44.35
C GLU A 724 -13.34 -27.71 43.44
N GLU A 725 -13.87 -27.71 42.21
CA GLU A 725 -13.53 -28.76 41.27
C GLU A 725 -12.03 -28.81 41.03
N MET A 726 -11.40 -27.64 40.89
CA MET A 726 -9.96 -27.57 40.69
C MET A 726 -9.22 -28.30 41.80
N ILE A 727 -9.69 -28.14 43.05
CA ILE A 727 -9.01 -28.77 44.17
C ILE A 727 -9.18 -30.28 44.12
N ASN A 728 -10.38 -30.76 43.82
CA ASN A 728 -10.69 -32.17 43.92
C ASN A 728 -10.40 -32.94 42.64
N ASN A 729 -10.35 -32.28 41.48
CA ASN A 729 -10.19 -33.00 40.21
C ASN A 729 -9.45 -32.07 39.23
N HIS A 730 -8.12 -32.13 39.27
CA HIS A 730 -7.34 -31.20 38.46
C HIS A 730 -7.37 -31.56 36.99
N GLU A 731 -7.51 -32.85 36.66
CA GLU A 731 -7.61 -33.25 35.25
C GLU A 731 -8.87 -32.70 34.60
N LYS A 732 -10.01 -32.77 35.30
CA LYS A 732 -11.24 -32.22 34.74
C LYS A 732 -11.17 -30.70 34.63
N ALA A 733 -10.55 -30.02 35.61
CA ALA A 733 -10.39 -28.57 35.50
C ALA A 733 -9.55 -28.20 34.28
N TYR A 734 -8.52 -29.00 34.00
CA TYR A 734 -7.68 -28.76 32.82
C TYR A 734 -8.48 -28.96 31.54
N LEU A 735 -9.22 -30.07 31.45
CA LEU A 735 -9.93 -30.40 30.22
C LEU A 735 -11.09 -29.44 29.96
N ARG A 736 -11.72 -28.92 31.02
CA ARG A 736 -12.75 -27.91 30.82
C ARG A 736 -12.17 -26.60 30.32
N THR A 737 -10.88 -26.38 30.54
CA THR A 737 -10.22 -25.16 30.11
C THR A 737 -9.79 -25.23 28.66
N ILE A 738 -9.27 -26.37 28.21
CA ILE A 738 -8.67 -26.43 26.89
C ILE A 738 -9.67 -26.89 25.84
N THR A 739 -9.18 -27.07 24.62
CA THR A 739 -9.99 -27.47 23.47
C THR A 739 -10.94 -28.62 23.75
N SER A 740 -12.19 -28.43 23.39
CA SER A 740 -13.22 -29.44 23.58
C SER A 740 -12.98 -30.66 22.68
N LYS A 741 -13.60 -31.78 23.07
CA LYS A 741 -13.36 -33.07 22.43
C LYS A 741 -13.63 -33.03 20.92
N LEU A 742 -14.76 -32.46 20.50
CA LEU A 742 -15.07 -32.46 19.07
C LEU A 742 -14.04 -31.69 18.26
N PRO A 743 -13.73 -30.43 18.56
CA PRO A 743 -12.65 -29.75 17.82
C PRO A 743 -11.30 -30.44 17.97
N THR A 744 -11.08 -31.13 19.09
CA THR A 744 -9.85 -31.90 19.22
C THR A 744 -9.76 -32.96 18.11
N LEU A 745 -10.86 -33.67 17.86
CA LEU A 745 -10.81 -34.75 16.86
C LEU A 745 -10.51 -34.20 15.48
N ILE A 746 -11.11 -33.07 15.13
CA ILE A 746 -10.87 -32.45 13.83
C ILE A 746 -9.43 -31.96 13.73
N SER A 747 -8.95 -31.26 14.76
CA SER A 747 -7.61 -30.69 14.67
C SER A 747 -6.54 -31.78 14.67
N LEU A 748 -6.73 -32.86 15.43
CA LEU A 748 -5.75 -33.93 15.40
C LEU A 748 -5.65 -34.53 14.01
N SER A 749 -6.79 -34.71 13.34
CA SER A 749 -6.79 -35.23 11.98
C SER A 749 -6.07 -34.29 11.04
N ALA A 750 -6.32 -32.99 11.18
CA ALA A 750 -5.66 -32.01 10.33
C ALA A 750 -4.16 -32.05 10.52
N ILE A 751 -3.68 -31.97 11.77
CA ILE A 751 -2.24 -31.91 11.94
C ILE A 751 -1.59 -33.26 11.66
N GLU A 752 -2.34 -34.36 11.72
CA GLU A 752 -1.75 -35.62 11.28
C GLU A 752 -1.42 -35.56 9.79
N ILE A 753 -2.33 -35.00 8.99
CA ILE A 753 -2.10 -34.84 7.55
C ILE A 753 -0.90 -33.94 7.32
N LEU A 754 -0.88 -32.77 7.95
CA LEU A 754 0.16 -31.79 7.67
C LEU A 754 1.54 -32.29 8.10
N SER A 755 1.60 -33.29 8.97
CA SER A 755 2.88 -33.79 9.47
C SER A 755 3.42 -34.96 8.67
N THR A 756 2.77 -35.36 7.58
CA THR A 756 3.12 -36.56 6.84
C THR A 756 3.91 -36.20 5.58
N HIS A 757 4.99 -36.94 5.34
CA HIS A 757 5.75 -36.85 4.09
C HIS A 757 5.08 -37.76 3.06
N ALA A 758 4.68 -37.21 1.93
CA ALA A 758 4.26 -38.02 0.79
C ALA A 758 5.45 -38.79 0.23
N SER A 759 5.19 -39.95 -0.37
CA SER A 759 6.28 -40.79 -0.85
C SER A 759 6.98 -40.19 -2.06
N ASP A 760 6.33 -39.26 -2.77
CA ASP A 760 6.95 -38.59 -3.91
C ASP A 760 7.55 -37.23 -3.52
N GLU A 761 7.86 -37.04 -2.24
CA GLU A 761 8.51 -35.80 -1.84
C GLU A 761 9.90 -35.72 -2.46
N VAL A 762 10.34 -34.49 -2.72
CA VAL A 762 11.68 -34.19 -3.19
C VAL A 762 12.37 -33.39 -2.10
N TYR A 763 13.44 -33.97 -1.53
CA TYR A 763 14.09 -33.39 -0.36
C TYR A 763 15.24 -32.47 -0.74
N LEU A 764 15.66 -31.66 0.23
CA LEU A 764 16.81 -30.78 0.05
C LEU A 764 18.00 -31.58 -0.41
N GLY A 765 18.68 -31.08 -1.44
CA GLY A 765 19.77 -31.80 -2.07
C GLY A 765 19.37 -32.71 -3.20
N GLN A 766 18.08 -32.85 -3.48
CA GLN A 766 17.57 -33.64 -4.60
C GLN A 766 16.90 -32.73 -5.62
N ARG A 767 16.74 -33.25 -6.84
CA ARG A 767 15.94 -32.62 -7.88
C ARG A 767 15.21 -33.73 -8.64
N ASP A 768 14.14 -33.34 -9.34
CA ASP A 768 13.30 -34.35 -9.97
C ASP A 768 13.91 -34.92 -11.25
N ASN A 769 14.81 -34.17 -11.91
CA ASN A 769 15.43 -34.63 -13.14
C ASN A 769 16.92 -34.29 -13.02
N PRO A 770 17.82 -35.23 -13.32
CA PRO A 770 19.25 -34.93 -13.23
C PRO A 770 19.79 -34.07 -14.37
N HIS A 771 19.02 -33.81 -15.43
CA HIS A 771 19.46 -32.98 -16.54
C HIS A 771 18.76 -31.62 -16.57
N TRP A 772 18.44 -31.07 -15.39
CA TRP A 772 17.78 -29.77 -15.31
C TRP A 772 18.61 -28.65 -15.91
N THR A 773 19.91 -28.87 -16.09
CA THR A 773 20.75 -27.95 -16.85
C THR A 773 21.81 -28.76 -17.57
N SER A 774 22.34 -28.17 -18.64
CA SER A 774 23.43 -28.76 -19.40
C SER A 774 24.79 -28.36 -18.85
N ASP A 775 24.84 -27.45 -17.90
CA ASP A 775 26.08 -26.86 -17.41
C ASP A 775 26.69 -27.80 -16.37
N SER A 776 27.78 -28.46 -16.76
CA SER A 776 28.41 -29.44 -15.87
C SER A 776 28.95 -28.78 -14.61
N LYS A 777 29.28 -27.49 -14.66
CA LYS A 777 29.79 -26.81 -13.48
C LYS A 777 28.71 -26.71 -12.40
N ALA A 778 27.50 -26.28 -12.79
CA ALA A 778 26.39 -26.24 -11.85
C ALA A 778 26.03 -27.63 -11.35
N LEU A 779 26.04 -28.63 -12.23
CA LEU A 779 25.72 -29.98 -11.79
C LEU A 779 26.71 -30.47 -10.73
N GLN A 780 27.99 -30.12 -10.88
CA GLN A 780 28.98 -30.58 -9.90
C GLN A 780 28.79 -29.87 -8.56
N ALA A 781 28.56 -28.55 -8.60
CA ALA A 781 28.32 -27.82 -7.36
C ALA A 781 27.10 -28.37 -6.63
N PHE A 782 26.06 -28.76 -7.39
CA PHE A 782 24.89 -29.36 -6.77
C PHE A 782 25.22 -30.70 -6.13
N GLN A 783 26.06 -31.50 -6.79
N GLN A 783 26.05 -31.50 -6.81
CA GLN A 783 26.46 -32.77 -6.19
CA GLN A 783 26.51 -32.77 -6.24
C GLN A 783 27.23 -32.55 -4.89
C GLN A 783 27.21 -32.53 -4.91
N LYS A 784 28.02 -31.46 -4.82
CA LYS A 784 28.75 -31.14 -3.60
C LYS A 784 27.80 -30.76 -2.48
N PHE A 785 26.79 -29.93 -2.80
CA PHE A 785 25.74 -29.58 -1.85
C PHE A 785 25.10 -30.84 -1.26
N GLY A 786 24.73 -31.78 -2.12
CA GLY A 786 24.10 -33.01 -1.62
C GLY A 786 25.02 -33.79 -0.70
N ASN A 787 26.31 -33.84 -1.03
CA ASN A 787 27.26 -34.54 -0.17
C ASN A 787 27.40 -33.84 1.17
N LYS A 788 27.46 -32.51 1.17
N LYS A 788 27.45 -32.51 1.16
CA LYS A 788 27.55 -31.78 2.43
CA LYS A 788 27.55 -31.75 2.41
C LYS A 788 26.36 -32.09 3.33
C LYS A 788 26.36 -32.04 3.32
N LEU A 789 25.16 -32.19 2.75
CA LEU A 789 23.99 -32.48 3.57
C LEU A 789 24.08 -33.85 4.23
N LYS A 790 24.63 -34.84 3.52
N LYS A 790 24.69 -34.83 3.54
CA LYS A 790 24.76 -36.16 4.14
CA LYS A 790 24.91 -36.13 4.16
C LYS A 790 25.74 -36.13 5.30
C LYS A 790 25.91 -36.03 5.32
N GLU A 791 26.79 -35.31 5.21
N GLU A 791 26.96 -35.22 5.15
CA GLU A 791 27.73 -35.19 6.31
CA GLU A 791 27.90 -34.99 6.24
C GLU A 791 27.13 -34.43 7.48
C GLU A 791 27.18 -34.40 7.45
N ILE A 792 26.31 -33.41 7.22
CA ILE A 792 25.64 -32.71 8.31
C ILE A 792 24.72 -33.66 9.04
N GLU A 793 23.98 -34.48 8.30
CA GLU A 793 23.07 -35.43 8.96
C GLU A 793 23.85 -36.30 9.94
N GLU A 794 25.04 -36.76 9.55
N GLU A 794 25.04 -36.75 9.56
CA GLU A 794 25.87 -37.53 10.48
CA GLU A 794 25.86 -37.53 10.48
C GLU A 794 26.22 -36.69 11.70
C GLU A 794 26.28 -36.71 11.69
N LYS A 795 26.62 -35.43 11.48
CA LYS A 795 26.95 -34.54 12.59
C LYS A 795 25.77 -34.41 13.54
N LEU A 796 24.55 -34.25 13.01
CA LEU A 796 23.39 -34.10 13.86
C LEU A 796 23.06 -35.39 14.60
N VAL A 797 23.22 -36.54 13.94
CA VAL A 797 23.07 -37.82 14.63
C VAL A 797 23.97 -37.87 15.85
N ARG A 798 25.23 -37.43 15.70
CA ARG A 798 26.15 -37.49 16.82
C ARG A 798 25.71 -36.58 17.96
N ARG A 799 25.12 -35.42 17.64
CA ARG A 799 24.63 -34.53 18.69
C ARG A 799 23.53 -35.20 19.49
N ASN A 800 22.64 -35.94 18.82
CA ASN A 800 21.55 -36.60 19.53
C ASN A 800 22.04 -37.79 20.35
N ASN A 801 23.24 -38.29 20.10
CA ASN A 801 23.85 -39.34 20.90
C ASN A 801 24.83 -38.81 21.93
N ASP A 802 25.03 -37.50 21.99
CA ASP A 802 25.94 -36.91 22.96
C ASP A 802 25.25 -36.77 24.31
N PRO A 803 25.70 -37.49 25.34
CA PRO A 803 25.01 -37.42 26.64
C PRO A 803 25.02 -36.03 27.28
N SER A 804 26.00 -35.18 26.95
CA SER A 804 26.03 -33.84 27.52
C SER A 804 24.88 -32.97 27.01
N LEU A 805 24.31 -33.29 25.85
CA LEU A 805 23.24 -32.50 25.25
C LEU A 805 21.86 -33.14 25.43
N GLN A 806 21.77 -34.22 26.20
CA GLN A 806 20.48 -34.89 26.38
C GLN A 806 19.43 -33.93 26.91
N GLY A 807 19.83 -33.00 27.79
CA GLY A 807 18.85 -32.20 28.51
C GLY A 807 17.96 -31.39 27.59
N ASN A 808 18.53 -30.85 26.52
CA ASN A 808 17.76 -30.02 25.62
C ASN A 808 17.40 -30.71 24.31
N ARG A 809 18.19 -31.68 23.87
CA ARG A 809 17.90 -32.35 22.60
C ARG A 809 16.93 -33.51 22.75
N LEU A 810 16.84 -34.11 23.94
CA LEU A 810 15.93 -35.22 24.19
C LEU A 810 14.89 -34.88 25.24
N GLY A 811 15.31 -34.28 26.37
CA GLY A 811 14.39 -33.88 27.40
C GLY A 811 13.75 -35.03 28.15
N PRO A 812 12.89 -34.69 29.11
CA PRO A 812 12.16 -35.74 29.85
C PRO A 812 11.31 -36.61 28.96
N VAL A 813 10.93 -36.12 27.76
CA VAL A 813 10.13 -36.94 26.85
C VAL A 813 10.98 -37.90 26.04
N GLN A 814 12.30 -37.81 26.13
CA GLN A 814 13.23 -38.74 25.47
C GLN A 814 12.98 -38.80 23.97
N LEU A 815 12.92 -37.63 23.35
CA LEU A 815 12.54 -37.49 21.95
C LEU A 815 13.64 -36.73 21.23
N PRO A 816 14.59 -37.42 20.62
CA PRO A 816 15.73 -36.72 20.00
C PRO A 816 15.25 -35.77 18.91
N TYR A 817 15.90 -34.61 18.85
CA TYR A 817 15.54 -33.55 17.91
C TYR A 817 16.07 -33.91 16.52
N THR A 818 15.18 -34.43 15.68
CA THR A 818 15.53 -34.86 14.32
C THR A 818 14.85 -34.02 13.24
N LEU A 819 14.15 -32.95 13.62
CA LEU A 819 13.37 -32.20 12.65
C LEU A 819 14.23 -31.52 11.58
N LEU A 820 15.53 -31.38 11.81
CA LEU A 820 16.39 -30.80 10.78
C LEU A 820 17.39 -31.82 10.23
N TYR A 821 17.13 -33.13 10.40
CA TYR A 821 17.81 -34.12 9.57
C TYR A 821 17.36 -33.90 8.11
N PRO A 822 18.29 -33.79 7.17
CA PRO A 822 17.87 -33.53 5.77
C PRO A 822 17.01 -34.62 5.14
N SER A 823 17.25 -35.89 5.47
CA SER A 823 16.60 -36.99 4.75
C SER A 823 15.52 -37.65 5.59
N SER A 824 14.60 -38.31 4.89
CA SER A 824 13.50 -39.01 5.53
C SER A 824 12.88 -39.99 4.55
N GLU A 825 12.31 -41.05 5.11
CA GLU A 825 11.40 -41.94 4.40
C GLU A 825 10.00 -41.34 4.42
N GLU A 826 9.07 -42.01 3.76
N GLU A 826 9.07 -42.00 3.75
CA GLU A 826 7.69 -41.55 3.72
CA GLU A 826 7.70 -41.51 3.73
C GLU A 826 7.03 -41.69 5.08
C GLU A 826 7.05 -41.67 5.10
N GLY A 827 6.03 -40.85 5.33
CA GLY A 827 5.20 -40.99 6.51
C GLY A 827 5.45 -39.94 7.58
N LEU A 828 4.97 -40.27 8.77
CA LEU A 828 4.95 -39.35 9.91
C LEU A 828 6.23 -39.57 10.73
N THR A 829 7.32 -38.95 10.26
CA THR A 829 8.66 -39.35 10.67
C THR A 829 9.39 -38.39 11.62
N PHE A 830 8.90 -37.17 11.83
CA PHE A 830 9.58 -36.21 12.71
C PHE A 830 10.97 -35.84 12.20
N ARG A 831 11.19 -35.93 10.88
CA ARG A 831 12.48 -35.60 10.29
C ARG A 831 12.32 -35.36 8.80
N GLY A 832 13.38 -34.85 8.18
CA GLY A 832 13.41 -34.66 6.73
C GLY A 832 13.07 -33.25 6.28
N ILE A 833 13.92 -32.67 5.43
CA ILE A 833 13.70 -31.31 4.97
C ILE A 833 13.29 -31.32 3.49
N PRO A 834 12.02 -31.11 3.17
CA PRO A 834 11.64 -30.98 1.76
C PRO A 834 12.26 -29.73 1.14
N ASN A 835 12.30 -29.73 -0.20
CA ASN A 835 12.81 -28.56 -0.92
C ASN A 835 11.91 -27.35 -0.69
N SER A 836 10.62 -27.60 -0.49
CA SER A 836 9.60 -26.59 -0.70
C SER A 836 8.54 -26.69 0.38
N ILE A 837 7.65 -25.71 0.37
CA ILE A 837 6.45 -25.72 1.20
C ILE A 837 5.42 -26.59 0.48
N SER A 838 5.48 -27.89 0.72
CA SER A 838 4.73 -28.87 -0.06
C SER A 838 3.53 -29.44 0.68
N ILE A 839 3.29 -29.03 1.91
CA ILE A 839 2.18 -29.55 2.71
C ILE A 839 1.98 -28.56 3.85
N GLY B 5 9.59 9.58 -53.35
CA GLY B 5 10.26 10.85 -53.53
C GLY B 5 9.74 11.92 -52.58
N HIS B 6 10.64 12.48 -51.79
CA HIS B 6 10.33 13.43 -50.72
C HIS B 6 8.95 13.22 -50.09
N LYS B 7 8.72 12.03 -49.54
CA LYS B 7 7.68 11.83 -48.54
C LYS B 7 8.33 11.88 -47.17
N ILE B 8 7.67 12.56 -46.24
CA ILE B 8 8.13 12.65 -44.86
C ILE B 8 7.36 11.63 -44.04
N LYS B 9 8.06 10.72 -43.37
CA LYS B 9 7.40 9.75 -42.51
C LYS B 9 7.03 10.38 -41.17
N GLY B 10 5.78 10.18 -40.76
CA GLY B 10 5.31 10.69 -39.50
C GLY B 10 4.67 9.59 -38.68
N THR B 11 4.60 9.84 -37.38
CA THR B 11 3.89 8.98 -36.45
C THR B 11 3.02 9.83 -35.56
N VAL B 12 1.74 9.49 -35.49
CA VAL B 12 0.74 10.20 -34.70
C VAL B 12 0.36 9.29 -33.53
N VAL B 13 0.45 9.81 -32.32
CA VAL B 13 0.02 9.10 -31.11
C VAL B 13 -1.23 9.77 -30.59
N LEU B 14 -2.30 8.99 -30.39
CA LEU B 14 -3.54 9.53 -29.85
C LEU B 14 -4.17 8.52 -28.89
N MET B 15 -5.17 9.00 -28.15
CA MET B 15 -5.93 8.16 -27.23
C MET B 15 -7.40 8.29 -27.60
N PRO B 16 -8.11 7.18 -27.86
CA PRO B 16 -9.54 7.27 -28.12
C PRO B 16 -10.30 7.64 -26.86
N LYS B 17 -11.50 8.20 -27.10
CA LYS B 17 -12.27 8.82 -26.03
C LYS B 17 -12.50 7.89 -24.86
N ASN B 18 -12.83 6.63 -25.12
CA ASN B 18 -13.25 5.73 -24.05
C ASN B 18 -12.16 5.47 -23.03
N GLU B 19 -10.89 5.64 -23.39
CA GLU B 19 -9.80 5.34 -22.46
C GLU B 19 -9.70 6.37 -21.33
N LEU B 20 -10.29 7.56 -21.51
CA LEU B 20 -10.09 8.66 -20.56
C LEU B 20 -11.36 9.16 -19.90
N GLU B 21 -12.47 8.43 -19.98
CA GLU B 21 -13.70 8.88 -19.34
C GLU B 21 -14.01 8.01 -18.12
N VAL B 22 -14.98 8.49 -17.33
CA VAL B 22 -15.40 7.79 -16.12
C VAL B 22 -16.73 7.10 -16.39
N ASN B 31 -12.94 1.07 -31.74
CA ASN B 31 -12.38 0.33 -32.87
C ASN B 31 -11.43 1.21 -33.70
N LEU B 32 -10.16 0.80 -33.75
CA LEU B 32 -9.12 1.67 -34.27
C LEU B 32 -9.17 1.80 -35.79
N ASN B 33 -9.70 0.81 -36.50
CA ASN B 33 -9.78 0.92 -37.95
C ASN B 33 -10.65 2.09 -38.37
N ALA B 34 -11.55 2.56 -37.51
CA ALA B 34 -12.39 3.71 -37.84
C ALA B 34 -11.57 4.98 -38.00
N PHE B 35 -10.36 5.03 -37.45
CA PHE B 35 -9.52 6.20 -37.59
C PHE B 35 -8.82 6.29 -38.94
N LEU B 36 -8.85 5.21 -39.72
CA LEU B 36 -8.18 5.18 -41.01
C LEU B 36 -9.13 5.73 -42.08
N GLY B 37 -8.84 5.48 -43.35
CA GLY B 37 -9.68 6.02 -44.39
C GLY B 37 -9.50 7.53 -44.48
N ARG B 38 -10.59 8.24 -44.74
CA ARG B 38 -10.56 9.71 -44.79
C ARG B 38 -11.16 10.31 -43.52
N SER B 39 -10.81 9.72 -42.38
CA SER B 39 -11.39 10.11 -41.10
C SER B 39 -10.65 11.26 -40.44
N VAL B 40 -9.32 11.30 -40.57
CA VAL B 40 -8.51 12.29 -39.88
C VAL B 40 -7.46 12.83 -40.85
N SER B 41 -7.50 14.13 -41.08
CA SER B 41 -6.58 14.82 -41.97
C SER B 41 -5.62 15.70 -41.20
N LEU B 42 -4.35 15.66 -41.60
CA LEU B 42 -3.33 16.58 -41.15
C LEU B 42 -2.75 17.35 -42.34
N GLN B 43 -2.41 18.61 -42.10
CA GLN B 43 -1.77 19.45 -43.10
C GLN B 43 -0.57 20.13 -42.46
N LEU B 44 0.61 19.89 -43.01
CA LEU B 44 1.80 20.55 -42.48
C LEU B 44 1.81 22.02 -42.91
N ILE B 45 2.46 22.83 -42.07
CA ILE B 45 2.58 24.26 -42.28
C ILE B 45 4.06 24.61 -42.21
N SER B 46 4.56 25.32 -43.23
CA SER B 46 5.97 25.63 -43.31
C SER B 46 6.38 26.72 -42.32
N ALA B 47 7.53 26.53 -41.68
CA ALA B 47 8.12 27.59 -40.88
C ALA B 47 9.04 28.51 -41.68
N THR B 48 9.40 28.13 -42.91
CA THR B 48 10.42 28.86 -43.63
C THR B 48 9.97 29.45 -44.97
N LYS B 49 8.90 28.95 -45.57
CA LYS B 49 8.45 29.41 -46.87
C LYS B 49 7.06 29.99 -46.73
N ALA B 50 6.90 31.24 -47.15
CA ALA B 50 5.67 31.99 -46.95
C ALA B 50 4.92 32.19 -48.27
N ASP B 51 3.61 32.34 -48.15
CA ASP B 51 2.79 32.67 -49.29
C ASP B 51 2.91 34.16 -49.57
N ALA B 52 2.06 34.67 -50.46
CA ALA B 52 2.09 36.09 -50.82
C ALA B 52 1.95 36.97 -49.59
N HIS B 53 1.06 36.61 -48.67
CA HIS B 53 0.76 37.43 -47.51
C HIS B 53 1.65 37.11 -46.30
N GLY B 54 2.77 36.44 -46.52
CA GLY B 54 3.75 36.23 -45.47
C GLY B 54 3.46 35.12 -44.49
N LYS B 55 2.41 34.33 -44.70
CA LYS B 55 2.09 33.22 -43.80
C LYS B 55 2.66 31.93 -44.37
N GLY B 56 3.22 31.09 -43.49
CA GLY B 56 3.71 29.80 -43.88
C GLY B 56 2.81 29.04 -44.82
N LYS B 57 3.41 28.47 -45.86
CA LYS B 57 2.67 27.68 -46.84
C LYS B 57 2.05 26.45 -46.19
N VAL B 58 0.84 26.10 -46.62
CA VAL B 58 0.11 24.96 -46.09
C VAL B 58 0.11 23.85 -47.14
N GLY B 59 0.40 22.62 -46.70
CA GLY B 59 0.39 21.46 -47.57
C GLY B 59 -0.99 20.83 -47.70
N LYS B 60 -1.02 19.67 -48.35
CA LYS B 60 -2.26 19.02 -48.70
C LYS B 60 -2.82 18.17 -47.57
N ASP B 61 -4.14 17.99 -47.59
CA ASP B 61 -4.80 17.05 -46.69
C ASP B 61 -4.14 15.68 -46.80
N THR B 62 -3.74 15.13 -45.65
CA THR B 62 -3.06 13.85 -45.57
C THR B 62 -3.71 13.03 -44.47
N PHE B 63 -4.02 11.78 -44.76
CA PHE B 63 -4.84 10.95 -43.89
C PHE B 63 -4.02 9.83 -43.25
N LEU B 64 -4.52 9.34 -42.12
CA LEU B 64 -3.83 8.26 -41.40
C LEU B 64 -3.85 6.99 -42.24
N GLU B 65 -2.68 6.36 -42.39
CA GLU B 65 -2.54 5.24 -43.32
C GLU B 65 -2.73 3.87 -42.67
N GLY B 66 -2.26 3.70 -41.45
CA GLY B 66 -2.33 2.39 -40.80
C GLY B 66 -1.87 2.50 -39.38
N ILE B 67 -2.15 1.43 -38.63
CA ILE B 67 -1.81 1.36 -37.21
C ILE B 67 -0.40 0.85 -37.07
N ASN B 68 0.34 1.44 -36.14
CA ASN B 68 1.72 1.09 -35.84
C ASN B 68 1.74 0.38 -34.50
N THR B 69 1.89 -0.95 -34.52
CA THR B 69 1.94 -1.74 -33.30
C THR B 69 3.36 -1.99 -32.80
N SER B 70 4.36 -1.86 -33.67
CA SER B 70 5.74 -2.12 -33.30
C SER B 70 6.39 -0.98 -32.53
N LEU B 71 5.63 0.01 -32.07
CA LEU B 71 6.21 1.10 -31.29
C LEU B 71 6.24 0.71 -29.81
N PRO B 72 7.41 0.66 -29.17
CA PRO B 72 7.47 0.20 -27.78
C PRO B 72 7.34 1.31 -26.75
N THR B 73 7.53 2.55 -27.19
CA THR B 73 7.46 3.71 -26.30
C THR B 73 6.03 4.06 -25.89
N LEU B 74 5.03 3.31 -26.33
CA LEU B 74 3.65 3.69 -26.06
C LEU B 74 3.30 3.52 -24.59
N GLY B 75 2.43 4.41 -24.10
CA GLY B 75 1.85 4.28 -22.79
C GLY B 75 0.48 3.63 -22.84
N ALA B 76 -0.13 3.51 -21.67
CA ALA B 76 -1.44 2.87 -21.56
C ALA B 76 -2.49 3.65 -22.32
N GLY B 77 -3.38 2.92 -23.00
CA GLY B 77 -4.44 3.54 -23.76
C GLY B 77 -4.00 4.29 -25.00
N GLU B 78 -2.70 4.36 -25.27
CA GLU B 78 -2.20 5.09 -26.42
C GLU B 78 -2.13 4.18 -27.65
N SER B 79 -2.42 4.76 -28.81
CA SER B 79 -2.27 4.08 -30.10
C SER B 79 -1.49 4.97 -31.05
N ALA B 80 -0.71 4.34 -31.93
CA ALA B 80 0.13 5.05 -32.89
C ALA B 80 -0.32 4.76 -34.32
N PHE B 81 -0.26 5.78 -35.17
CA PHE B 81 -0.66 5.65 -36.56
C PHE B 81 0.42 6.17 -37.49
N ASN B 82 0.60 5.48 -38.61
CA ASN B 82 1.54 5.90 -39.63
C ASN B 82 0.88 6.89 -40.58
N ILE B 83 1.68 7.82 -41.07
CA ILE B 83 1.24 8.84 -42.02
C ILE B 83 2.46 9.30 -42.78
N HIS B 84 2.29 9.54 -44.09
CA HIS B 84 3.36 10.00 -44.96
C HIS B 84 2.91 11.27 -45.66
N PHE B 85 3.63 12.35 -45.46
CA PHE B 85 3.32 13.62 -46.10
C PHE B 85 4.13 13.78 -47.37
N GLU B 86 3.48 14.22 -48.44
CA GLU B 86 4.16 14.60 -49.67
C GLU B 86 4.52 16.09 -49.55
N TRP B 87 5.82 16.40 -49.54
CA TRP B 87 6.31 17.71 -49.12
C TRP B 87 7.54 18.00 -49.97
N ASP B 88 7.37 18.77 -51.05
CA ASP B 88 8.44 18.93 -52.02
C ASP B 88 9.36 20.10 -51.65
N GLY B 89 10.32 20.38 -52.53
CA GLY B 89 11.37 21.32 -52.24
C GLY B 89 10.93 22.76 -52.16
N SER B 90 9.74 23.07 -52.65
CA SER B 90 9.21 24.42 -52.52
C SER B 90 8.60 24.70 -51.16
N MET B 91 8.50 23.70 -50.28
CA MET B 91 7.69 23.85 -49.08
C MET B 91 8.52 24.19 -47.83
N GLY B 92 9.83 24.01 -47.86
CA GLY B 92 10.63 24.38 -46.71
C GLY B 92 10.56 23.36 -45.58
N ILE B 93 10.75 23.85 -44.36
CA ILE B 93 10.77 23.01 -43.16
C ILE B 93 9.47 23.23 -42.40
N PRO B 94 8.76 22.16 -42.03
CA PRO B 94 7.50 22.37 -41.29
C PRO B 94 7.77 22.81 -39.85
N GLY B 95 6.89 23.67 -39.34
CA GLY B 95 6.93 24.06 -37.94
C GLY B 95 5.60 24.02 -37.22
N ALA B 96 4.54 23.66 -37.93
CA ALA B 96 3.21 23.58 -37.36
C ALA B 96 2.39 22.61 -38.20
N PHE B 97 1.18 22.30 -37.72
CA PHE B 97 0.27 21.55 -38.56
C PHE B 97 -1.17 21.80 -38.15
N TYR B 98 -2.05 21.63 -39.11
CA TYR B 98 -3.49 21.60 -38.94
C TYR B 98 -3.96 20.15 -38.82
N ILE B 99 -5.00 19.95 -38.04
CA ILE B 99 -5.65 18.64 -37.98
C ILE B 99 -7.16 18.85 -38.00
N LYS B 100 -7.83 18.04 -38.83
CA LYS B 100 -9.28 18.04 -38.95
C LYS B 100 -9.78 16.63 -38.66
N ASN B 101 -10.68 16.53 -37.70
CA ASN B 101 -11.32 15.29 -37.31
C ASN B 101 -12.69 15.24 -37.99
N TYR B 102 -12.86 14.32 -38.92
CA TYR B 102 -14.14 14.11 -39.58
C TYR B 102 -15.00 13.04 -38.92
N MET B 103 -14.50 12.42 -37.85
CA MET B 103 -15.30 11.47 -37.10
C MET B 103 -16.30 12.20 -36.21
N GLN B 104 -17.29 11.46 -35.73
CA GLN B 104 -18.31 12.06 -34.89
C GLN B 104 -17.85 12.21 -33.45
N VAL B 105 -16.93 11.37 -33.02
CA VAL B 105 -16.44 11.36 -31.64
C VAL B 105 -15.10 12.05 -31.57
N GLU B 106 -14.87 12.77 -30.49
CA GLU B 106 -13.60 13.43 -30.25
C GLU B 106 -12.54 12.41 -29.81
N PHE B 107 -11.27 12.76 -30.00
CA PHE B 107 -10.17 11.95 -29.50
C PHE B 107 -9.12 12.87 -28.89
N PHE B 108 -8.22 12.27 -28.10
CA PHE B 108 -7.18 13.01 -27.41
C PHE B 108 -5.87 12.82 -28.17
N LEU B 109 -5.39 13.90 -28.79
CA LEU B 109 -4.17 13.86 -29.59
C LEU B 109 -2.97 14.09 -28.69
N LYS B 110 -2.03 13.13 -28.68
CA LYS B 110 -0.83 13.28 -27.88
C LYS B 110 0.30 13.99 -28.64
N SER B 111 0.70 13.43 -29.79
CA SER B 111 1.91 13.91 -30.42
C SER B 111 1.96 13.59 -31.90
N LEU B 112 2.81 14.32 -32.60
CA LEU B 112 3.23 14.01 -33.96
C LEU B 112 4.76 14.07 -34.01
N THR B 113 5.37 13.08 -34.64
CA THR B 113 6.81 13.03 -34.83
C THR B 113 7.13 12.83 -36.30
N LEU B 114 7.97 13.71 -36.85
CA LEU B 114 8.39 13.68 -38.25
C LEU B 114 9.85 13.25 -38.32
N GLU B 115 10.16 12.31 -39.22
CA GLU B 115 11.49 11.73 -39.30
C GLU B 115 12.25 12.19 -40.54
N ALA B 116 13.58 12.25 -40.39
CA ALA B 116 14.50 12.54 -41.48
C ALA B 116 14.19 13.87 -42.17
N ILE B 117 14.08 14.93 -41.38
CA ILE B 117 13.77 16.26 -41.89
C ILE B 117 14.33 17.29 -40.91
N SER B 118 14.80 18.41 -41.46
CA SER B 118 15.41 19.52 -40.73
C SER B 118 16.87 19.21 -40.39
N ASN B 119 17.62 20.24 -40.01
N ASN B 119 17.62 20.25 -39.99
CA ASN B 119 19.01 20.04 -39.60
CA ASN B 119 19.00 20.08 -39.59
C ASN B 119 19.15 19.24 -38.32
C ASN B 119 19.16 19.31 -38.29
N GLN B 120 18.06 19.06 -37.58
CA GLN B 120 18.08 18.25 -36.36
C GLN B 120 17.63 16.81 -36.59
N GLY B 121 17.16 16.47 -37.81
CA GLY B 121 16.83 15.12 -38.16
C GLY B 121 15.42 14.69 -37.81
N THR B 122 14.88 15.17 -36.70
CA THR B 122 13.51 14.88 -36.27
C THR B 122 12.84 16.17 -35.86
N ILE B 123 11.53 16.24 -36.05
CA ILE B 123 10.71 17.34 -35.56
C ILE B 123 9.62 16.76 -34.68
N ARG B 124 9.48 17.26 -33.46
CA ARG B 124 8.49 16.76 -32.53
C ARG B 124 7.45 17.83 -32.22
N PHE B 125 6.20 17.38 -32.14
CA PHE B 125 5.05 18.19 -31.81
C PHE B 125 4.45 17.55 -30.57
N VAL B 126 4.35 18.31 -29.50
CA VAL B 126 3.73 17.84 -28.26
C VAL B 126 2.39 18.57 -28.18
N CYS B 127 1.30 17.81 -28.23
CA CYS B 127 -0.03 18.37 -28.43
C CYS B 127 -0.90 18.28 -27.19
N ASN B 128 -1.17 17.07 -26.70
CA ASN B 128 -1.99 16.82 -25.52
C ASN B 128 -3.28 17.66 -25.51
N SER B 129 -4.13 17.44 -26.51
CA SER B 129 -5.32 18.25 -26.68
C SER B 129 -6.46 17.44 -27.28
N TRP B 130 -7.69 17.69 -26.81
CA TRP B 130 -8.88 17.08 -27.38
C TRP B 130 -9.21 17.73 -28.72
N VAL B 131 -9.51 16.89 -29.71
CA VAL B 131 -9.85 17.35 -31.04
C VAL B 131 -11.24 16.84 -31.34
N TYR B 132 -12.20 17.75 -31.37
CA TYR B 132 -13.57 17.44 -31.72
C TYR B 132 -13.76 17.47 -33.23
N ASN B 133 -14.95 17.04 -33.65
CA ASN B 133 -15.32 17.07 -35.06
C ASN B 133 -15.12 18.45 -35.65
N THR B 134 -14.58 18.47 -36.87
CA THR B 134 -14.20 19.73 -37.52
C THR B 134 -15.35 20.73 -37.57
N LYS B 135 -16.60 20.25 -37.60
CA LYS B 135 -17.74 21.15 -37.76
C LYS B 135 -17.96 22.03 -36.53
N LEU B 136 -17.42 21.66 -35.38
CA LEU B 136 -17.68 22.39 -34.15
C LEU B 136 -16.73 23.55 -33.91
N TYR B 137 -15.67 23.67 -34.70
CA TYR B 137 -14.68 24.72 -34.53
C TYR B 137 -14.88 25.83 -35.56
N LYS B 138 -14.70 27.08 -35.12
CA LYS B 138 -14.67 28.19 -36.07
C LYS B 138 -13.34 28.26 -36.80
N SER B 139 -12.24 27.90 -36.13
CA SER B 139 -10.91 27.88 -36.71
C SER B 139 -10.36 26.46 -36.67
N VAL B 140 -9.63 26.08 -37.72
CA VAL B 140 -9.00 24.76 -37.72
C VAL B 140 -7.98 24.68 -36.59
N ARG B 141 -7.97 23.54 -35.90
CA ARG B 141 -7.00 23.32 -34.84
C ARG B 141 -5.58 23.37 -35.40
N ILE B 142 -4.70 24.11 -34.74
CA ILE B 142 -3.30 24.23 -35.12
C ILE B 142 -2.43 23.86 -33.93
N PHE B 143 -1.31 23.19 -34.23
CA PHE B 143 -0.34 22.78 -33.23
C PHE B 143 1.05 23.11 -33.75
N PHE B 144 1.91 23.53 -32.84
CA PHE B 144 3.25 23.96 -33.19
C PHE B 144 4.29 22.94 -32.75
N ALA B 145 5.41 22.92 -33.47
CA ALA B 145 6.58 22.16 -33.06
C ALA B 145 7.05 22.63 -31.69
N ASN B 146 7.92 21.84 -31.06
CA ASN B 146 8.29 22.06 -29.68
C ASN B 146 9.42 23.07 -29.49
N HIS B 147 9.76 23.86 -30.51
CA HIS B 147 10.78 24.88 -30.36
C HIS B 147 10.23 26.06 -29.56
N THR B 148 11.08 26.65 -28.72
CA THR B 148 10.69 27.77 -27.88
C THR B 148 11.10 29.09 -28.52
N TYR B 149 10.19 30.06 -28.55
CA TYR B 149 10.48 31.37 -29.11
C TYR B 149 9.82 32.48 -28.32
N VAL B 150 10.61 33.48 -27.91
CA VAL B 150 10.00 34.74 -27.48
C VAL B 150 9.40 35.38 -28.72
N PRO B 151 8.50 36.35 -28.57
CA PRO B 151 7.78 36.84 -29.74
C PRO B 151 8.67 37.37 -30.86
N SER B 152 9.78 38.01 -30.52
CA SER B 152 10.63 38.62 -31.54
C SER B 152 11.52 37.60 -32.26
N GLU B 153 11.62 36.37 -31.75
CA GLU B 153 12.35 35.31 -32.40
C GLU B 153 11.46 34.35 -33.18
N THR B 154 10.16 34.59 -33.24
CA THR B 154 9.29 33.71 -34.00
C THR B 154 9.67 33.74 -35.48
N PRO B 155 9.84 32.58 -36.13
CA PRO B 155 9.96 32.60 -37.60
C PRO B 155 8.86 33.42 -38.24
N ALA B 156 9.25 34.33 -39.14
CA ALA B 156 8.27 35.23 -39.75
C ALA B 156 7.06 34.52 -40.34
N PRO B 157 7.19 33.39 -41.03
CA PRO B 157 5.99 32.73 -41.58
C PRO B 157 5.03 32.22 -40.53
N LEU B 158 5.42 32.17 -39.25
CA LEU B 158 4.54 31.68 -38.20
C LEU B 158 3.97 32.79 -37.34
N VAL B 159 4.38 34.04 -37.55
CA VAL B 159 3.98 35.12 -36.67
C VAL B 159 2.47 35.26 -36.63
N GLU B 160 1.84 35.31 -37.80
N GLU B 160 1.84 35.31 -37.81
CA GLU B 160 0.39 35.52 -37.82
CA GLU B 160 0.39 35.51 -37.81
C GLU B 160 -0.36 34.31 -37.28
C GLU B 160 -0.34 34.31 -37.23
N TYR B 161 0.17 33.10 -37.47
CA TYR B 161 -0.43 31.92 -36.85
C TYR B 161 -0.38 32.02 -35.33
N ARG B 162 0.74 32.50 -34.80
CA ARG B 162 0.92 32.62 -33.36
C ARG B 162 -0.11 33.59 -32.76
N GLU B 163 -0.18 34.80 -33.32
CA GLU B 163 -1.11 35.79 -32.78
C GLU B 163 -2.56 35.37 -33.00
N GLU B 164 -2.87 34.73 -34.13
CA GLU B 164 -4.26 34.39 -34.39
C GLU B 164 -4.75 33.29 -33.46
N GLU B 165 -3.87 32.40 -33.04
CA GLU B 165 -4.27 31.38 -32.07
C GLU B 165 -4.54 32.00 -30.71
N LEU B 166 -3.73 32.97 -30.26
CA LEU B 166 -4.02 33.68 -29.02
C LEU B 166 -5.39 34.37 -29.11
N LYS B 167 -5.68 35.04 -30.22
CA LYS B 167 -7.00 35.65 -30.37
C LYS B 167 -8.10 34.61 -30.24
N SER B 168 -7.89 33.43 -30.83
CA SER B 168 -8.87 32.36 -30.72
C SER B 168 -9.11 31.96 -29.27
N LEU B 169 -8.05 32.00 -28.45
CA LEU B 169 -8.16 31.56 -27.07
C LEU B 169 -8.84 32.61 -26.19
N ARG B 170 -8.74 33.88 -26.58
CA ARG B 170 -9.36 34.95 -25.81
C ARG B 170 -10.86 35.06 -26.06
N GLY B 171 -11.32 34.74 -27.26
CA GLY B 171 -12.73 34.98 -27.55
C GLY B 171 -13.05 36.46 -27.47
N ASN B 172 -14.35 36.77 -27.35
CA ASN B 172 -14.82 38.14 -27.43
C ASN B 172 -15.62 38.59 -26.21
N GLY B 173 -15.65 37.80 -25.14
CA GLY B 173 -16.30 38.22 -23.93
C GLY B 173 -17.78 37.95 -23.85
N THR B 174 -18.35 37.23 -24.83
CA THR B 174 -19.78 36.99 -24.85
C THR B 174 -20.03 35.52 -25.16
N GLY B 175 -21.24 35.10 -24.87
CA GLY B 175 -21.72 33.78 -25.29
C GLY B 175 -21.65 32.76 -24.17
N GLU B 176 -22.52 31.76 -24.28
CA GLU B 176 -22.48 30.63 -23.37
C GLU B 176 -21.40 29.65 -23.82
N ARG B 177 -20.50 29.30 -22.91
CA ARG B 177 -19.38 28.44 -23.26
C ARG B 177 -19.83 27.00 -23.31
N LYS B 178 -19.41 26.29 -24.36
CA LYS B 178 -19.73 24.90 -24.58
C LYS B 178 -18.54 24.00 -24.26
N GLU B 179 -18.83 22.71 -24.15
CA GLU B 179 -17.86 21.72 -23.71
CA GLU B 179 -17.86 21.72 -23.71
C GLU B 179 -16.58 21.75 -24.54
N TYR B 180 -16.71 21.88 -25.86
CA TYR B 180 -15.55 21.83 -26.76
C TYR B 180 -14.85 23.18 -26.92
N ASP B 181 -15.37 24.25 -26.34
CA ASP B 181 -14.72 25.55 -26.43
C ASP B 181 -13.38 25.54 -25.69
N ARG B 182 -12.44 26.33 -26.20
CA ARG B 182 -11.11 26.54 -25.63
C ARG B 182 -10.90 28.02 -25.32
N ILE B 183 -11.89 28.67 -24.73
CA ILE B 183 -11.90 30.13 -24.56
C ILE B 183 -11.71 30.46 -23.09
N TYR B 184 -10.69 31.27 -22.81
CA TYR B 184 -10.30 31.67 -21.47
C TYR B 184 -10.66 33.14 -21.25
N ASP B 185 -11.40 33.43 -20.17
CA ASP B 185 -11.82 34.78 -19.87
C ASP B 185 -12.22 34.82 -18.40
N TYR B 186 -12.49 36.03 -17.91
CA TYR B 186 -12.73 36.28 -16.50
C TYR B 186 -14.20 36.58 -16.23
N ASP B 187 -14.60 36.32 -14.99
CA ASP B 187 -15.88 36.75 -14.46
C ASP B 187 -15.75 36.77 -12.94
N VAL B 188 -16.74 37.38 -12.29
CA VAL B 188 -16.71 37.50 -10.83
C VAL B 188 -17.38 36.26 -10.24
N TYR B 189 -17.31 36.13 -8.91
CA TYR B 189 -17.94 35.01 -8.23
C TYR B 189 -19.40 35.34 -7.98
N ASN B 190 -20.21 35.18 -9.03
CA ASN B 190 -21.65 35.44 -8.97
C ASN B 190 -22.45 34.18 -9.25
N ASP B 191 -21.83 33.02 -9.12
CA ASP B 191 -22.44 31.76 -9.51
C ASP B 191 -22.58 30.81 -8.32
N LEU B 192 -22.36 31.30 -7.10
CA LEU B 192 -22.45 30.50 -5.89
C LEU B 192 -23.85 30.49 -5.30
N GLY B 193 -24.55 31.63 -5.38
CA GLY B 193 -25.93 31.67 -4.93
C GLY B 193 -26.88 31.02 -5.89
N ASN B 194 -28.08 30.72 -5.39
CA ASN B 194 -29.14 30.08 -6.18
C ASN B 194 -30.47 30.74 -5.86
N PRO B 195 -30.56 32.07 -6.08
CA PRO B 195 -31.78 32.79 -5.66
C PRO B 195 -33.04 32.32 -6.38
N ASP B 196 -32.96 32.00 -7.67
CA ASP B 196 -34.15 31.54 -8.38
C ASP B 196 -34.77 30.33 -7.71
N LYS B 197 -33.99 29.56 -6.95
CA LYS B 197 -34.57 28.47 -6.17
C LYS B 197 -35.20 29.01 -4.90
N SER B 198 -34.48 29.84 -4.16
CA SER B 198 -35.03 30.43 -2.94
C SER B 198 -34.22 31.66 -2.58
N GLU B 199 -34.87 32.67 -2.02
N GLU B 199 -34.92 32.66 -2.04
CA GLU B 199 -34.09 33.83 -1.59
CA GLU B 199 -34.28 33.84 -1.46
C GLU B 199 -33.23 33.51 -0.38
C GLU B 199 -33.22 33.47 -0.43
N LYS B 200 -33.42 32.35 0.26
CA LYS B 200 -32.50 31.92 1.32
C LYS B 200 -31.16 31.50 0.77
N LEU B 201 -31.08 31.20 -0.53
CA LEU B 201 -29.84 30.77 -1.17
C LEU B 201 -29.16 31.90 -1.92
N ALA B 202 -29.63 33.13 -1.76
CA ALA B 202 -28.95 34.27 -2.34
C ALA B 202 -27.62 34.51 -1.63
N ARG B 203 -26.62 34.90 -2.38
CA ARG B 203 -25.29 35.16 -1.85
C ARG B 203 -24.75 36.44 -2.49
N PRO B 204 -23.96 37.21 -1.77
CA PRO B 204 -23.38 38.42 -2.36
C PRO B 204 -22.45 38.07 -3.51
N VAL B 205 -22.42 38.96 -4.50
CA VAL B 205 -21.43 38.83 -5.57
C VAL B 205 -20.08 39.19 -5.00
N LEU B 206 -19.10 38.30 -5.18
CA LEU B 206 -17.75 38.53 -4.69
C LEU B 206 -16.87 38.92 -5.87
N GLY B 207 -16.30 40.11 -5.80
CA GLY B 207 -15.47 40.64 -6.86
C GLY B 207 -16.17 41.79 -7.57
N GLY B 208 -15.38 42.79 -7.95
CA GLY B 208 -15.91 43.90 -8.71
C GLY B 208 -16.51 45.03 -7.91
N SER B 209 -16.28 45.05 -6.59
CA SER B 209 -16.60 46.19 -5.75
C SER B 209 -15.55 46.27 -4.65
N SER B 210 -15.52 47.40 -3.95
CA SER B 210 -14.67 47.55 -2.79
C SER B 210 -15.30 47.00 -1.51
N THR B 211 -16.60 46.74 -1.53
CA THR B 211 -17.22 46.05 -0.40
C THR B 211 -16.80 44.58 -0.35
N PHE B 212 -16.73 43.93 -1.51
CA PHE B 212 -16.43 42.51 -1.62
C PHE B 212 -15.42 42.26 -2.73
N PRO B 213 -14.17 42.69 -2.55
CA PRO B 213 -13.14 42.37 -3.55
C PRO B 213 -12.85 40.88 -3.59
N TYR B 214 -12.39 40.41 -4.74
CA TYR B 214 -12.09 38.99 -4.87
C TYR B 214 -11.35 38.73 -6.17
N PRO B 215 -10.52 37.69 -6.22
CA PRO B 215 -9.94 37.31 -7.51
C PRO B 215 -11.03 36.88 -8.48
N ARG B 216 -10.74 37.04 -9.77
CA ARG B 216 -11.65 36.57 -10.80
C ARG B 216 -11.51 35.07 -10.99
N ARG B 217 -12.51 34.49 -11.64
CA ARG B 217 -12.52 33.08 -11.98
C ARG B 217 -12.83 32.94 -13.48
N GLY B 218 -12.80 31.71 -13.97
CA GLY B 218 -12.99 31.49 -15.39
C GLY B 218 -14.43 31.72 -15.84
N ARG B 219 -14.60 32.45 -16.94
CA ARG B 219 -15.93 32.82 -17.39
C ARG B 219 -16.66 31.60 -17.97
N THR B 220 -17.97 31.50 -17.66
CA THR B 220 -18.80 30.40 -18.14
C THR B 220 -19.97 30.85 -19.01
N GLY B 221 -20.51 32.04 -18.77
CA GLY B 221 -21.48 32.66 -19.65
C GLY B 221 -22.86 32.07 -19.69
N ARG B 222 -23.31 31.44 -18.60
CA ARG B 222 -24.64 30.82 -18.62
C ARG B 222 -25.76 31.86 -18.60
N GLY B 223 -25.47 33.12 -18.30
CA GLY B 223 -26.47 34.15 -18.28
C GLY B 223 -27.24 34.25 -16.98
N PRO B 224 -27.95 35.36 -16.79
CA PRO B 224 -28.46 35.69 -15.45
C PRO B 224 -29.64 34.85 -15.02
N THR B 225 -29.87 34.85 -13.71
CA THR B 225 -31.07 34.33 -13.10
C THR B 225 -32.23 35.30 -13.32
N VAL B 226 -33.46 34.82 -13.13
CA VAL B 226 -34.61 35.69 -13.34
C VAL B 226 -34.81 36.62 -12.14
N THR B 227 -34.55 36.13 -10.93
CA THR B 227 -34.73 36.96 -9.74
C THR B 227 -33.64 38.02 -9.63
N ASP B 228 -32.41 37.70 -9.99
CA ASP B 228 -31.28 38.59 -9.79
C ASP B 228 -30.44 38.67 -11.06
N PRO B 229 -30.44 39.81 -11.75
CA PRO B 229 -29.65 39.93 -12.99
C PRO B 229 -28.15 39.88 -12.78
N ASN B 230 -27.68 40.01 -11.54
CA ASN B 230 -26.25 40.03 -11.26
C ASN B 230 -25.68 38.66 -10.93
N THR B 231 -26.55 37.66 -10.77
CA THR B 231 -26.16 36.30 -10.42
C THR B 231 -26.37 35.39 -11.61
N GLU B 232 -25.42 34.48 -11.81
CA GLU B 232 -25.43 33.58 -12.96
C GLU B 232 -26.25 32.34 -12.63
N LYS B 233 -27.05 31.91 -13.59
CA LYS B 233 -27.96 30.80 -13.35
C LYS B 233 -27.19 29.48 -13.22
N GLN B 234 -27.81 28.54 -12.52
CA GLN B 234 -27.21 27.22 -12.33
C GLN B 234 -27.05 26.50 -13.66
N GLY B 235 -26.23 25.46 -13.63
CA GLY B 235 -26.04 24.60 -14.79
C GLY B 235 -25.63 23.23 -14.29
N GLU B 236 -25.88 22.22 -15.12
N GLU B 236 -25.89 22.22 -15.11
CA GLU B 236 -25.50 20.86 -14.73
CA GLU B 236 -25.49 20.86 -14.75
C GLU B 236 -23.99 20.66 -14.83
C GLU B 236 -23.98 20.69 -14.80
N VAL B 237 -23.32 21.42 -15.70
CA VAL B 237 -21.88 21.35 -15.88
C VAL B 237 -21.33 22.76 -15.85
N PHE B 238 -20.38 23.02 -14.97
CA PHE B 238 -19.65 24.29 -14.95
C PHE B 238 -18.51 24.18 -15.96
N TYR B 239 -18.56 24.98 -17.00
CA TYR B 239 -17.58 24.86 -18.08
C TYR B 239 -16.18 25.22 -17.60
N VAL B 240 -15.19 24.49 -18.12
CA VAL B 240 -13.81 24.95 -18.18
C VAL B 240 -13.32 24.77 -19.60
N PRO B 241 -12.36 25.58 -20.08
CA PRO B 241 -11.77 25.31 -21.40
C PRO B 241 -11.39 23.84 -21.53
N ARG B 242 -11.62 23.26 -22.71
CA ARG B 242 -11.71 21.81 -22.80
C ARG B 242 -10.46 21.11 -22.27
N ASP B 243 -9.27 21.63 -22.59
CA ASP B 243 -8.08 20.89 -22.19
C ASP B 243 -7.74 21.07 -20.71
N GLU B 244 -8.46 21.93 -19.99
CA GLU B 244 -8.34 21.99 -18.54
C GLU B 244 -9.03 20.83 -17.84
N ASN B 245 -9.83 20.04 -18.58
CA ASN B 245 -10.53 18.91 -18.02
C ASN B 245 -9.92 17.61 -18.53
N LEU B 246 -8.71 17.23 -18.10
N LEU B 246 -8.97 17.22 -17.67
CA LEU B 246 -8.00 16.33 -19.04
CA LEU B 246 -8.19 16.01 -17.68
C LEU B 246 -8.50 14.86 -19.08
C LEU B 246 -9.08 14.82 -17.54
N GLY B 247 -9.11 14.34 -18.02
N GLY B 247 -9.11 14.00 -18.57
CA GLY B 247 -9.54 12.95 -17.98
CA GLY B 247 -9.57 12.66 -18.37
C GLY B 247 -8.53 12.04 -17.28
C GLY B 247 -8.61 12.01 -17.41
N HIS B 248 -8.91 10.77 -17.11
CA HIS B 248 -8.07 9.89 -16.30
C HIS B 248 -8.19 8.48 -16.83
N LEU B 249 -7.05 7.78 -16.89
CA LEU B 249 -7.07 6.39 -17.33
C LEU B 249 -7.87 5.53 -16.36
N LYS B 250 -7.72 5.78 -15.06
CA LYS B 250 -8.45 5.07 -14.02
C LYS B 250 -9.48 6.01 -13.40
N SER B 251 -10.73 5.54 -13.30
CA SER B 251 -11.78 6.40 -12.77
C SER B 251 -11.56 6.75 -11.30
N LYS B 252 -10.84 5.91 -10.56
CA LYS B 252 -10.57 6.24 -9.17
C LYS B 252 -9.66 7.46 -9.03
N ASP B 253 -9.01 7.89 -10.11
CA ASP B 253 -8.16 9.07 -10.08
C ASP B 253 -8.92 10.35 -10.37
N ALA B 254 -10.21 10.28 -10.68
CA ALA B 254 -11.02 11.47 -10.89
C ALA B 254 -11.51 12.03 -9.56
N LEU B 255 -10.57 12.26 -8.63
CA LEU B 255 -10.92 12.72 -7.29
C LEU B 255 -11.75 13.99 -7.34
N GLU B 256 -11.48 14.88 -8.30
CA GLU B 256 -12.21 16.14 -8.39
C GLU B 256 -13.71 15.92 -8.52
N ILE B 257 -14.13 14.79 -9.10
CA ILE B 257 -15.54 14.52 -9.26
C ILE B 257 -16.20 14.04 -7.96
N GLY B 258 -15.43 13.51 -7.01
CA GLY B 258 -16.02 12.98 -5.80
C GLY B 258 -16.71 14.03 -4.96
N THR B 259 -16.18 15.25 -4.95
CA THR B 259 -16.85 16.30 -4.21
C THR B 259 -18.27 16.51 -4.73
N LYS B 260 -18.47 16.35 -6.03
CA LYS B 260 -19.80 16.51 -6.61
C LYS B 260 -20.72 15.37 -6.19
N SER B 261 -20.24 14.14 -6.28
CA SER B 261 -21.03 13.00 -5.82
C SER B 261 -21.31 13.08 -4.33
N LEU B 262 -20.34 13.56 -3.54
CA LEU B 262 -20.55 13.68 -2.11
C LEU B 262 -21.73 14.58 -1.80
N SER B 263 -21.79 15.74 -2.46
CA SER B 263 -22.83 16.70 -2.16
C SER B 263 -24.18 16.24 -2.71
N GLN B 264 -24.20 15.71 -3.92
CA GLN B 264 -25.46 15.46 -4.62
C GLN B 264 -26.06 14.10 -4.31
N ILE B 265 -25.26 13.10 -3.94
CA ILE B 265 -25.74 11.73 -3.76
C ILE B 265 -25.48 11.23 -2.34
N VAL B 266 -24.22 11.31 -1.87
CA VAL B 266 -23.87 10.72 -0.58
C VAL B 266 -24.50 11.51 0.57
N GLN B 267 -24.38 12.83 0.53
CA GLN B 267 -24.95 13.62 1.62
C GLN B 267 -26.43 13.33 1.81
N PRO B 268 -27.29 13.41 0.78
CA PRO B 268 -28.72 13.11 1.02
C PRO B 268 -28.96 11.70 1.54
N ALA B 269 -28.14 10.73 1.14
CA ALA B 269 -28.27 9.39 1.71
C ALA B 269 -27.94 9.38 3.21
N PHE B 270 -26.88 10.08 3.62
CA PHE B 270 -26.56 10.19 5.04
C PHE B 270 -27.71 10.84 5.81
N GLU B 271 -28.23 11.95 5.28
CA GLU B 271 -29.31 12.67 5.96
C GLU B 271 -30.51 11.75 6.19
N SER B 272 -30.88 10.97 5.18
CA SER B 272 -32.04 10.10 5.32
C SER B 272 -31.84 9.10 6.47
N ALA B 273 -30.60 8.71 6.73
CA ALA B 273 -30.35 7.80 7.85
C ALA B 273 -30.60 8.48 9.19
N PHE B 274 -30.32 9.78 9.28
CA PHE B 274 -30.53 10.48 10.54
C PHE B 274 -31.99 10.88 10.71
N ASP B 275 -32.65 11.30 9.63
CA ASP B 275 -34.06 11.66 9.73
C ASP B 275 -34.93 10.46 10.10
N LEU B 276 -34.58 9.28 9.58
CA LEU B 276 -35.28 8.04 9.93
C LEU B 276 -34.85 7.50 11.28
N LYS B 277 -33.91 8.15 11.96
CA LYS B 277 -33.53 7.75 13.31
C LYS B 277 -33.00 6.32 13.30
N SER B 278 -32.23 5.98 12.26
CA SER B 278 -31.61 4.67 12.15
C SER B 278 -30.29 4.59 12.91
N THR B 279 -29.71 5.74 13.24
CA THR B 279 -28.46 5.85 13.99
C THR B 279 -28.65 6.98 14.97
N PRO B 280 -27.99 6.91 16.13
CA PRO B 280 -28.06 8.04 17.07
C PRO B 280 -27.59 9.33 16.42
N ILE B 281 -28.32 10.41 16.72
CA ILE B 281 -28.05 11.71 16.11
C ILE B 281 -26.71 12.29 16.53
N GLU B 282 -26.30 12.02 17.78
CA GLU B 282 -25.12 12.65 18.36
C GLU B 282 -24.11 11.61 18.83
N PHE B 283 -22.83 11.98 18.78
CA PHE B 283 -21.80 11.27 19.53
C PHE B 283 -22.06 11.49 21.02
N HIS B 284 -21.83 10.45 21.82
CA HIS B 284 -22.02 10.55 23.26
C HIS B 284 -20.73 10.39 24.05
N SER B 285 -19.70 9.80 23.46
CA SER B 285 -18.40 9.65 24.09
C SER B 285 -17.33 9.75 23.00
N PHE B 286 -16.09 9.95 23.43
CA PHE B 286 -14.99 9.94 22.47
C PHE B 286 -14.88 8.59 21.75
N GLN B 287 -15.24 7.50 22.43
CA GLN B 287 -15.17 6.19 21.80
C GLN B 287 -16.14 6.08 20.62
N ASP B 288 -17.29 6.74 20.70
CA ASP B 288 -18.21 6.77 19.56
C ASP B 288 -17.52 7.29 18.31
N VAL B 289 -16.58 8.23 18.48
CA VAL B 289 -15.85 8.78 17.34
C VAL B 289 -14.74 7.82 16.91
N HIS B 290 -14.01 7.27 17.88
CA HIS B 290 -12.97 6.28 17.55
C HIS B 290 -13.56 5.10 16.80
N ASP B 291 -14.80 4.72 17.13
CA ASP B 291 -15.44 3.58 16.46
C ASP B 291 -15.47 3.76 14.95
N LEU B 292 -15.45 5.00 14.47
CA LEU B 292 -15.59 5.23 13.03
C LEU B 292 -14.47 4.58 12.24
N TYR B 293 -13.27 4.46 12.81
CA TYR B 293 -12.18 3.83 12.08
C TYR B 293 -11.79 2.48 12.67
N GLU B 294 -12.48 2.02 13.72
CA GLU B 294 -12.20 0.72 14.32
C GLU B 294 -13.21 -0.30 13.84
N GLY B 295 -14.37 -0.38 14.50
CA GLY B 295 -15.41 -1.29 14.06
C GLY B 295 -16.32 -0.71 13.00
N GLY B 296 -16.29 0.61 12.84
CA GLY B 296 -17.13 1.28 11.86
C GLY B 296 -18.49 1.65 12.40
N ILE B 297 -19.30 2.21 11.50
CA ILE B 297 -20.65 2.64 11.81
C ILE B 297 -21.63 1.78 11.02
N LYS B 298 -22.72 1.39 11.67
CA LYS B 298 -23.76 0.62 11.01
C LYS B 298 -24.81 1.55 10.44
N LEU B 299 -25.13 1.37 9.17
CA LEU B 299 -26.09 2.19 8.45
C LEU B 299 -27.05 1.28 7.70
N PRO B 300 -28.23 1.79 7.33
CA PRO B 300 -29.19 0.95 6.59
C PRO B 300 -28.65 0.47 5.25
N ARG B 301 -29.19 -0.67 4.81
CA ARG B 301 -28.78 -1.29 3.54
C ARG B 301 -28.85 -0.30 2.39
N ASP B 302 -29.93 0.49 2.31
N ASP B 302 -29.94 0.47 2.31
CA ASP B 302 -30.15 1.37 1.17
CA ASP B 302 -30.12 1.36 1.16
C ASP B 302 -29.27 2.60 1.18
C ASP B 302 -29.04 2.43 1.10
N VAL B 303 -28.54 2.87 2.26
CA VAL B 303 -27.51 3.91 2.26
C VAL B 303 -26.18 3.36 1.78
N ILE B 304 -25.77 2.19 2.30
CA ILE B 304 -24.58 1.52 1.81
C ILE B 304 -24.70 1.27 0.31
N SER B 305 -25.87 0.82 -0.14
CA SER B 305 -26.06 0.49 -1.56
C SER B 305 -25.84 1.70 -2.45
N THR B 306 -26.16 2.90 -1.95
CA THR B 306 -25.98 4.12 -2.74
C THR B 306 -24.50 4.47 -2.88
N ILE B 307 -23.68 4.09 -1.92
CA ILE B 307 -22.27 4.48 -1.84
C ILE B 307 -21.38 3.51 -2.60
N ILE B 308 -21.60 2.22 -2.37
CA ILE B 308 -20.79 1.12 -2.87
C ILE B 308 -20.42 1.26 -4.35
N PRO B 309 -21.32 1.71 -5.22
CA PRO B 309 -21.00 1.68 -6.66
C PRO B 309 -20.38 2.94 -7.23
N LEU B 310 -20.25 4.02 -6.46
CA LEU B 310 -19.82 5.30 -7.00
C LEU B 310 -18.30 5.34 -7.14
N PRO B 311 -17.77 5.71 -8.31
CA PRO B 311 -16.32 5.90 -8.41
C PRO B 311 -15.84 6.95 -7.42
N VAL B 312 -14.61 6.76 -6.94
CA VAL B 312 -13.95 7.64 -5.98
C VAL B 312 -14.57 7.48 -4.59
N ILE B 313 -15.88 7.66 -4.48
CA ILE B 313 -16.53 7.56 -3.17
C ILE B 313 -16.28 6.19 -2.56
N LYS B 314 -16.37 5.14 -3.37
CA LYS B 314 -16.24 3.79 -2.87
C LYS B 314 -14.84 3.50 -2.32
N GLU B 315 -13.83 4.29 -2.71
CA GLU B 315 -12.48 4.11 -2.19
C GLU B 315 -12.30 4.69 -0.80
N LEU B 316 -13.25 5.53 -0.35
CA LEU B 316 -13.12 6.26 0.89
C LEU B 316 -13.38 5.42 2.13
N TYR B 317 -14.09 4.31 1.97
CA TYR B 317 -14.51 3.50 3.09
C TYR B 317 -14.24 2.03 2.84
N ARG B 318 -13.98 1.31 3.92
CA ARG B 318 -14.12 -0.13 3.95
C ARG B 318 -15.54 -0.47 4.36
N THR B 319 -16.14 -1.42 3.65
CA THR B 319 -17.50 -1.84 3.92
C THR B 319 -17.58 -3.34 3.77
N ASP B 320 -18.63 -3.92 4.36
CA ASP B 320 -18.97 -5.30 4.11
C ASP B 320 -20.03 -5.44 3.02
N GLY B 321 -20.35 -4.34 2.34
CA GLY B 321 -21.35 -4.35 1.29
C GLY B 321 -22.78 -4.27 1.76
N GLN B 322 -23.03 -4.29 3.07
CA GLN B 322 -24.40 -4.40 3.56
C GLN B 322 -24.79 -3.42 4.66
N HIS B 323 -23.99 -3.30 5.72
N HIS B 323 -23.98 -3.32 5.74
CA HIS B 323 -24.36 -2.37 6.79
CA HIS B 323 -24.30 -2.46 6.87
C HIS B 323 -23.21 -1.61 7.46
C HIS B 323 -23.20 -1.48 7.26
N ILE B 324 -21.94 -1.87 7.14
CA ILE B 324 -20.84 -1.23 7.87
C ILE B 324 -20.11 -0.30 6.91
N LEU B 325 -19.84 0.92 7.37
CA LEU B 325 -18.88 1.83 6.76
C LEU B 325 -17.76 2.10 7.77
N LYS B 326 -16.52 2.06 7.30
CA LYS B 326 -15.35 2.16 8.17
C LYS B 326 -14.38 3.14 7.53
N PHE B 327 -14.02 4.19 8.28
CA PHE B 327 -13.05 5.16 7.81
C PHE B 327 -11.63 4.67 8.09
N PRO B 328 -10.66 5.13 7.31
CA PRO B 328 -9.26 4.82 7.62
C PRO B 328 -8.82 5.52 8.90
N GLN B 329 -7.90 4.90 9.60
CA GLN B 329 -7.41 5.46 10.85
C GLN B 329 -6.55 6.69 10.57
N PRO B 330 -6.87 7.86 11.12
CA PRO B 330 -6.05 9.06 10.84
C PRO B 330 -4.68 9.00 11.49
N HIS B 331 -3.68 9.56 10.81
CA HIS B 331 -2.30 9.51 11.31
C HIS B 331 -2.17 10.01 12.74
N VAL B 332 -2.96 11.02 13.11
CA VAL B 332 -2.75 11.70 14.39
C VAL B 332 -3.00 10.79 15.59
N VAL B 333 -3.73 9.69 15.41
CA VAL B 333 -3.99 8.74 16.48
C VAL B 333 -3.36 7.38 16.20
N GLN B 334 -2.48 7.28 15.20
CA GLN B 334 -1.93 5.97 14.88
C GLN B 334 -1.00 5.46 15.99
N VAL B 335 -0.37 6.34 16.74
CA VAL B 335 0.55 5.95 17.80
C VAL B 335 -0.07 6.14 19.17
N SER B 336 -0.63 7.33 19.43
CA SER B 336 -1.28 7.65 20.70
C SER B 336 -2.68 8.17 20.44
N GLN B 337 -3.66 7.58 21.13
CA GLN B 337 -5.05 7.97 20.94
C GLN B 337 -5.39 9.29 21.61
N SER B 338 -4.63 9.68 22.63
CA SER B 338 -4.96 10.84 23.45
C SER B 338 -3.96 11.99 23.30
N ALA B 339 -2.89 11.80 22.53
CA ALA B 339 -1.85 12.84 22.47
C ALA B 339 -2.40 14.16 21.95
N TRP B 340 -3.46 14.12 21.13
CA TRP B 340 -4.00 15.34 20.55
C TRP B 340 -4.50 16.31 21.63
N MET B 341 -4.91 15.76 22.78
CA MET B 341 -5.41 16.57 23.89
C MET B 341 -4.34 17.35 24.62
N THR B 342 -3.05 17.08 24.37
CA THR B 342 -1.99 17.73 25.13
C THR B 342 -1.78 19.17 24.66
N ASP B 343 -1.43 20.04 25.61
CA ASP B 343 -1.06 21.40 25.24
C ASP B 343 0.11 21.40 24.26
N GLU B 344 0.98 20.40 24.37
CA GLU B 344 2.18 20.35 23.53
C GLU B 344 1.80 20.17 22.07
N GLU B 345 0.88 19.26 21.78
CA GLU B 345 0.47 19.01 20.40
C GLU B 345 -0.35 20.17 19.85
N PHE B 346 -1.24 20.73 20.68
CA PHE B 346 -1.99 21.92 20.29
C PHE B 346 -1.07 23.02 19.77
N ALA B 347 -0.01 23.33 20.53
CA ALA B 347 0.93 24.36 20.07
C ALA B 347 1.76 23.85 18.88
N ARG B 348 2.16 22.58 18.91
CA ARG B 348 3.05 22.08 17.86
C ARG B 348 2.38 22.17 16.49
N GLU B 349 1.07 21.91 16.44
CA GLU B 349 0.39 21.91 15.15
C GLU B 349 0.27 23.31 14.56
N MET B 350 0.61 24.36 15.32
CA MET B 350 0.64 25.69 14.73
C MET B 350 1.87 25.93 13.88
N ILE B 351 2.92 25.10 14.01
CA ILE B 351 4.12 25.21 13.18
C ILE B 351 4.38 23.94 12.38
N ALA B 352 3.65 22.85 12.65
CA ALA B 352 3.85 21.60 11.94
C ALA B 352 2.54 20.88 11.63
N GLY B 353 1.39 21.55 11.72
CA GLY B 353 0.12 20.95 11.43
C GLY B 353 -0.42 21.30 10.06
N VAL B 354 -1.74 21.20 9.93
CA VAL B 354 -2.44 21.44 8.68
C VAL B 354 -2.35 22.90 8.25
N ASN B 355 -2.18 23.80 9.22
CA ASN B 355 -2.26 25.25 8.98
C ASN B 355 -1.10 25.94 9.68
N PRO B 356 0.13 25.77 9.16
CA PRO B 356 1.31 26.17 9.94
C PRO B 356 1.85 27.55 9.65
N CYS B 357 1.01 28.45 9.14
CA CYS B 357 1.51 29.70 8.58
C CYS B 357 0.75 30.93 9.06
N VAL B 358 0.09 30.85 10.22
CA VAL B 358 -0.65 31.99 10.75
C VAL B 358 0.01 32.58 11.99
N ILE B 359 0.72 31.78 12.79
CA ILE B 359 1.31 32.26 14.02
C ILE B 359 2.24 33.44 13.78
N ARG B 360 2.26 34.36 14.75
CA ARG B 360 3.00 35.60 14.64
C ARG B 360 3.84 35.86 15.88
N GLY B 361 4.98 36.49 15.67
CA GLY B 361 5.75 36.98 16.79
C GLY B 361 5.06 38.16 17.45
N LEU B 362 5.27 38.30 18.75
CA LEU B 362 4.68 39.37 19.54
C LEU B 362 5.82 40.24 20.03
N GLU B 363 5.78 41.53 19.69
CA GLU B 363 6.83 42.47 20.06
C GLU B 363 6.39 43.46 21.13
N GLU B 364 5.10 43.56 21.41
CA GLU B 364 4.58 44.42 22.45
C GLU B 364 3.53 43.64 23.22
N PHE B 365 3.29 44.06 24.47
CA PHE B 365 2.28 43.41 25.28
C PHE B 365 1.53 44.45 26.10
N PRO B 366 0.19 44.37 26.16
N PRO B 366 0.20 44.36 26.16
CA PRO B 366 -0.64 43.32 25.53
CA PRO B 366 -0.64 43.32 25.53
C PRO B 366 -0.87 43.54 24.04
C PRO B 366 -0.87 43.54 24.04
N PRO B 367 -1.42 42.53 23.36
CA PRO B 367 -1.77 42.71 21.95
C PRO B 367 -2.85 43.76 21.78
N LYS B 368 -2.78 44.48 20.67
CA LYS B 368 -3.74 45.51 20.33
C LYS B 368 -4.60 45.06 19.15
N SER B 369 -5.77 45.69 19.04
CA SER B 369 -6.70 45.49 17.93
C SER B 369 -6.65 46.69 17.02
N ASN B 370 -6.89 46.46 15.73
CA ASN B 370 -7.01 47.54 14.77
C ASN B 370 -8.46 47.87 14.46
N LEU B 371 -9.41 47.30 15.19
CA LEU B 371 -10.81 47.53 14.95
C LEU B 371 -11.23 48.91 15.46
N ASP B 372 -12.07 49.59 14.68
CA ASP B 372 -12.56 50.91 15.01
C ASP B 372 -13.32 50.90 16.34
N PRO B 373 -12.77 51.53 17.39
CA PRO B 373 -13.47 51.52 18.68
C PRO B 373 -14.80 52.24 18.66
N ALA B 374 -15.02 53.14 17.69
CA ALA B 374 -16.32 53.77 17.57
C ALA B 374 -17.41 52.75 17.32
N ILE B 375 -17.07 51.63 16.69
CA ILE B 375 -18.03 50.58 16.37
C ILE B 375 -17.97 49.43 17.37
N TYR B 376 -16.76 48.98 17.72
CA TYR B 376 -16.57 47.76 18.50
C TYR B 376 -16.30 48.03 19.98
N GLY B 377 -15.96 49.26 20.35
CA GLY B 377 -15.54 49.54 21.70
C GLY B 377 -14.06 49.29 21.87
N ASP B 378 -13.64 49.26 23.13
CA ASP B 378 -12.26 48.93 23.44
C ASP B 378 -12.04 47.44 23.15
N GLN B 379 -11.18 47.15 22.18
CA GLN B 379 -10.86 45.77 21.82
C GLN B 379 -9.49 45.35 22.33
N SER B 380 -8.86 46.19 23.17
CA SER B 380 -7.55 45.87 23.73
C SER B 380 -7.65 44.61 24.58
N SER B 381 -6.56 43.86 24.60
CA SER B 381 -6.58 42.55 25.24
C SER B 381 -6.67 42.67 26.75
N LYS B 382 -7.47 41.79 27.35
CA LYS B 382 -7.63 41.71 28.78
C LYS B 382 -6.63 40.77 29.45
N ILE B 383 -5.72 40.17 28.69
CA ILE B 383 -4.70 39.33 29.28
C ILE B 383 -3.69 40.20 30.02
N THR B 384 -3.44 39.88 31.28
CA THR B 384 -2.44 40.58 32.09
C THR B 384 -1.14 39.79 32.10
N ALA B 385 -0.03 40.51 32.00
CA ALA B 385 1.28 39.85 32.01
C ALA B 385 1.46 38.97 33.24
N ASP B 386 1.02 39.46 34.40
CA ASP B 386 1.31 38.78 35.66
C ASP B 386 0.56 37.47 35.81
N SER B 387 -0.39 37.18 34.93
CA SER B 387 -1.15 35.95 35.00
C SER B 387 -0.48 34.79 34.27
N LEU B 388 0.60 35.05 33.52
CA LEU B 388 1.21 34.06 32.67
C LEU B 388 2.37 33.37 33.40
N ASP B 389 2.48 32.07 33.17
CA ASP B 389 3.60 31.28 33.66
C ASP B 389 4.58 31.11 32.50
N LEU B 390 5.60 31.97 32.45
CA LEU B 390 6.59 31.94 31.37
C LEU B 390 7.86 31.21 31.78
N ASP B 391 7.73 30.17 32.61
CA ASP B 391 8.87 29.36 33.01
C ASP B 391 9.95 30.18 33.70
N GLY B 392 9.54 31.16 34.49
CA GLY B 392 10.46 31.98 35.26
C GLY B 392 10.88 33.27 34.61
N TYR B 393 10.73 33.41 33.29
CA TYR B 393 11.04 34.67 32.64
C TYR B 393 10.03 35.74 33.08
N THR B 394 10.47 36.99 33.03
CA THR B 394 9.54 38.11 33.08
C THR B 394 9.05 38.41 31.66
N MET B 395 7.97 39.19 31.59
CA MET B 395 7.45 39.59 30.28
C MET B 395 8.49 40.37 29.48
N ASP B 396 9.21 41.27 30.13
N ASP B 396 9.23 41.26 30.13
CA ASP B 396 10.21 42.06 29.40
CA ASP B 396 10.21 42.06 29.40
C ASP B 396 11.31 41.17 28.85
C ASP B 396 11.34 41.18 28.86
N GLU B 397 11.76 40.18 29.64
CA GLU B 397 12.78 39.26 29.15
C GLU B 397 12.25 38.43 27.99
N ALA B 398 10.99 38.00 28.08
CA ALA B 398 10.42 37.16 27.04
C ALA B 398 10.22 37.96 25.75
N LEU B 399 9.66 39.17 25.86
CA LEU B 399 9.57 40.03 24.69
C LEU B 399 10.94 40.32 24.11
N GLY B 400 11.92 40.62 24.97
CA GLY B 400 13.22 41.03 24.48
C GLY B 400 13.96 39.93 23.76
N SER B 401 13.83 38.70 24.25
N SER B 401 13.84 38.69 24.25
CA SER B 401 14.48 37.55 23.63
CA SER B 401 14.48 37.55 23.64
C SER B 401 13.66 36.93 22.51
C SER B 401 13.68 36.94 22.49
N ARG B 402 12.59 37.60 22.07
CA ARG B 402 11.74 37.12 20.97
C ARG B 402 11.24 35.69 21.22
N ARG B 403 10.66 35.48 22.40
CA ARG B 403 10.13 34.18 22.78
C ARG B 403 8.61 34.17 22.91
N LEU B 404 7.95 35.29 22.64
CA LEU B 404 6.49 35.38 22.72
C LEU B 404 5.90 35.41 21.32
N PHE B 405 4.85 34.60 21.12
CA PHE B 405 4.19 34.43 19.85
C PHE B 405 2.69 34.38 20.10
N MET B 406 1.91 34.55 19.05
N MET B 406 1.91 34.51 19.02
CA MET B 406 0.47 34.49 19.24
CA MET B 406 0.47 34.66 19.14
C MET B 406 -0.22 34.00 17.98
C MET B 406 -0.23 34.05 17.94
N LEU B 407 -1.36 33.39 18.18
CA LEU B 407 -2.30 33.00 17.13
C LEU B 407 -3.49 33.93 17.32
N ASP B 408 -3.61 34.91 16.43
CA ASP B 408 -4.50 36.06 16.63
C ASP B 408 -5.61 36.01 15.59
N TYR B 409 -6.80 35.63 16.03
CA TYR B 409 -7.98 35.61 15.17
C TYR B 409 -9.01 36.64 15.60
N HIS B 410 -8.60 37.60 16.43
CA HIS B 410 -9.55 38.53 17.02
C HIS B 410 -10.14 39.47 15.99
N ASP B 411 -9.28 40.24 15.30
CA ASP B 411 -9.78 41.20 14.33
C ASP B 411 -10.41 40.51 13.13
N ILE B 412 -9.98 39.29 12.81
CA ILE B 412 -10.55 38.59 11.67
C ILE B 412 -11.98 38.18 11.94
N PHE B 413 -12.26 37.65 13.13
CA PHE B 413 -13.57 37.07 13.39
C PHE B 413 -14.56 38.04 14.02
N MET B 414 -14.07 39.03 14.78
CA MET B 414 -14.99 39.89 15.52
C MET B 414 -16.03 40.55 14.64
N PRO B 415 -15.72 41.01 13.42
CA PRO B 415 -16.77 41.60 12.58
C PRO B 415 -17.84 40.63 12.12
N TYR B 416 -17.66 39.32 12.32
CA TYR B 416 -18.65 38.35 11.89
C TYR B 416 -19.29 37.58 13.04
N VAL B 417 -18.84 37.79 14.27
CA VAL B 417 -19.31 36.96 15.38
C VAL B 417 -20.81 37.18 15.65
N ARG B 418 -21.26 38.43 15.63
CA ARG B 418 -22.69 38.67 15.89
C ARG B 418 -23.55 37.94 14.88
N GLN B 419 -23.22 38.06 13.58
CA GLN B 419 -23.99 37.38 12.55
C GLN B 419 -23.93 35.87 12.69
N ILE B 420 -22.74 35.33 12.99
CA ILE B 420 -22.59 33.89 13.11
C ILE B 420 -23.41 33.38 14.29
N ASN B 421 -23.37 34.08 15.42
CA ASN B 421 -24.06 33.59 16.61
C ASN B 421 -25.57 33.71 16.51
N GLN B 422 -26.11 34.44 15.53
CA GLN B 422 -27.55 34.43 15.30
C GLN B 422 -28.02 33.17 14.58
N LEU B 423 -27.14 32.46 13.87
CA LEU B 423 -27.53 31.18 13.29
C LEU B 423 -27.91 30.20 14.39
N ASN B 424 -28.86 29.31 14.08
CA ASN B 424 -29.31 28.36 15.09
C ASN B 424 -28.25 27.30 15.39
N SER B 425 -27.43 26.95 14.41
CA SER B 425 -26.48 25.87 14.53
C SER B 425 -25.13 26.28 15.12
N ALA B 426 -24.90 27.57 15.37
CA ALA B 426 -23.54 28.04 15.56
C ALA B 426 -23.41 29.04 16.70
N LYS B 427 -22.33 28.89 17.47
CA LYS B 427 -21.89 29.89 18.44
C LYS B 427 -20.37 29.89 18.45
N THR B 428 -19.76 31.07 18.37
CA THR B 428 -18.31 31.14 18.36
C THR B 428 -17.83 32.34 19.16
N TYR B 429 -16.54 32.29 19.50
CA TYR B 429 -15.79 33.42 20.02
C TYR B 429 -14.78 33.87 18.99
N ALA B 430 -14.32 35.11 19.13
CA ALA B 430 -13.11 35.60 18.47
C ALA B 430 -11.94 35.36 19.42
N THR B 431 -10.92 34.62 18.97
CA THR B 431 -9.90 34.15 19.90
C THR B 431 -8.52 34.74 19.64
N ARG B 432 -7.75 34.84 20.74
CA ARG B 432 -6.32 35.04 20.71
C ARG B 432 -5.66 33.97 21.59
N THR B 433 -4.55 33.42 21.13
CA THR B 433 -3.76 32.47 21.91
C THR B 433 -2.35 33.02 22.03
N ILE B 434 -1.85 33.11 23.27
CA ILE B 434 -0.49 33.53 23.53
C ILE B 434 0.37 32.27 23.72
N LEU B 435 1.53 32.25 23.08
CA LEU B 435 2.45 31.12 23.15
C LEU B 435 3.84 31.58 23.53
N PHE B 436 4.53 30.73 24.28
CA PHE B 436 5.86 31.00 24.81
C PHE B 436 6.82 29.94 24.29
N LEU B 437 7.94 30.38 23.73
CA LEU B 437 8.97 29.48 23.22
C LEU B 437 9.86 29.06 24.37
N ARG B 438 9.74 27.79 24.78
CA ARG B 438 10.49 27.28 25.92
C ARG B 438 11.98 27.13 25.56
N GLU B 439 12.80 26.94 26.59
CA GLU B 439 14.23 26.81 26.36
C GLU B 439 14.56 25.55 25.58
N ASP B 440 13.72 24.52 25.66
CA ASP B 440 13.93 23.31 24.88
C ASP B 440 13.43 23.44 23.43
N GLY B 441 13.02 24.63 23.01
CA GLY B 441 12.66 24.89 21.63
C GLY B 441 11.23 24.59 21.22
N THR B 442 10.39 24.14 22.14
CA THR B 442 8.98 23.86 21.86
C THR B 442 8.11 25.01 22.38
N LEU B 443 6.93 25.10 21.79
CA LEU B 443 5.98 26.15 22.15
C LEU B 443 5.05 25.69 23.26
N LYS B 444 4.72 26.62 24.16
CA LYS B 444 3.86 26.38 25.30
C LYS B 444 2.69 27.36 25.22
N PRO B 445 1.44 26.89 25.12
CA PRO B 445 0.32 27.82 25.23
C PRO B 445 0.17 28.29 26.68
N VAL B 446 0.07 29.60 26.88
CA VAL B 446 0.01 30.16 28.23
C VAL B 446 -1.28 30.93 28.52
N ALA B 447 -2.07 31.28 27.51
CA ALA B 447 -3.35 31.92 27.76
C ALA B 447 -4.19 31.90 26.48
N ILE B 448 -5.51 31.88 26.65
CA ILE B 448 -6.46 32.01 25.56
C ILE B 448 -7.49 33.07 25.97
N GLU B 449 -7.73 34.03 25.08
CA GLU B 449 -8.71 35.07 25.27
C GLU B 449 -9.90 34.81 24.34
N LEU B 450 -11.10 34.72 24.92
CA LEU B 450 -12.32 34.45 24.18
C LEU B 450 -13.18 35.72 24.22
N SER B 451 -13.36 36.35 23.06
CA SER B 451 -14.02 37.63 22.99
C SER B 451 -15.34 37.54 22.23
N LEU B 452 -16.32 38.30 22.70
CA LEU B 452 -17.57 38.56 22.02
C LEU B 452 -17.71 40.07 21.84
N PRO B 453 -18.57 40.51 20.94
CA PRO B 453 -18.82 41.95 20.78
C PRO B 453 -19.97 42.43 21.66
N HIS B 454 -19.93 43.72 21.97
CA HIS B 454 -21.11 44.41 22.49
C HIS B 454 -20.92 45.93 22.38
N ALA B 462 -16.47 45.24 24.41
CA ALA B 462 -16.60 43.81 24.17
C ALA B 462 -16.48 42.99 25.45
N VAL B 463 -17.08 41.80 25.44
CA VAL B 463 -17.04 40.87 26.57
C VAL B 463 -15.86 39.94 26.38
N SER B 464 -15.00 39.87 27.38
CA SER B 464 -13.80 39.05 27.31
C SER B 464 -13.76 38.07 28.47
N GLN B 465 -13.29 36.87 28.17
CA GLN B 465 -12.97 35.87 29.18
C GLN B 465 -11.59 35.35 28.85
N VAL B 466 -10.69 35.40 29.83
CA VAL B 466 -9.35 34.87 29.71
C VAL B 466 -9.30 33.52 30.42
N VAL B 467 -8.77 32.52 29.73
CA VAL B 467 -8.68 31.15 30.24
C VAL B 467 -7.21 30.78 30.32
N LEU B 468 -6.78 30.25 31.46
CA LEU B 468 -5.40 29.85 31.67
C LEU B 468 -5.31 28.33 31.71
N PRO B 469 -4.16 27.77 31.36
CA PRO B 469 -4.03 26.31 31.37
C PRO B 469 -4.29 25.73 32.74
N ALA B 470 -4.96 24.58 32.76
CA ALA B 470 -5.16 23.79 33.97
C ALA B 470 -5.28 22.33 33.58
N LYS B 471 -4.73 21.45 34.42
CA LYS B 471 -4.82 20.01 34.22
C LYS B 471 -5.79 19.32 35.14
N GLU B 472 -6.17 19.95 36.25
CA GLU B 472 -7.08 19.36 37.21
C GLU B 472 -8.38 20.16 37.25
N GLY B 473 -9.45 19.46 37.60
CA GLY B 473 -10.70 20.11 37.94
C GLY B 473 -11.51 20.56 36.75
N VAL B 474 -12.64 21.19 37.06
CA VAL B 474 -13.46 21.74 35.99
C VAL B 474 -12.68 22.78 35.18
N GLU B 475 -11.72 23.46 35.81
CA GLU B 475 -10.91 24.42 35.07
C GLU B 475 -10.18 23.77 33.91
N SER B 476 -9.79 22.50 34.06
CA SER B 476 -9.12 21.81 32.96
C SER B 476 -10.09 21.52 31.83
N THR B 477 -11.38 21.32 32.12
CA THR B 477 -12.34 21.13 31.05
C THR B 477 -12.63 22.45 30.35
N ILE B 478 -12.68 23.54 31.11
CA ILE B 478 -12.84 24.86 30.49
C ILE B 478 -11.67 25.16 29.57
N TRP B 479 -10.46 24.81 29.99
CA TRP B 479 -9.30 25.03 29.13
C TRP B 479 -9.39 24.17 27.87
N LEU B 480 -9.81 22.92 28.01
CA LEU B 480 -9.96 22.05 26.84
C LEU B 480 -10.97 22.62 25.85
N LEU B 481 -12.08 23.14 26.35
CA LEU B 481 -13.05 23.76 25.44
C LEU B 481 -12.48 25.04 24.83
N ALA B 482 -11.74 25.81 25.62
CA ALA B 482 -11.09 27.01 25.09
C ALA B 482 -10.22 26.67 23.89
N LYS B 483 -9.46 25.58 23.98
CA LYS B 483 -8.65 25.18 22.83
C LYS B 483 -9.53 24.82 21.64
N ALA B 484 -10.66 24.16 21.89
CA ALA B 484 -11.57 23.82 20.79
C ALA B 484 -12.07 25.08 20.09
N TYR B 485 -12.42 26.13 20.86
CA TYR B 485 -12.88 27.35 20.21
C TYR B 485 -11.79 27.95 19.33
N VAL B 486 -10.54 27.93 19.81
CA VAL B 486 -9.43 28.44 19.01
CA VAL B 486 -9.43 28.44 19.01
C VAL B 486 -9.32 27.66 17.70
C VAL B 486 -9.32 27.66 17.70
N ILE B 487 -9.37 26.33 17.79
CA ILE B 487 -9.20 25.51 16.60
C ILE B 487 -10.40 25.62 15.67
N VAL B 488 -11.60 25.91 16.17
CA VAL B 488 -12.69 26.20 15.26
C VAL B 488 -12.38 27.45 14.45
N ASN B 489 -11.86 28.49 15.12
CA ASN B 489 -11.36 29.66 14.41
C ASN B 489 -10.32 29.25 13.37
N ASP B 490 -9.35 28.42 13.79
CA ASP B 490 -8.23 28.07 12.92
C ASP B 490 -8.68 27.21 11.74
N SER B 491 -9.58 26.24 11.98
CA SER B 491 -10.08 25.39 10.90
C SER B 491 -10.78 26.22 9.83
N CYS B 492 -11.59 27.19 10.26
CA CYS B 492 -12.27 28.06 9.32
C CYS B 492 -11.27 28.90 8.54
N TYR B 493 -10.31 29.49 9.25
CA TYR B 493 -9.29 30.29 8.57
C TYR B 493 -8.46 29.44 7.63
N HIS B 494 -8.11 28.22 8.06
CA HIS B 494 -7.35 27.34 7.20
C HIS B 494 -8.09 27.03 5.91
N GLN B 495 -9.35 26.57 6.03
CA GLN B 495 -10.05 26.09 4.84
C GLN B 495 -10.33 27.24 3.88
N LEU B 496 -10.79 28.38 4.39
CA LEU B 496 -11.25 29.45 3.52
C LEU B 496 -10.13 30.38 3.06
N MET B 497 -9.14 30.62 3.92
N MET B 497 -9.15 30.63 3.92
CA MET B 497 -8.09 31.59 3.64
CA MET B 497 -8.10 31.59 3.59
C MET B 497 -6.79 30.93 3.24
C MET B 497 -6.79 30.91 3.21
N SER B 498 -6.16 30.19 4.16
CA SER B 498 -4.88 29.56 3.85
C SER B 498 -4.97 28.66 2.63
N HIS B 499 -6.08 27.94 2.52
CA HIS B 499 -6.26 26.96 1.47
C HIS B 499 -7.03 27.53 0.30
N TRP B 500 -8.34 27.76 0.48
CA TRP B 500 -9.16 28.18 -0.66
C TRP B 500 -8.62 29.48 -1.26
N LEU B 501 -8.55 30.55 -0.46
CA LEU B 501 -8.22 31.86 -1.04
C LEU B 501 -6.78 31.91 -1.55
N ASN B 502 -5.82 31.58 -0.69
CA ASN B 502 -4.41 31.83 -1.01
C ASN B 502 -3.83 30.91 -2.07
N THR B 503 -4.44 29.75 -2.34
CA THR B 503 -3.94 28.88 -3.38
C THR B 503 -4.94 28.79 -4.53
N HIS B 504 -6.04 28.06 -4.35
CA HIS B 504 -7.03 27.87 -5.41
C HIS B 504 -7.47 29.17 -6.07
N ALA B 505 -8.01 30.09 -5.28
CA ALA B 505 -8.65 31.28 -5.84
C ALA B 505 -7.61 32.27 -6.35
N ALA B 506 -6.51 32.43 -5.62
CA ALA B 506 -5.49 33.39 -6.04
C ALA B 506 -4.80 32.99 -7.33
N MET B 507 -4.71 31.69 -7.60
CA MET B 507 -3.94 31.20 -8.75
C MET B 507 -4.73 31.23 -10.05
N GLU B 508 -6.04 31.06 -9.99
CA GLU B 508 -6.81 30.92 -11.22
C GLU B 508 -6.66 32.10 -12.18
N PRO B 509 -6.66 33.36 -11.72
CA PRO B 509 -6.45 34.47 -12.67
C PRO B 509 -5.15 34.35 -13.45
N PHE B 510 -4.09 33.82 -12.82
CA PHE B 510 -2.82 33.69 -13.55
C PHE B 510 -2.91 32.61 -14.62
N VAL B 511 -3.68 31.55 -14.36
CA VAL B 511 -3.90 30.52 -15.37
C VAL B 511 -4.58 31.13 -16.60
N ILE B 512 -5.66 31.88 -16.36
CA ILE B 512 -6.41 32.47 -17.46
C ILE B 512 -5.53 33.42 -18.26
N ALA B 513 -4.81 34.31 -17.57
CA ALA B 513 -3.97 35.28 -18.25
C ALA B 513 -2.88 34.59 -19.06
N THR B 514 -2.33 33.50 -18.54
CA THR B 514 -1.26 32.81 -19.25
C THR B 514 -1.74 32.30 -20.61
N HIS B 515 -2.90 31.64 -20.65
CA HIS B 515 -3.35 31.09 -21.92
C HIS B 515 -3.83 32.18 -22.85
N ARG B 516 -4.29 33.31 -22.31
CA ARG B 516 -4.77 34.39 -23.15
C ARG B 516 -3.64 35.13 -23.86
N HIS B 517 -2.44 35.17 -23.27
CA HIS B 517 -1.45 36.12 -23.73
C HIS B 517 -0.06 35.56 -23.99
N LEU B 518 0.28 34.40 -23.45
CA LEU B 518 1.54 33.73 -23.77
C LEU B 518 1.26 32.58 -24.73
N SER B 519 1.89 32.62 -25.89
CA SER B 519 1.76 31.52 -26.85
C SER B 519 2.30 30.23 -26.23
N VAL B 520 1.80 29.11 -26.73
CA VAL B 520 2.37 27.80 -26.39
C VAL B 520 3.85 27.77 -26.73
N LEU B 521 4.26 28.64 -27.67
CA LEU B 521 5.65 28.74 -28.09
C LEU B 521 6.54 29.39 -27.03
N HIS B 522 5.94 30.13 -26.08
CA HIS B 522 6.64 31.09 -25.24
C HIS B 522 7.42 30.38 -24.13
N PRO B 523 8.67 30.80 -23.86
CA PRO B 523 9.44 30.11 -22.82
C PRO B 523 8.80 30.17 -21.45
N ILE B 524 8.09 31.27 -21.13
CA ILE B 524 7.46 31.38 -19.82
C ILE B 524 6.14 30.61 -19.76
N TYR B 525 5.45 30.44 -20.90
CA TYR B 525 4.33 29.51 -20.92
C TYR B 525 4.78 28.11 -20.59
N LYS B 526 5.93 27.70 -21.13
N LYS B 526 5.93 27.70 -21.13
CA LYS B 526 6.41 26.34 -20.87
CA LYS B 526 6.42 26.35 -20.88
C LYS B 526 6.88 26.18 -19.44
C LYS B 526 6.92 26.17 -19.45
N LEU B 527 7.39 27.26 -18.84
CA LEU B 527 7.85 27.18 -17.46
C LEU B 527 6.68 27.03 -16.50
N LEU B 528 5.60 27.76 -16.75
CA LEU B 528 4.55 27.91 -15.75
C LEU B 528 3.39 26.93 -15.89
N THR B 529 3.04 26.49 -17.11
CA THR B 529 1.77 25.79 -17.29
C THR B 529 1.72 24.43 -16.60
N PRO B 530 2.84 23.72 -16.41
CA PRO B 530 2.77 22.48 -15.61
C PRO B 530 2.24 22.71 -14.20
N HIS B 531 2.45 23.90 -13.64
CA HIS B 531 1.99 24.23 -12.28
C HIS B 531 0.55 24.70 -12.25
N TYR B 532 -0.16 24.59 -13.38
CA TYR B 532 -1.57 24.90 -13.47
C TYR B 532 -2.45 23.65 -13.60
N ARG B 533 -1.85 22.47 -13.70
CA ARG B 533 -2.58 21.27 -14.10
C ARG B 533 -3.75 21.00 -13.16
N ASN B 534 -4.96 20.96 -13.71
CA ASN B 534 -6.21 20.62 -13.04
C ASN B 534 -6.75 21.74 -12.14
N ASN B 535 -6.10 22.90 -12.07
CA ASN B 535 -6.50 23.98 -11.16
C ASN B 535 -7.87 24.55 -11.52
N MET B 536 -8.09 24.89 -12.80
CA MET B 536 -9.38 25.43 -13.21
C MET B 536 -10.49 24.41 -13.05
N ASN B 537 -10.19 23.14 -13.32
CA ASN B 537 -11.17 22.06 -13.21
C ASN B 537 -11.63 21.87 -11.77
N ILE B 538 -10.69 21.72 -10.83
CA ILE B 538 -11.12 21.54 -9.45
C ILE B 538 -11.81 22.79 -8.93
N ASN B 539 -11.42 23.97 -9.43
CA ASN B 539 -12.09 25.18 -8.95
C ASN B 539 -13.54 25.25 -9.43
N ALA B 540 -13.77 24.90 -10.70
CA ALA B 540 -15.13 24.93 -11.23
C ALA B 540 -16.02 23.94 -10.50
N LEU B 541 -15.49 22.74 -10.25
CA LEU B 541 -16.23 21.77 -9.46
C LEU B 541 -16.45 22.27 -8.03
N ALA B 542 -15.48 23.00 -7.46
CA ALA B 542 -15.69 23.55 -6.13
C ALA B 542 -16.77 24.63 -6.13
N ARG B 543 -16.79 25.49 -7.15
CA ARG B 543 -17.86 26.47 -7.22
C ARG B 543 -19.23 25.80 -7.33
N GLN B 544 -19.28 24.57 -7.85
CA GLN B 544 -20.55 23.90 -8.03
C GLN B 544 -21.00 23.13 -6.79
N SER B 545 -20.06 22.59 -6.01
CA SER B 545 -20.40 21.69 -4.92
C SER B 545 -19.70 21.97 -3.59
N LEU B 546 -18.63 22.76 -3.57
CA LEU B 546 -17.85 22.95 -2.36
C LEU B 546 -18.14 24.28 -1.67
N ILE B 547 -18.08 25.38 -2.40
CA ILE B 547 -18.24 26.71 -1.81
C ILE B 547 -19.54 27.37 -2.24
N ASN B 548 -20.48 26.61 -2.79
CA ASN B 548 -21.76 27.13 -3.22
C ASN B 548 -22.74 27.19 -2.05
N ALA B 549 -23.89 27.83 -2.31
CA ALA B 549 -24.93 27.91 -1.31
C ALA B 549 -25.44 26.51 -0.98
N ASN B 550 -25.39 26.15 0.30
CA ASN B 550 -25.76 24.83 0.81
C ASN B 550 -24.78 23.75 0.37
N GLY B 551 -23.59 24.14 -0.07
CA GLY B 551 -22.56 23.19 -0.45
C GLY B 551 -21.85 22.60 0.76
N ILE B 552 -20.76 21.90 0.48
CA ILE B 552 -20.11 21.11 1.51
C ILE B 552 -19.59 22.01 2.63
N ILE B 553 -18.91 23.11 2.27
N ILE B 553 -18.91 23.11 2.27
CA ILE B 553 -18.31 23.95 3.30
CA ILE B 553 -18.31 23.95 3.30
C ILE B 553 -19.38 24.63 4.14
C ILE B 553 -19.39 24.62 4.14
N GLU B 554 -20.40 25.20 3.49
CA GLU B 554 -21.45 25.89 4.24
C GLU B 554 -22.18 24.94 5.18
N THR B 555 -22.33 23.67 4.80
CA THR B 555 -23.07 22.76 5.65
C THR B 555 -22.21 22.10 6.72
N THR B 556 -20.88 22.22 6.67
CA THR B 556 -20.04 21.57 7.66
C THR B 556 -19.21 22.52 8.52
N PHE B 557 -18.97 23.75 8.09
CA PHE B 557 -18.09 24.65 8.82
C PHE B 557 -18.88 25.77 9.49
N LEU B 558 -18.28 26.32 10.54
CA LEU B 558 -18.97 27.24 11.44
C LEU B 558 -19.75 28.35 10.74
N PRO B 559 -19.18 29.11 9.80
CA PRO B 559 -19.82 30.35 9.36
C PRO B 559 -20.98 30.18 8.39
N SER B 560 -21.30 28.94 8.00
CA SER B 560 -22.47 28.66 7.16
C SER B 560 -22.44 29.65 5.98
N LYS B 561 -23.52 30.39 5.72
CA LYS B 561 -23.64 31.21 4.51
C LYS B 561 -22.65 32.37 4.46
N TYR B 562 -21.96 32.66 5.56
CA TYR B 562 -20.95 33.73 5.61
C TYR B 562 -19.55 33.27 5.25
N SER B 563 -19.36 31.96 5.05
CA SER B 563 -18.01 31.42 4.86
C SER B 563 -17.24 32.13 3.76
N VAL B 564 -17.80 32.16 2.54
CA VAL B 564 -16.99 32.65 1.43
C VAL B 564 -16.80 34.15 1.52
N GLU B 565 -17.81 34.90 1.94
CA GLU B 565 -17.62 36.34 2.01
C GLU B 565 -16.60 36.71 3.07
N MET B 566 -16.42 35.88 4.10
CA MET B 566 -15.31 36.12 5.03
C MET B 566 -13.97 36.10 4.30
N SER B 567 -13.81 35.25 3.28
CA SER B 567 -12.51 35.21 2.59
C SER B 567 -12.30 36.48 1.76
N SER B 568 -13.38 37.12 1.31
CA SER B 568 -13.25 38.40 0.62
C SER B 568 -12.70 39.46 1.54
N ALA B 569 -13.16 39.48 2.80
CA ALA B 569 -12.64 40.43 3.77
C ALA B 569 -11.14 40.28 3.93
N VAL B 570 -10.66 39.03 4.00
CA VAL B 570 -9.22 38.83 4.18
C VAL B 570 -8.49 39.17 2.89
N TYR B 571 -9.12 39.00 1.73
CA TYR B 571 -8.46 39.33 0.47
C TYR B 571 -8.12 40.82 0.39
N LYS B 572 -8.89 41.66 1.09
CA LYS B 572 -8.54 43.08 1.14
C LYS B 572 -7.08 43.30 1.53
N ASN B 573 -6.52 42.41 2.36
CA ASN B 573 -5.15 42.56 2.83
C ASN B 573 -4.18 41.60 2.15
N TRP B 574 -4.61 40.91 1.10
CA TRP B 574 -3.73 39.97 0.40
C TRP B 574 -2.70 40.75 -0.41
N VAL B 575 -1.43 40.34 -0.31
CA VAL B 575 -0.31 41.02 -0.95
C VAL B 575 0.51 39.98 -1.71
N PHE B 576 0.60 40.13 -3.02
CA PHE B 576 1.25 39.11 -3.86
C PHE B 576 2.68 38.84 -3.43
N THR B 577 3.48 39.89 -3.27
CA THR B 577 4.89 39.72 -2.94
C THR B 577 5.09 39.23 -1.51
N ASP B 578 4.08 39.33 -0.64
CA ASP B 578 4.19 38.73 0.68
C ASP B 578 3.88 37.25 0.68
N GLN B 579 3.55 36.66 -0.47
CA GLN B 579 3.37 35.21 -0.54
C GLN B 579 4.70 34.48 -0.72
N ALA B 580 5.76 35.19 -1.10
CA ALA B 580 7.10 34.60 -1.07
C ALA B 580 7.41 34.13 0.35
N LEU B 581 7.93 32.91 0.47
CA LEU B 581 8.14 32.35 1.80
C LEU B 581 9.00 33.25 2.69
N PRO B 582 10.18 33.72 2.28
CA PRO B 582 10.94 34.57 3.21
C PRO B 582 10.20 35.84 3.60
N ALA B 583 9.46 36.45 2.67
CA ALA B 583 8.72 37.66 3.00
C ALA B 583 7.62 37.35 4.01
N ASP B 584 6.94 36.21 3.85
CA ASP B 584 5.91 35.81 4.80
C ASP B 584 6.48 35.66 6.20
N LEU B 585 7.61 34.98 6.32
CA LEU B 585 8.20 34.75 7.64
C LEU B 585 8.56 36.06 8.31
N ILE B 586 9.11 37.00 7.55
CA ILE B 586 9.48 38.30 8.11
C ILE B 586 8.23 39.10 8.46
N LYS B 587 7.24 39.07 7.58
CA LYS B 587 6.01 39.81 7.85
C LYS B 587 5.34 39.35 9.14
N ARG B 588 5.39 38.05 9.41
CA ARG B 588 4.73 37.51 10.59
C ARG B 588 5.60 37.61 11.85
N GLY B 589 6.84 38.04 11.71
CA GLY B 589 7.70 38.19 12.86
C GLY B 589 8.21 36.88 13.42
N VAL B 590 8.28 35.83 12.61
CA VAL B 590 8.86 34.56 13.03
C VAL B 590 10.24 34.35 12.45
N ALA B 591 10.76 35.32 11.69
CA ALA B 591 12.10 35.29 11.16
C ALA B 591 12.60 36.73 11.06
N ILE B 592 13.91 36.88 10.96
CA ILE B 592 14.52 38.18 10.74
C ILE B 592 15.51 38.07 9.59
N LYS B 593 15.69 39.18 8.89
CA LYS B 593 16.63 39.23 7.77
C LYS B 593 18.05 39.10 8.29
N ASP B 594 18.84 38.24 7.63
CA ASP B 594 20.19 37.93 8.08
C ASP B 594 21.01 37.39 6.91
N PRO B 595 21.83 38.22 6.25
CA PRO B 595 22.59 37.74 5.08
C PRO B 595 23.67 36.72 5.42
N SER B 596 24.00 36.52 6.69
CA SER B 596 25.01 35.53 7.05
C SER B 596 24.47 34.10 6.97
N THR B 597 23.16 33.91 6.80
CA THR B 597 22.54 32.59 6.77
C THR B 597 22.38 32.09 5.34
N PRO B 598 22.26 30.78 5.14
CA PRO B 598 22.17 30.26 3.77
C PRO B 598 20.97 30.77 2.98
N HIS B 599 19.86 31.08 3.66
CA HIS B 599 18.64 31.48 2.98
C HIS B 599 18.28 32.94 3.16
N GLY B 600 19.14 33.72 3.83
CA GLY B 600 18.91 35.14 3.98
C GLY B 600 17.95 35.53 5.08
N VAL B 601 17.47 34.57 5.87
CA VAL B 601 16.63 34.84 7.02
C VAL B 601 17.05 33.90 8.13
N ARG B 602 16.94 34.37 9.36
CA ARG B 602 17.12 33.51 10.53
C ARG B 602 15.77 33.30 11.19
N LEU B 603 15.42 32.04 11.44
CA LEU B 603 14.17 31.70 12.09
C LEU B 603 14.27 31.97 13.59
N LEU B 604 13.26 32.67 14.12
CA LEU B 604 13.19 32.90 15.57
C LEU B 604 12.64 31.71 16.32
N ILE B 605 11.94 30.80 15.64
CA ILE B 605 11.65 29.45 16.13
C ILE B 605 12.54 28.55 15.29
N GLU B 606 13.66 28.10 15.87
N GLU B 606 13.69 28.16 15.88
CA GLU B 606 14.70 27.45 15.07
CA GLU B 606 14.71 27.45 15.14
C GLU B 606 14.19 26.18 14.40
C GLU B 606 14.18 26.17 14.52
N ASP B 607 13.33 25.42 15.07
N ASP B 607 13.36 25.45 15.27
CA ASP B 607 12.96 24.07 14.66
CA ASP B 607 12.83 24.14 14.86
C ASP B 607 11.70 24.06 13.81
C ASP B 607 11.40 24.25 14.34
N TYR B 608 11.07 25.27 13.63
CA TYR B 608 9.87 25.38 12.75
C TYR B 608 9.78 24.52 11.50
N PRO B 609 9.15 23.34 11.59
CA PRO B 609 9.26 22.40 10.47
C PRO B 609 8.75 22.93 9.14
N TYR B 610 7.56 23.53 9.09
CA TYR B 610 7.07 24.02 7.81
C TYR B 610 8.04 25.03 7.21
N ALA B 611 8.52 25.97 8.03
CA ALA B 611 9.40 27.01 7.53
C ALA B 611 10.78 26.46 7.16
N ALA B 612 11.34 25.60 8.01
CA ALA B 612 12.68 25.07 7.74
C ALA B 612 12.70 24.24 6.47
N ASP B 613 11.76 23.32 6.33
CA ASP B 613 11.68 22.51 5.11
C ASP B 613 11.28 23.36 3.91
N GLY B 614 10.31 24.26 4.11
CA GLY B 614 9.88 25.11 3.02
C GLY B 614 11.02 25.91 2.42
N LEU B 615 11.91 26.41 3.27
CA LEU B 615 13.01 27.21 2.76
C LEU B 615 13.93 26.42 1.84
N GLU B 616 14.07 25.11 2.09
CA GLU B 616 14.86 24.29 1.19
C GLU B 616 14.18 24.15 -0.16
N ILE B 617 12.87 23.92 -0.18
CA ILE B 617 12.16 23.80 -1.44
C ILE B 617 12.15 25.14 -2.17
N TRP B 618 11.91 26.22 -1.44
CA TRP B 618 11.93 27.55 -2.05
C TRP B 618 13.25 27.80 -2.75
N ALA B 619 14.36 27.47 -2.09
CA ALA B 619 15.67 27.72 -2.68
C ALA B 619 15.88 26.91 -3.95
N ALA B 620 15.36 25.68 -4.00
CA ALA B 620 15.56 24.87 -5.20
C ALA B 620 14.71 25.38 -6.36
N ILE B 621 13.49 25.86 -6.08
CA ILE B 621 12.69 26.46 -7.15
C ILE B 621 13.37 27.73 -7.66
N LYS B 622 13.93 28.53 -6.75
CA LYS B 622 14.62 29.74 -7.14
C LYS B 622 15.79 29.44 -8.08
N THR B 623 16.56 28.40 -7.76
CA THR B 623 17.70 28.08 -8.61
C THR B 623 17.24 27.70 -10.01
N TRP B 624 16.18 26.90 -10.09
CA TRP B 624 15.61 26.50 -11.38
C TRP B 624 15.16 27.73 -12.17
N VAL B 625 14.38 28.61 -11.55
CA VAL B 625 13.92 29.79 -12.29
C VAL B 625 15.09 30.67 -12.68
N GLN B 626 16.09 30.81 -11.81
CA GLN B 626 17.23 31.69 -12.11
C GLN B 626 18.13 31.13 -13.21
N GLU B 627 18.12 29.81 -13.40
N GLU B 627 18.14 29.81 -13.40
CA GLU B 627 18.88 29.19 -14.48
CA GLU B 627 18.89 29.25 -14.52
C GLU B 627 18.11 29.08 -15.79
C GLU B 627 18.09 29.29 -15.82
N TYR B 628 16.78 29.03 -15.74
CA TYR B 628 15.95 29.00 -16.95
C TYR B 628 15.74 30.38 -17.59
N VAL B 629 15.34 31.38 -16.81
CA VAL B 629 14.99 32.67 -17.41
C VAL B 629 16.13 33.22 -18.25
N PRO B 630 17.39 33.19 -17.83
CA PRO B 630 18.47 33.77 -18.66
C PRO B 630 18.73 33.04 -19.96
N LEU B 631 18.21 31.83 -20.14
CA LEU B 631 18.34 31.17 -21.43
C LEU B 631 17.60 31.92 -22.55
N TYR B 632 16.61 32.74 -22.19
CA TYR B 632 15.75 33.41 -23.16
C TYR B 632 15.75 34.92 -23.01
N TYR B 633 16.19 35.45 -21.86
CA TYR B 633 16.27 36.88 -21.61
C TYR B 633 17.66 37.20 -21.06
N ALA B 634 18.45 37.91 -21.86
CA ALA B 634 19.82 38.22 -21.49
C ALA B 634 19.96 39.51 -20.70
N ARG B 635 19.08 40.49 -20.94
CA ARG B 635 19.16 41.79 -20.30
C ARG B 635 17.77 42.27 -19.92
N ASP B 636 17.73 43.24 -19.01
CA ASP B 636 16.44 43.76 -18.57
C ASP B 636 15.60 44.27 -19.74
N ASP B 637 16.22 44.81 -20.78
CA ASP B 637 15.42 45.35 -21.88
C ASP B 637 14.73 44.25 -22.67
N ASP B 638 15.28 43.03 -22.66
CA ASP B 638 14.60 41.91 -23.31
C ASP B 638 13.27 41.62 -22.61
N VAL B 639 13.22 41.76 -21.29
CA VAL B 639 11.95 41.60 -20.57
C VAL B 639 10.98 42.71 -20.95
N LYS B 640 11.45 43.96 -20.94
CA LYS B 640 10.56 45.07 -21.25
C LYS B 640 9.96 44.94 -22.64
N ASN B 641 10.71 44.40 -23.59
CA ASN B 641 10.34 44.40 -25.00
C ASN B 641 9.56 43.18 -25.44
N ASP B 642 9.26 42.25 -24.54
CA ASP B 642 8.48 41.07 -24.85
C ASP B 642 7.01 41.44 -24.70
N SER B 643 6.33 41.62 -25.84
CA SER B 643 4.97 42.14 -25.81
C SER B 643 3.99 41.12 -25.25
N GLU B 644 4.25 39.83 -25.41
CA GLU B 644 3.35 38.85 -24.83
C GLU B 644 3.48 38.86 -23.31
N LEU B 645 4.71 38.90 -22.82
CA LEU B 645 4.93 38.97 -21.37
C LEU B 645 4.28 40.22 -20.79
N GLN B 646 4.46 41.37 -21.43
CA GLN B 646 3.95 42.62 -20.87
C GLN B 646 2.42 42.63 -20.83
N HIS B 647 1.77 42.17 -21.90
CA HIS B 647 0.30 42.10 -21.90
C HIS B 647 -0.20 41.06 -20.91
N TRP B 648 0.53 39.96 -20.75
CA TRP B 648 0.16 38.94 -19.78
C TRP B 648 0.08 39.51 -18.37
N TRP B 649 1.18 40.10 -17.91
CA TRP B 649 1.22 40.65 -16.56
C TRP B 649 0.23 41.79 -16.41
N LYS B 650 0.09 42.63 -17.44
CA LYS B 650 -0.86 43.73 -17.33
C LYS B 650 -2.27 43.19 -17.10
N GLU B 651 -2.67 42.18 -17.86
CA GLU B 651 -4.02 41.65 -17.71
C GLU B 651 -4.19 40.90 -16.41
N ALA B 652 -3.17 40.16 -15.98
CA ALA B 652 -3.27 39.40 -14.74
C ALA B 652 -3.54 40.33 -13.55
N VAL B 653 -2.87 41.47 -13.52
CA VAL B 653 -3.08 42.43 -12.45
C VAL B 653 -4.39 43.18 -12.63
N GLU B 654 -4.59 43.77 -13.82
CA GLU B 654 -5.66 44.74 -13.99
C GLU B 654 -7.03 44.10 -14.19
N LYS B 655 -7.08 42.86 -14.69
CA LYS B 655 -8.32 42.12 -14.79
C LYS B 655 -8.39 40.98 -13.78
N GLY B 656 -7.38 40.11 -13.74
CA GLY B 656 -7.47 38.91 -12.92
C GLY B 656 -7.54 39.20 -11.44
N HIS B 657 -6.69 40.12 -10.95
CA HIS B 657 -6.74 40.60 -9.58
C HIS B 657 -7.14 42.07 -9.57
N GLY B 658 -8.10 42.42 -10.42
CA GLY B 658 -8.37 43.82 -10.74
C GLY B 658 -8.90 44.66 -9.60
N ASP B 659 -9.57 44.02 -8.62
CA ASP B 659 -10.03 44.78 -7.46
C ASP B 659 -8.86 45.34 -6.66
N LEU B 660 -7.64 44.83 -6.89
CA LEU B 660 -6.45 45.31 -6.20
C LEU B 660 -5.43 45.94 -7.15
N LYS B 661 -5.86 46.33 -8.36
CA LYS B 661 -4.89 46.71 -9.38
C LYS B 661 -4.13 47.99 -9.04
N ASP B 662 -4.66 48.83 -8.15
CA ASP B 662 -4.05 50.11 -7.83
C ASP B 662 -3.02 50.03 -6.70
N LYS B 663 -2.89 48.88 -6.07
CA LYS B 663 -1.95 48.74 -4.97
C LYS B 663 -0.52 48.97 -5.45
N PRO B 664 0.34 49.54 -4.59
CA PRO B 664 1.69 49.90 -5.04
C PRO B 664 2.70 48.76 -5.06
N TRP B 665 2.39 47.60 -4.46
CA TRP B 665 3.38 46.54 -4.30
C TRP B 665 3.46 45.59 -5.49
N TRP B 666 2.60 45.74 -6.49
CA TRP B 666 2.67 44.86 -7.65
C TRP B 666 4.00 45.03 -8.38
N PRO B 667 4.81 43.98 -8.56
CA PRO B 667 6.02 44.13 -9.37
C PRO B 667 5.67 44.70 -10.74
N LYS B 668 6.63 45.40 -11.35
CA LYS B 668 6.38 46.07 -12.61
C LYS B 668 6.82 45.28 -13.83
N LEU B 669 7.74 44.32 -13.67
CA LEU B 669 8.17 43.45 -14.77
C LEU B 669 8.95 44.24 -15.82
N GLN B 670 9.92 45.01 -15.34
CA GLN B 670 10.82 45.77 -16.19
C GLN B 670 12.23 45.20 -16.19
N THR B 671 12.48 44.16 -15.40
CA THR B 671 13.82 43.67 -15.18
C THR B 671 13.82 42.14 -15.13
N LEU B 672 15.01 41.57 -15.34
CA LEU B 672 15.16 40.13 -15.14
C LEU B 672 14.78 39.74 -13.72
N GLU B 673 15.24 40.50 -12.74
N GLU B 673 15.16 40.56 -12.73
CA GLU B 673 15.00 40.16 -11.35
CA GLU B 673 14.79 40.28 -11.34
C GLU B 673 13.50 40.10 -11.05
C GLU B 673 13.28 40.17 -11.19
N ASP B 674 12.73 41.02 -11.63
N ASP B 674 12.55 41.16 -11.71
CA ASP B 674 11.28 41.00 -11.45
CA ASP B 674 11.10 41.15 -11.57
C ASP B 674 10.68 39.73 -12.03
C ASP B 674 10.51 39.86 -12.13
N LEU B 675 10.96 39.44 -13.31
CA LEU B 675 10.47 38.21 -13.93
C LEU B 675 10.78 36.96 -13.10
N VAL B 676 12.01 36.83 -12.62
CA VAL B 676 12.36 35.71 -11.76
C VAL B 676 11.44 35.66 -10.54
N GLU B 677 11.25 36.82 -9.89
CA GLU B 677 10.46 36.87 -8.66
C GLU B 677 9.01 36.47 -8.90
N VAL B 678 8.41 36.98 -9.97
CA VAL B 678 7.02 36.68 -10.26
C VAL B 678 6.84 35.20 -10.53
N CYS B 679 7.73 34.62 -11.36
CA CYS B 679 7.60 33.18 -11.66
C CYS B 679 7.85 32.33 -10.42
N LEU B 680 8.83 32.72 -9.60
CA LEU B 680 9.14 31.97 -8.39
C LEU B 680 7.94 31.93 -7.45
N ILE B 681 7.31 33.08 -7.21
CA ILE B 681 6.16 33.12 -6.30
C ILE B 681 5.01 32.27 -6.84
N ILE B 682 4.73 32.38 -8.14
CA ILE B 682 3.65 31.60 -8.73
C ILE B 682 3.88 30.12 -8.53
N ILE B 683 5.09 29.64 -8.82
CA ILE B 683 5.38 28.22 -8.70
C ILE B 683 5.30 27.77 -7.24
N TRP B 684 5.82 28.60 -6.33
CA TRP B 684 5.75 28.29 -4.90
C TRP B 684 4.31 28.09 -4.45
N ILE B 685 3.43 29.04 -4.77
CA ILE B 685 2.04 28.95 -4.34
C ILE B 685 1.41 27.65 -4.84
N ALA B 686 1.59 27.36 -6.13
CA ALA B 686 0.89 26.25 -6.77
C ALA B 686 1.40 24.90 -6.31
N SER B 687 2.65 24.82 -5.87
CA SER B 687 3.21 23.51 -5.59
C SER B 687 3.34 23.32 -4.08
N ALA B 688 4.38 23.91 -3.48
CA ALA B 688 4.72 23.60 -2.10
C ALA B 688 3.78 24.22 -1.09
N LEU B 689 3.38 25.47 -1.29
CA LEU B 689 2.45 26.08 -0.35
C LEU B 689 1.14 25.30 -0.30
N HIS B 690 0.56 25.04 -1.47
CA HIS B 690 -0.69 24.30 -1.51
C HIS B 690 -0.53 22.91 -0.91
N ALA B 691 0.56 22.23 -1.22
CA ALA B 691 0.77 20.90 -0.64
C ALA B 691 0.81 20.98 0.89
N ALA B 692 1.53 21.96 1.43
CA ALA B 692 1.73 21.99 2.87
C ALA B 692 0.43 22.24 3.64
N VAL B 693 -0.50 23.00 3.06
CA VAL B 693 -1.78 23.24 3.71
C VAL B 693 -2.86 22.26 3.28
N ASN B 694 -2.62 21.44 2.26
CA ASN B 694 -3.69 20.57 1.78
C ASN B 694 -3.57 19.12 2.21
N PHE B 695 -2.39 18.51 2.17
CA PHE B 695 -2.32 17.06 2.29
C PHE B 695 -2.23 16.57 3.72
N GLY B 696 -2.25 17.47 4.69
CA GLY B 696 -2.39 17.10 6.09
C GLY B 696 -3.81 17.12 6.61
N GLN B 697 -4.81 17.33 5.75
CA GLN B 697 -6.15 17.57 6.26
C GLN B 697 -6.72 16.34 6.93
N TYR B 698 -6.74 15.20 6.24
CA TYR B 698 -7.29 14.02 6.90
C TYR B 698 -6.30 13.51 7.93
N PRO B 699 -4.98 13.51 7.66
CA PRO B 699 -4.03 13.03 8.67
C PRO B 699 -4.18 13.68 10.04
N TYR B 700 -4.40 14.99 10.10
CA TYR B 700 -4.63 15.67 11.37
C TYR B 700 -6.09 15.85 11.71
N GLY B 701 -6.93 16.11 10.72
CA GLY B 701 -8.32 16.46 10.92
C GLY B 701 -9.30 15.31 10.79
N GLY B 702 -8.82 14.11 10.53
CA GLY B 702 -9.68 12.94 10.49
C GLY B 702 -10.21 12.51 11.82
N LEU B 703 -9.63 13.02 12.90
CA LEU B 703 -10.22 12.94 14.23
C LEU B 703 -10.85 14.30 14.51
N ILE B 704 -12.18 14.35 14.55
CA ILE B 704 -12.88 15.63 14.60
C ILE B 704 -12.55 16.38 15.88
N MET B 705 -12.27 15.67 16.97
CA MET B 705 -11.95 16.36 18.21
C MET B 705 -10.69 17.21 18.08
N ASN B 706 -9.75 16.78 17.22
CA ASN B 706 -8.49 17.50 17.06
C ASN B 706 -8.65 18.74 16.18
N ARG B 707 -9.48 18.66 15.14
CA ARG B 707 -9.72 19.79 14.24
C ARG B 707 -11.22 19.99 14.06
N PRO B 708 -11.91 20.46 15.09
CA PRO B 708 -13.35 20.73 14.94
C PRO B 708 -13.59 21.84 13.92
N THR B 709 -14.60 21.63 13.07
CA THR B 709 -14.95 22.57 12.02
C THR B 709 -16.00 23.58 12.46
N ALA B 710 -16.63 23.37 13.60
CA ALA B 710 -17.74 24.19 14.02
C ALA B 710 -17.85 24.10 15.53
N SER B 711 -18.33 25.18 16.15
CA SER B 711 -18.75 25.17 17.54
C SER B 711 -20.23 25.57 17.59
N ARG B 712 -20.94 24.99 18.56
CA ARG B 712 -22.40 25.05 18.60
C ARG B 712 -22.96 25.73 19.83
N ARG B 713 -22.10 26.09 20.79
CA ARG B 713 -22.57 26.71 22.01
C ARG B 713 -21.39 27.41 22.64
N LEU B 714 -21.69 28.45 23.41
CA LEU B 714 -20.69 29.15 24.18
C LEU B 714 -20.44 28.40 25.49
N LEU B 715 -19.52 28.93 26.29
CA LEU B 715 -19.19 28.28 27.55
C LEU B 715 -20.39 28.28 28.48
N PRO B 716 -20.66 27.18 29.16
CA PRO B 716 -21.78 27.17 30.12
C PRO B 716 -21.52 28.08 31.31
N GLU B 717 -22.61 28.67 31.82
CA GLU B 717 -22.59 29.54 32.98
C GLU B 717 -22.78 28.72 34.26
N LYS B 718 -22.12 29.16 35.33
CA LYS B 718 -22.24 28.50 36.62
C LYS B 718 -23.70 28.35 37.02
N GLY B 719 -24.05 27.16 37.53
CA GLY B 719 -25.36 26.90 38.07
C GLY B 719 -26.37 26.36 37.08
N THR B 720 -25.97 26.09 35.85
CA THR B 720 -26.85 25.48 34.87
C THR B 720 -26.59 23.99 34.78
N PRO B 721 -27.50 23.22 34.18
CA PRO B 721 -27.19 21.79 33.98
C PRO B 721 -26.00 21.58 33.06
N GLU B 722 -25.84 22.45 32.05
CA GLU B 722 -24.71 22.31 31.14
C GLU B 722 -23.39 22.41 31.91
N TYR B 723 -23.34 23.29 32.91
CA TYR B 723 -22.15 23.40 33.74
C TYR B 723 -21.95 22.13 34.57
N GLU B 724 -23.03 21.58 35.13
CA GLU B 724 -22.87 20.35 35.91
C GLU B 724 -22.40 19.21 35.01
N GLU B 725 -22.95 19.11 33.80
CA GLU B 725 -22.47 18.10 32.86
C GLU B 725 -20.98 18.26 32.61
N MET B 726 -20.53 19.49 32.40
CA MET B 726 -19.10 19.76 32.24
C MET B 726 -18.30 19.13 33.37
N ILE B 727 -18.81 19.21 34.60
CA ILE B 727 -18.11 18.66 35.76
C ILE B 727 -18.11 17.14 35.71
N ASN B 728 -19.25 16.55 35.35
CA ASN B 728 -19.44 15.11 35.48
C ASN B 728 -19.14 14.33 34.20
N ASN B 729 -19.06 14.99 33.06
CA ASN B 729 -18.86 14.28 31.80
C ASN B 729 -18.21 15.20 30.79
N HIS B 730 -16.89 15.37 30.87
CA HIS B 730 -16.21 16.32 30.00
C HIS B 730 -16.24 15.88 28.54
N GLU B 731 -16.31 14.58 28.28
CA GLU B 731 -16.39 14.13 26.88
C GLU B 731 -17.70 14.59 26.24
N LYS B 732 -18.82 14.45 26.95
CA LYS B 732 -20.09 14.92 26.40
C LYS B 732 -20.10 16.43 26.27
N ALA B 733 -19.54 17.15 27.24
CA ALA B 733 -19.48 18.61 27.13
C ALA B 733 -18.70 19.04 25.89
N TYR B 734 -17.65 18.31 25.55
CA TYR B 734 -16.83 18.65 24.40
C TYR B 734 -17.57 18.34 23.11
N LEU B 735 -18.15 17.15 23.00
CA LEU B 735 -18.89 16.75 21.81
C LEU B 735 -20.14 17.60 21.60
N ARG B 736 -20.74 18.10 22.69
CA ARG B 736 -21.89 18.98 22.54
C ARG B 736 -21.48 20.32 21.95
N THR B 737 -20.23 20.72 22.15
CA THR B 737 -19.73 22.01 21.70
C THR B 737 -19.25 21.99 20.27
N ILE B 738 -18.67 20.88 19.81
CA ILE B 738 -18.10 20.86 18.48
C ILE B 738 -19.05 20.25 17.46
N THR B 739 -18.54 20.11 16.24
CA THR B 739 -19.30 19.61 15.09
C THR B 739 -20.11 18.38 15.42
N SER B 740 -21.38 18.40 15.01
CA SER B 740 -22.29 17.31 15.22
C SER B 740 -21.95 16.12 14.32
N LYS B 741 -22.57 14.98 14.64
CA LYS B 741 -22.20 13.70 14.04
C LYS B 741 -22.45 13.67 12.53
N LEU B 742 -23.60 14.16 12.08
CA LEU B 742 -23.89 14.10 10.65
C LEU B 742 -22.93 14.97 9.85
N PRO B 743 -22.76 16.26 10.14
CA PRO B 743 -21.74 17.03 9.41
C PRO B 743 -20.33 16.52 9.60
N THR B 744 -20.03 15.86 10.73
CA THR B 744 -18.74 15.19 10.85
C THR B 744 -18.56 14.13 9.76
N LEU B 745 -19.56 13.27 9.56
CA LEU B 745 -19.42 12.22 8.54
C LEU B 745 -19.18 12.83 7.17
N ILE B 746 -19.87 13.92 6.85
CA ILE B 746 -19.71 14.55 5.55
C ILE B 746 -18.33 15.20 5.43
N SER B 747 -17.89 15.90 6.47
N SER B 747 -17.89 15.90 6.47
CA SER B 747 -16.61 16.61 6.36
CA SER B 747 -16.61 16.62 6.43
C SER B 747 -15.43 15.64 6.35
C SER B 747 -15.44 15.66 6.37
N LEU B 748 -15.50 14.57 7.15
CA LEU B 748 -14.44 13.57 7.09
C LEU B 748 -14.31 13.01 5.67
N SER B 749 -15.44 12.77 5.01
CA SER B 749 -15.44 12.23 3.65
C SER B 749 -14.79 13.21 2.68
N ALA B 750 -15.14 14.50 2.80
CA ALA B 750 -14.57 15.50 1.92
C ALA B 750 -13.05 15.60 2.11
N ILE B 751 -12.59 15.70 3.35
CA ILE B 751 -11.17 15.95 3.53
C ILE B 751 -10.34 14.71 3.23
N GLU B 752 -10.94 13.51 3.29
CA GLU B 752 -10.24 12.32 2.83
C GLU B 752 -10.00 12.39 1.33
N ILE B 753 -11.00 12.81 0.56
CA ILE B 753 -10.81 13.00 -0.88
C ILE B 753 -9.69 14.00 -1.13
N LEU B 754 -9.76 15.16 -0.46
CA LEU B 754 -8.81 16.24 -0.72
C LEU B 754 -7.40 15.87 -0.29
N SER B 755 -7.24 14.91 0.61
CA SER B 755 -5.93 14.53 1.11
C SER B 755 -5.29 13.40 0.32
N THR B 756 -5.93 12.96 -0.77
CA THR B 756 -5.50 11.78 -1.52
C THR B 756 -4.74 12.20 -2.78
N HIS B 757 -3.61 11.56 -3.03
CA HIS B 757 -2.87 11.73 -4.27
C HIS B 757 -3.42 10.78 -5.33
N ALA B 758 -3.86 11.33 -6.45
CA ALA B 758 -4.18 10.51 -7.62
C ALA B 758 -2.93 9.80 -8.11
N SER B 759 -3.12 8.65 -8.77
CA SER B 759 -1.98 7.91 -9.25
C SER B 759 -1.36 8.53 -10.50
N ASP B 760 -2.07 9.42 -11.20
CA ASP B 760 -1.50 10.12 -12.35
C ASP B 760 -1.03 11.52 -11.99
N GLU B 761 -0.77 11.79 -10.72
CA GLU B 761 -0.21 13.06 -10.31
C GLU B 761 1.17 13.27 -10.94
N VAL B 762 1.48 14.54 -11.21
CA VAL B 762 2.79 14.94 -11.73
C VAL B 762 3.43 15.81 -10.65
N TYR B 763 4.52 15.32 -10.08
CA TYR B 763 5.11 15.96 -8.91
C TYR B 763 6.20 16.95 -9.29
N LEU B 764 6.55 17.80 -8.33
CA LEU B 764 7.62 18.76 -8.53
C LEU B 764 8.87 18.04 -8.97
N GLY B 765 9.50 18.53 -10.03
CA GLY B 765 10.65 17.88 -10.63
C GLY B 765 10.32 16.97 -11.80
N GLN B 766 9.04 16.77 -12.07
CA GLN B 766 8.57 15.92 -13.16
C GLN B 766 7.79 16.75 -14.17
N ARG B 767 7.78 16.27 -15.42
CA ARG B 767 6.88 16.76 -16.46
C ARG B 767 6.24 15.56 -17.15
N ASP B 768 5.12 15.81 -17.84
CA ASP B 768 4.41 14.69 -18.45
C ASP B 768 5.01 14.23 -19.77
N ASN B 769 5.82 15.06 -20.44
CA ASN B 769 6.48 14.68 -21.70
C ASN B 769 7.91 15.18 -21.61
N PRO B 770 8.91 14.35 -21.92
CA PRO B 770 10.31 14.82 -21.89
C PRO B 770 10.72 15.66 -23.09
N HIS B 771 9.84 15.93 -24.04
CA HIS B 771 10.17 16.72 -25.23
C HIS B 771 9.42 18.05 -25.24
N TRP B 772 9.06 18.55 -24.05
CA TRP B 772 8.28 19.79 -23.97
C TRP B 772 9.02 20.95 -24.63
N THR B 773 10.34 20.89 -24.73
CA THR B 773 11.10 21.83 -25.55
C THR B 773 12.23 21.10 -26.27
N SER B 774 12.73 21.73 -27.34
CA SER B 774 13.90 21.24 -28.05
C SER B 774 15.20 21.83 -27.52
N ASP B 775 15.13 22.77 -26.58
CA ASP B 775 16.29 23.51 -26.10
C ASP B 775 17.01 22.66 -25.06
N SER B 776 18.14 22.06 -25.48
CA SER B 776 18.83 21.09 -24.63
C SER B 776 19.37 21.72 -23.35
N LYS B 777 19.64 23.03 -23.35
CA LYS B 777 20.11 23.67 -22.13
C LYS B 777 18.98 23.77 -21.10
N ALA B 778 17.74 23.99 -21.56
CA ALA B 778 16.61 24.01 -20.65
C ALA B 778 16.36 22.63 -20.04
N LEU B 779 16.49 21.59 -20.86
CA LEU B 779 16.29 20.23 -20.36
C LEU B 779 17.35 19.86 -19.35
N GLN B 780 18.58 20.36 -19.52
CA GLN B 780 19.64 20.07 -18.55
C GLN B 780 19.38 20.80 -17.24
N ALA B 781 18.97 22.06 -17.31
CA ALA B 781 18.66 22.78 -16.08
C ALA B 781 17.51 22.13 -15.35
N PHE B 782 16.54 21.57 -16.09
CA PHE B 782 15.40 20.92 -15.45
C PHE B 782 15.84 19.62 -14.77
N GLN B 783 16.73 18.86 -15.42
CA GLN B 783 17.27 17.65 -14.80
C GLN B 783 18.02 18.00 -13.52
N LYS B 784 18.79 19.09 -13.54
N LYS B 784 18.75 19.12 -13.51
CA LYS B 784 19.46 19.55 -12.33
CA LYS B 784 19.47 19.51 -12.30
C LYS B 784 18.46 19.81 -11.21
C LYS B 784 18.50 19.90 -11.19
N PHE B 785 17.37 20.51 -11.55
CA PHE B 785 16.34 20.83 -10.57
C PHE B 785 15.83 19.55 -9.92
N GLY B 786 15.54 18.54 -10.75
CA GLY B 786 15.06 17.28 -10.21
C GLY B 786 16.07 16.61 -9.29
N ASN B 787 17.36 16.67 -9.64
CA ASN B 787 18.37 16.05 -8.78
C ASN B 787 18.44 16.75 -7.43
N LYS B 788 18.32 18.09 -7.42
CA LYS B 788 18.38 18.82 -6.17
C LYS B 788 17.23 18.43 -5.25
N LEU B 789 16.07 18.13 -5.82
CA LEU B 789 14.91 17.75 -5.01
C LEU B 789 15.12 16.40 -4.35
N LYS B 790 15.78 15.46 -5.04
CA LYS B 790 16.10 14.19 -4.41
C LYS B 790 17.10 14.41 -3.27
N GLU B 791 18.06 15.32 -3.47
N GLU B 791 18.04 15.33 -3.44
CA GLU B 791 18.99 15.67 -2.39
CA GLU B 791 18.99 15.62 -2.37
C GLU B 791 18.26 16.26 -1.19
C GLU B 791 18.29 16.30 -1.18
N ILE B 792 17.27 17.12 -1.45
CA ILE B 792 16.56 17.77 -0.37
C ILE B 792 15.74 16.74 0.40
N GLU B 793 15.09 15.82 -0.31
CA GLU B 793 14.32 14.79 0.39
C GLU B 793 15.21 14.06 1.39
N GLU B 794 16.44 13.72 0.99
CA GLU B 794 17.33 12.99 1.89
C GLU B 794 17.67 13.83 3.12
N LYS B 795 17.83 15.15 2.93
CA LYS B 795 18.08 16.05 4.05
C LYS B 795 16.88 16.10 4.99
N LEU B 796 15.67 16.03 4.44
CA LEU B 796 14.47 16.11 5.29
C LEU B 796 14.29 14.82 6.09
N VAL B 797 14.57 13.67 5.46
CA VAL B 797 14.54 12.41 6.19
C VAL B 797 15.50 12.46 7.38
N ARG B 798 16.71 13.00 7.16
CA ARG B 798 17.65 13.09 8.27
C ARG B 798 17.11 13.99 9.38
N ARG B 799 16.48 15.10 8.99
CA ARG B 799 15.85 15.96 9.97
C ARG B 799 14.85 15.20 10.83
N ASN B 800 14.05 14.32 10.22
CA ASN B 800 13.02 13.63 10.97
C ASN B 800 13.58 12.52 11.85
N ASN B 801 14.78 12.02 11.57
CA ASN B 801 15.43 11.02 12.40
C ASN B 801 16.39 11.62 13.42
N ASP B 802 16.43 12.95 13.53
CA ASP B 802 17.32 13.64 14.46
C ASP B 802 16.66 13.78 15.82
N PRO B 803 17.12 13.07 16.86
CA PRO B 803 16.41 13.12 18.15
C PRO B 803 16.29 14.52 18.74
N SER B 804 17.22 15.43 18.46
CA SER B 804 17.12 16.77 19.01
C SER B 804 16.02 17.60 18.36
N LEU B 805 15.37 17.10 17.32
CA LEU B 805 14.28 17.80 16.64
C LEU B 805 12.93 17.11 16.82
N GLN B 806 12.88 16.04 17.62
N GLN B 806 12.85 16.05 17.61
CA GLN B 806 11.67 15.26 17.81
CA GLN B 806 11.60 15.30 17.68
C GLN B 806 10.53 16.12 18.34
C GLN B 806 10.50 16.05 18.42
N GLY B 807 10.85 16.98 19.30
CA GLY B 807 9.80 17.74 19.99
C GLY B 807 8.86 18.45 19.04
N ASN B 808 9.39 19.02 17.96
CA ASN B 808 8.57 19.74 17.01
C ASN B 808 8.33 18.99 15.72
N ARG B 809 9.24 18.13 15.28
CA ARG B 809 9.01 17.43 14.02
C ARG B 809 8.12 16.20 14.19
N LEU B 810 7.98 15.68 15.42
CA LEU B 810 7.16 14.49 15.65
C LEU B 810 6.09 14.72 16.70
N GLY B 811 6.47 15.35 17.81
CA GLY B 811 5.55 15.67 18.87
C GLY B 811 5.04 14.45 19.61
N PRO B 812 4.13 14.67 20.56
CA PRO B 812 3.55 13.55 21.32
C PRO B 812 2.77 12.59 20.45
N VAL B 813 2.30 13.02 19.28
N VAL B 813 2.30 13.02 19.28
CA VAL B 813 1.59 12.12 18.38
CA VAL B 813 1.59 12.13 18.38
C VAL B 813 2.53 11.23 17.58
C VAL B 813 2.53 11.24 17.58
N GLN B 814 3.84 11.47 17.69
CA GLN B 814 4.86 10.68 16.99
C GLN B 814 4.53 10.53 15.50
N LEU B 815 4.36 11.69 14.87
CA LEU B 815 3.99 11.77 13.45
C LEU B 815 5.05 12.58 12.73
N PRO B 816 6.04 11.95 12.11
CA PRO B 816 7.12 12.75 11.49
C PRO B 816 6.56 13.66 10.40
N TYR B 817 7.08 14.88 10.35
CA TYR B 817 6.60 15.89 9.42
C TYR B 817 7.16 15.60 8.03
N THR B 818 6.33 14.99 7.18
CA THR B 818 6.73 14.61 5.83
C THR B 818 5.99 15.38 4.75
N LEU B 819 5.26 16.42 5.11
CA LEU B 819 4.39 17.08 4.15
C LEU B 819 5.16 17.77 3.03
N LEU B 820 6.42 18.12 3.24
CA LEU B 820 7.22 18.75 2.19
C LEU B 820 8.30 17.84 1.62
N TYR B 821 8.23 16.54 1.90
CA TYR B 821 8.94 15.59 1.06
C TYR B 821 8.46 15.77 -0.37
N PRO B 822 9.35 15.95 -1.35
CA PRO B 822 8.89 16.22 -2.72
C PRO B 822 8.14 15.07 -3.37
N SER B 823 8.50 13.83 -3.08
CA SER B 823 7.94 12.70 -3.82
C SER B 823 6.97 11.92 -2.95
N SER B 824 6.14 11.13 -3.63
CA SER B 824 5.14 10.29 -2.97
C SER B 824 4.59 9.32 -3.99
N GLU B 825 4.11 8.19 -3.49
CA GLU B 825 3.29 7.32 -4.30
C GLU B 825 1.81 7.67 -4.09
N GLU B 826 0.95 6.91 -4.74
CA GLU B 826 -0.47 7.22 -4.72
C GLU B 826 -1.04 7.05 -3.31
N GLY B 827 -2.13 7.76 -3.06
CA GLY B 827 -2.93 7.52 -1.89
C GLY B 827 -2.84 8.64 -0.86
N LEU B 828 -3.16 8.27 0.37
CA LEU B 828 -3.27 9.23 1.48
C LEU B 828 -1.97 9.13 2.26
N THR B 829 -0.94 9.83 1.76
CA THR B 829 0.42 9.55 2.18
C THR B 829 1.02 10.57 3.13
N PHE B 830 0.43 11.76 3.25
CA PHE B 830 0.97 12.79 4.14
C PHE B 830 2.35 13.26 3.67
N ARG B 831 2.59 13.17 2.36
CA ARG B 831 3.85 13.58 1.76
C ARG B 831 3.63 13.80 0.26
N GLY B 832 4.60 14.47 -0.36
CA GLY B 832 4.61 14.63 -1.81
C GLY B 832 4.10 15.99 -2.25
N ILE B 833 4.86 16.67 -3.09
CA ILE B 833 4.54 18.03 -3.55
C ILE B 833 4.13 17.94 -5.02
N PRO B 834 2.85 18.07 -5.36
CA PRO B 834 2.48 18.14 -6.77
C PRO B 834 2.95 19.44 -7.40
N ASN B 835 3.01 19.42 -8.73
CA ASN B 835 3.37 20.62 -9.47
C ASN B 835 2.36 21.74 -9.26
N SER B 836 1.11 21.38 -8.99
CA SER B 836 -0.01 22.27 -9.22
C SER B 836 -1.04 22.08 -8.13
N ILE B 837 -1.99 23.01 -8.11
CA ILE B 837 -3.19 22.89 -7.28
C ILE B 837 -4.12 21.93 -8.00
N SER B 838 -3.91 20.64 -7.78
CA SER B 838 -4.61 19.60 -8.53
C SER B 838 -5.79 18.98 -7.77
N ILE B 839 -5.99 19.33 -6.51
CA ILE B 839 -7.11 18.78 -5.74
C ILE B 839 -7.41 19.73 -4.59
FE FE C . 2.89 -26.16 5.91
FE FE D . -6.61 22.15 -2.52
#